data_7JTY
#
_entry.id   7JTY
#
_cell.length_a   102.561
_cell.length_b   102.561
_cell.length_c   239.559
_cell.angle_alpha   90.000
_cell.angle_beta   90.000
_cell.angle_gamma   120.000
#
_symmetry.space_group_name_H-M   'P 32'
#
loop_
_entity.id
_entity.type
_entity.pdbx_description
1 polymer 'Alpha glucosidase 2 alpha neutral subunit'
2 polymer 'Glucosidase 2 subunit beta'
3 non-polymer (1S,2S,3R,4S,5S)-5-(butylamino)-1-(hydroxymethyl)cyclohexane-1,2,3,4-tetrol
4 non-polymer 'SULFATE ION'
5 non-polymer 1,2-ETHANEDIOL
6 non-polymer DI(HYDROXYETHYL)ETHER
7 non-polymer 'CALCIUM ION'
8 water water
#
loop_
_entity_poly.entity_id
_entity_poly.type
_entity_poly.pdbx_seq_one_letter_code
_entity_poly.pdbx_strand_id
1 'polypeptide(L)'
;MGILPSPGMPALLSLVSLLSVLLMGCVAETGVDRSNFKTCDESSFCKRQRSIRPGLSPYRALLDTLQLGPDALTVHLIHE
VTKVLLVLELQGLQKDMTRIRIDELEPRRPRYRVPDVLVADPPTARLSVSGRDDNSVELTVAEGPYKIILTAQPFRLDLL
EDRSLLLSVNARGLMAFEHQRAPRVPFSDKVSLALGSVWDKIKNLFSRQESKDPAEGNGAQPEATPGDGDKPEETQEKAE
KDEPGAWEETFKTHSDSKPYGPTSVGLDFSLPGMEHVYGIPEHADSLRLKVTEGGEPYRLYNLDVFQYELNNPMALYGSV
PVLLAHSFHRDLGIFWLNAAETWVDISSNTAGKTLFGKMLDYLQGSGETPQTDIRWMSESGIIDVFLMLGPSVFDVFRQY
ASLTGTQALPPLFSLGYHQSRWNYRDEADVLEVDQGFDDHNMPCDVIWLDIEHADGKRYFTWDPTRFPQPLNMLEHLASK
RRKLVAIVDPHIKVDSGYRVHEELRNHGLYVKTRDGSDYEGWCWPGSASYPDFTNPRMRAWWSNMFSFDNYEGSAPNLYV
WNDMNEPSVFNGPEVTMLKDAVHYGGWEHRDIHNIYGLYVHMATADGLIQRSGGIERPFVLSRAFFSGSQRFGAVWTGDN
TAEWDHLKISIPMCLSLALVGLSFCGADVGGFFKNPEPELLVRWYQMGAYQPFFRAHAHLDTGRREPWLLASQYQDAIRD
ALFQRYSLLPFWYTLFYQAHKEGFPVMRPLWVQYPEDMSTFSIEDQFMLGDALLIHPVSDAGAHGVQVYLPGQEEVWYDI
QSYQKHHGPQTLYLPVTLSSIPVFQRGGTIVPRWMRVRRSSDCMKDDPITLFVALSPQGTAQGELFLDDGHTFNYQTRHE
FLLRRFSFSGSTLVSSSADPKGHLETPIWIERVVIMGAGKPAAVVLQTKGSPESRLSFQHDPETSVLILRKPGVSVASDW
SIHLRSAWSHPQFEKLE
;
A,C
2 'polypeptide(L)'
;MGILPSPGMPALLSLVSLLSVLLMGCVAETGVEVKRPRGVSLSNHHFYEESKPFTCLDGTATIPFDQVNDDYCDCKDGSD
EPGTAACPNGSFHCTNTGYKPLYILSSRVNDGVCDCCDGTDEYNSGTVCENTCREKGRKEKESLQQLAEVTREGFRLKKI
LIEEWKTAREEKQSKLLELQAGKKSLEDQVETLRAAKEEAERPEKEAKDQHRKLWEEQQAAAKARREQERAASAFQELDD
NMDGMVSLAELQTHPELDTDGDGALSEEEAQALLSGDTQTDTTSFYDRVWAAIRDKYRSEVPPTDIPVPEETEPKEEKPP
VLPPTEEEEEEEEEPEEEEEEEEEEEEAPPPLQPPQPPSPTEDEKMPPYDEETQAIIDAAQEARSKFEEVERSLKEMEES
IRSLEQEISFDFGPSGEFAYLYSQCYELTTNEYVYRLCPFKLVSQKPKHGGSPTSLGTWGSWAGPDHDKFSAMKYEQGTG
CWQGPNRSTTVRLLCGKETVVTSTTEPSRCEYLMELMTPAACPEPPPEAPSDGDSAWLETKHHHHHH
;
B,D
#
loop_
_chem_comp.id
_chem_comp.type
_chem_comp.name
_chem_comp.formula
CA non-polymer 'CALCIUM ION' 'Ca 2'
EDO non-polymer 1,2-ETHANEDIOL 'C2 H6 O2'
PEG non-polymer DI(HYDROXYETHYL)ETHER 'C4 H10 O3'
SO4 non-polymer 'SULFATE ION' 'O4 S -2'
VND non-polymer (1S,2S,3R,4S,5S)-5-(butylamino)-1-(hydroxymethyl)cyclohexane-1,2,3,4-tetrol 'C11 H23 N O5'
#
# COMPACT_ATOMS: atom_id res chain seq x y z
N ASP A 33 -26.60 -5.71 1.45
CA ASP A 33 -27.12 -6.95 2.03
C ASP A 33 -27.89 -6.65 3.30
N ARG A 34 -29.21 -6.58 3.19
CA ARG A 34 -30.06 -6.13 4.28
C ARG A 34 -30.56 -7.25 5.17
N SER A 35 -30.50 -8.51 4.74
CA SER A 35 -30.84 -9.61 5.63
C SER A 35 -29.91 -9.67 6.84
N ASN A 36 -28.78 -8.96 6.77
CA ASN A 36 -27.87 -8.79 7.89
C ASN A 36 -28.52 -8.05 9.05
N PHE A 37 -29.49 -7.19 8.77
CA PHE A 37 -29.99 -6.22 9.74
C PHE A 37 -31.47 -6.44 9.99
N LYS A 38 -31.86 -6.46 11.27
CA LYS A 38 -33.23 -6.74 11.65
C LYS A 38 -34.16 -5.63 11.20
N THR A 39 -35.28 -6.02 10.61
CA THR A 39 -36.44 -5.15 10.56
C THR A 39 -37.09 -5.14 11.93
N CYS A 40 -38.05 -4.23 12.11
CA CYS A 40 -38.75 -4.15 13.39
C CYS A 40 -39.38 -5.49 13.74
N ASP A 41 -39.94 -6.17 12.74
CA ASP A 41 -40.54 -7.50 12.95
C ASP A 41 -39.52 -8.51 13.42
N GLU A 42 -38.26 -8.41 12.98
CA GLU A 42 -37.24 -9.36 13.41
C GLU A 42 -36.61 -8.98 14.75
N SER A 43 -36.95 -7.81 15.29
CA SER A 43 -36.55 -7.41 16.63
C SER A 43 -37.74 -7.71 17.53
N SER A 44 -37.56 -8.64 18.48
CA SER A 44 -38.71 -9.14 19.24
C SER A 44 -39.33 -8.06 20.11
N PHE A 45 -38.53 -7.17 20.69
CA PHE A 45 -39.13 -6.10 21.49
C PHE A 45 -39.82 -5.06 20.59
N CYS A 46 -39.25 -4.78 19.42
CA CYS A 46 -39.96 -3.88 18.50
C CYS A 46 -41.25 -4.52 18.01
N LYS A 47 -41.23 -5.83 17.74
CA LYS A 47 -42.45 -6.52 17.33
C LYS A 47 -43.51 -6.45 18.41
N ARG A 48 -43.13 -6.72 19.66
CA ARG A 48 -44.08 -6.64 20.77
C ARG A 48 -44.65 -5.23 20.92
N GLN A 49 -43.78 -4.23 21.05
CA GLN A 49 -44.23 -2.85 21.25
C GLN A 49 -45.08 -2.37 20.07
N ARG A 50 -44.61 -2.58 18.84
CA ARG A 50 -45.35 -2.05 17.70
C ARG A 50 -46.70 -2.72 17.50
N SER A 51 -46.90 -3.94 18.03
CA SER A 51 -48.21 -4.58 17.92
C SER A 51 -49.25 -3.90 18.81
N ILE A 52 -48.80 -3.17 19.84
CA ILE A 52 -49.74 -2.37 20.63
C ILE A 52 -50.15 -1.19 19.79
N ARG A 53 -51.45 -1.09 19.51
CA ARG A 53 -52.02 -0.11 18.61
C ARG A 53 -52.80 0.94 19.40
N PRO A 54 -53.05 2.11 18.82
CA PRO A 54 -53.72 3.19 19.58
C PRO A 54 -55.06 2.74 20.16
N GLY A 55 -55.21 2.94 21.46
CA GLY A 55 -56.43 2.55 22.14
C GLY A 55 -56.43 3.04 23.57
N LEU A 56 -57.34 2.47 24.35
CA LEU A 56 -57.51 2.85 25.74
C LEU A 56 -56.36 2.30 26.58
N SER A 57 -55.55 3.18 27.14
CA SER A 57 -54.38 2.72 27.87
C SER A 57 -54.82 2.03 29.17
N PRO A 58 -54.15 0.93 29.54
CA PRO A 58 -54.42 0.29 30.84
C PRO A 58 -53.72 0.94 32.03
N TYR A 59 -52.86 1.93 31.80
CA TYR A 59 -52.18 2.57 32.92
C TYR A 59 -53.10 3.62 33.54
N ARG A 60 -53.00 3.76 34.85
CA ARG A 60 -53.84 4.69 35.59
C ARG A 60 -53.01 5.23 36.75
N ALA A 61 -53.14 6.53 37.00
CA ALA A 61 -52.40 7.17 38.07
C ALA A 61 -53.20 7.07 39.36
N LEU A 62 -52.53 6.70 40.44
CA LEU A 62 -53.16 6.57 41.76
C LEU A 62 -52.98 7.89 42.50
N LEU A 63 -53.98 8.77 42.36
CA LEU A 63 -53.84 10.12 42.89
C LEU A 63 -53.69 10.16 44.40
N ASP A 64 -54.05 9.07 45.11
CA ASP A 64 -53.78 8.97 46.55
C ASP A 64 -52.30 8.88 46.87
N THR A 65 -51.46 8.49 45.91
CA THR A 65 -50.02 8.33 46.13
C THR A 65 -49.22 9.57 45.79
N LEU A 66 -49.88 10.61 45.31
CA LEU A 66 -49.19 11.80 44.83
C LEU A 66 -48.39 12.44 45.96
N GLN A 67 -47.13 12.76 45.68
CA GLN A 67 -46.31 13.52 46.60
C GLN A 67 -45.69 14.67 45.83
N LEU A 68 -45.79 15.87 46.38
CA LEU A 68 -45.21 17.04 45.75
C LEU A 68 -43.93 17.30 46.53
N GLY A 69 -42.81 17.30 45.84
CA GLY A 69 -41.53 17.28 46.49
C GLY A 69 -40.74 18.53 46.20
N PRO A 70 -39.52 18.57 46.71
CA PRO A 70 -38.67 19.76 46.46
C PRO A 70 -38.37 19.99 44.98
N ASP A 71 -38.05 18.94 44.22
CA ASP A 71 -37.67 19.05 42.83
C ASP A 71 -38.66 18.41 41.88
N ALA A 72 -39.62 17.63 42.37
CA ALA A 72 -40.45 16.83 41.49
C ALA A 72 -41.78 16.47 42.14
N LEU A 73 -42.70 16.06 41.29
CA LEU A 73 -43.92 15.37 41.69
C LEU A 73 -43.75 13.90 41.39
N THR A 74 -43.99 13.06 42.39
CA THR A 74 -44.02 11.62 42.20
C THR A 74 -45.44 11.13 42.41
N VAL A 75 -45.85 10.17 41.58
CA VAL A 75 -47.16 9.55 41.70
C VAL A 75 -47.03 8.13 41.18
N HIS A 76 -47.71 7.20 41.85
CA HIS A 76 -47.67 5.81 41.43
C HIS A 76 -48.58 5.61 40.23
N LEU A 77 -48.12 4.80 39.29
CA LEU A 77 -48.95 4.36 38.17
C LEU A 77 -49.17 2.86 38.32
N ILE A 78 -50.32 2.39 37.86
CA ILE A 78 -50.63 0.96 37.92
C ILE A 78 -51.16 0.51 36.56
N HIS A 79 -50.75 -0.68 36.15
CA HIS A 79 -51.32 -1.34 34.98
C HIS A 79 -52.59 -2.04 35.45
N GLU A 80 -53.73 -1.71 34.83
CA GLU A 80 -55.01 -2.18 35.36
C GLU A 80 -55.12 -3.69 35.33
N VAL A 81 -54.59 -4.33 34.28
CA VAL A 81 -54.69 -5.78 34.15
C VAL A 81 -53.63 -6.48 34.98
N THR A 82 -52.36 -6.17 34.75
CA THR A 82 -51.28 -6.91 35.40
C THR A 82 -51.01 -6.44 36.82
N LYS A 83 -51.53 -5.29 37.23
CA LYS A 83 -51.29 -4.74 38.57
C LYS A 83 -49.83 -4.40 38.83
N VAL A 84 -49.01 -4.27 37.79
CA VAL A 84 -47.66 -3.77 37.95
C VAL A 84 -47.71 -2.31 38.38
N LEU A 85 -46.88 -1.94 39.34
CA LEU A 85 -46.81 -0.58 39.87
C LEU A 85 -45.55 0.13 39.39
N LEU A 86 -45.73 1.31 38.80
CA LEU A 86 -44.65 2.17 38.35
C LEU A 86 -44.69 3.50 39.11
N VAL A 87 -43.56 4.21 39.11
CA VAL A 87 -43.47 5.55 39.69
C VAL A 87 -43.16 6.57 38.60
N LEU A 88 -44.00 7.59 38.49
CA LEU A 88 -43.79 8.69 37.56
C LEU A 88 -43.15 9.84 38.34
N GLU A 89 -42.00 10.29 37.87
CA GLU A 89 -41.32 11.45 38.42
C GLU A 89 -41.44 12.57 37.39
N LEU A 90 -42.18 13.61 37.73
CA LEU A 90 -42.48 14.70 36.83
C LEU A 90 -41.84 15.98 37.39
N GLN A 91 -41.15 16.72 36.53
CA GLN A 91 -40.36 17.87 36.96
C GLN A 91 -40.56 19.01 35.98
N GLY A 92 -40.84 20.19 36.50
CA GLY A 92 -40.69 21.40 35.73
C GLY A 92 -39.23 21.84 35.88
N LEU A 93 -38.64 22.31 34.79
CA LEU A 93 -37.25 22.71 34.80
C LEU A 93 -37.13 24.18 34.42
N GLN A 94 -36.07 24.82 34.94
CA GLN A 94 -35.69 26.13 34.45
C GLN A 94 -35.48 26.07 32.94
N LYS A 95 -35.77 27.16 32.27
CA LYS A 95 -35.70 27.35 30.79
C LYS A 95 -36.85 26.64 30.10
N ASP A 96 -38.01 26.63 30.72
CA ASP A 96 -39.24 26.11 30.07
C ASP A 96 -39.07 24.70 29.51
N MET A 97 -38.67 23.79 30.37
CA MET A 97 -38.56 22.37 30.00
C MET A 97 -39.29 21.54 31.05
N THR A 98 -39.74 20.38 30.63
CA THR A 98 -40.35 19.38 31.49
C THR A 98 -39.61 18.08 31.30
N ARG A 99 -39.33 17.39 32.40
CA ARG A 99 -38.71 16.07 32.36
C ARG A 99 -39.69 15.05 32.94
N ILE A 100 -39.89 13.96 32.21
CA ILE A 100 -40.75 12.85 32.61
C ILE A 100 -39.88 11.61 32.75
N ARG A 101 -39.83 11.05 33.95
CA ARG A 101 -39.15 9.79 34.20
C ARG A 101 -40.13 8.78 34.79
N ILE A 102 -40.06 7.54 34.31
CA ILE A 102 -40.93 6.45 34.75
C ILE A 102 -40.06 5.22 34.98
N ASP A 103 -40.15 4.66 36.18
CA ASP A 103 -39.43 3.46 36.58
C ASP A 103 -40.39 2.57 37.37
N GLU A 104 -39.96 1.34 37.63
CA GLU A 104 -40.75 0.42 38.43
C GLU A 104 -40.73 0.85 39.89
N LEU A 105 -41.85 0.65 40.59
CA LEU A 105 -41.91 0.94 42.01
C LEU A 105 -41.02 0.00 42.81
N GLU A 106 -41.11 -1.31 42.53
CA GLU A 106 -40.33 -2.33 43.24
C GLU A 106 -39.63 -3.19 42.20
N PRO A 107 -38.50 -2.73 41.67
CA PRO A 107 -37.81 -3.52 40.65
C PRO A 107 -37.02 -4.66 41.27
N ARG A 108 -37.04 -5.81 40.61
CA ARG A 108 -36.16 -6.92 40.98
C ARG A 108 -34.70 -6.52 40.86
N ARG A 109 -34.35 -5.81 39.80
CA ARG A 109 -33.00 -5.36 39.51
C ARG A 109 -33.04 -3.90 39.04
N PRO A 110 -31.99 -3.13 39.29
CA PRO A 110 -31.97 -1.74 38.83
C PRO A 110 -32.08 -1.65 37.31
N ARG A 111 -32.82 -0.65 36.84
CA ARG A 111 -32.87 -0.32 35.42
C ARG A 111 -31.81 0.72 35.09
N TYR A 112 -31.37 0.70 33.83
CA TYR A 112 -30.33 1.61 33.38
C TYR A 112 -30.84 3.04 33.26
N ARG A 113 -30.03 3.98 33.74
CA ARG A 113 -30.24 5.41 33.56
C ARG A 113 -28.99 5.97 32.91
N VAL A 114 -29.17 6.67 31.79
CA VAL A 114 -28.03 7.09 30.96
C VAL A 114 -27.10 8.05 31.69
N PRO A 115 -25.87 7.66 31.97
CA PRO A 115 -24.92 8.56 32.62
C PRO A 115 -24.10 9.35 31.61
N ASP A 116 -23.42 10.39 32.11
CA ASP A 116 -22.39 11.15 31.40
C ASP A 116 -22.85 11.93 30.18
N VAL A 117 -24.13 11.85 29.83
CA VAL A 117 -24.67 12.60 28.69
C VAL A 117 -25.14 13.99 29.11
N LEU A 118 -25.87 14.10 30.22
CA LEU A 118 -26.23 15.42 30.74
C LEU A 118 -25.01 16.08 31.34
N VAL A 119 -24.78 17.35 31.03
CA VAL A 119 -23.60 18.03 31.57
C VAL A 119 -23.79 18.49 33.01
N ALA A 120 -25.02 18.51 33.49
CA ALA A 120 -25.32 18.97 34.83
C ALA A 120 -26.65 18.39 35.27
N ASP A 121 -26.88 18.38 36.57
CA ASP A 121 -28.21 18.14 37.10
C ASP A 121 -29.08 19.33 36.71
N PRO A 122 -30.08 19.16 35.86
CA PRO A 122 -30.83 20.32 35.34
C PRO A 122 -31.53 21.08 36.45
N PRO A 123 -31.33 22.39 36.53
CA PRO A 123 -32.00 23.18 37.58
C PRO A 123 -33.51 23.10 37.44
N THR A 124 -34.18 22.85 38.56
CA THR A 124 -35.61 22.57 38.58
C THR A 124 -36.40 23.85 38.84
N ALA A 125 -37.68 23.79 38.46
CA ALA A 125 -38.64 24.82 38.78
C ALA A 125 -39.74 24.19 39.63
N ARG A 126 -40.28 24.95 40.58
CA ARG A 126 -41.29 24.42 41.48
C ARG A 126 -42.62 24.15 40.76
N LEU A 127 -43.21 23.00 41.08
CA LEU A 127 -44.56 22.66 40.63
C LEU A 127 -45.56 22.97 41.74
N SER A 128 -46.74 23.44 41.32
CA SER A 128 -47.85 23.77 42.21
C SER A 128 -49.12 23.09 41.73
N VAL A 129 -49.90 22.56 42.67
CA VAL A 129 -51.24 22.08 42.33
C VAL A 129 -52.13 23.31 42.24
N SER A 130 -52.60 23.63 41.03
CA SER A 130 -53.43 24.79 40.77
C SER A 130 -54.83 24.41 40.32
N GLY A 131 -55.14 23.13 40.28
CA GLY A 131 -56.44 22.64 39.87
C GLY A 131 -56.56 21.16 40.15
N ARG A 132 -57.78 20.67 40.33
CA ARG A 132 -57.98 19.30 40.73
CA ARG A 132 -58.00 19.32 40.79
C ARG A 132 -59.45 18.94 40.52
N ASP A 133 -59.66 17.68 40.15
CA ASP A 133 -61.00 17.11 40.15
C ASP A 133 -60.86 15.61 40.44
N ASP A 134 -61.94 14.87 40.20
CA ASP A 134 -61.95 13.46 40.56
C ASP A 134 -60.93 12.68 39.74
N ASN A 135 -60.75 13.05 38.47
CA ASN A 135 -59.90 12.35 37.52
C ASN A 135 -58.69 13.15 37.05
N SER A 136 -58.35 14.26 37.73
CA SER A 136 -57.31 15.14 37.20
C SER A 136 -56.63 15.95 38.29
N VAL A 137 -55.37 16.27 38.05
CA VAL A 137 -54.62 17.26 38.81
C VAL A 137 -53.93 18.19 37.83
N GLU A 138 -54.10 19.48 38.05
CA GLU A 138 -53.46 20.49 37.21
C GLU A 138 -52.27 21.06 37.95
N LEU A 139 -51.13 21.10 37.29
CA LEU A 139 -49.90 21.57 37.89
C LEU A 139 -49.46 22.85 37.18
N THR A 140 -48.98 23.81 37.96
CA THR A 140 -48.38 25.03 37.43
C THR A 140 -46.88 24.98 37.62
N VAL A 141 -46.14 25.34 36.58
CA VAL A 141 -44.70 25.42 36.66
C VAL A 141 -44.36 26.83 37.14
N ALA A 142 -43.64 26.90 38.28
CA ALA A 142 -43.33 28.17 38.93
C ALA A 142 -44.60 29.01 39.05
N GLU A 143 -44.59 30.18 38.42
CA GLU A 143 -45.76 31.07 38.44
C GLU A 143 -46.38 31.21 37.06
N GLY A 144 -46.23 30.19 36.20
CA GLY A 144 -46.80 30.22 34.88
C GLY A 144 -45.85 30.80 33.86
N PRO A 145 -46.23 30.79 32.57
CA PRO A 145 -47.53 30.37 32.03
C PRO A 145 -47.69 28.88 31.71
N TYR A 146 -46.70 28.04 32.01
CA TYR A 146 -46.76 26.64 31.61
C TYR A 146 -47.48 25.78 32.64
N LYS A 147 -48.36 24.91 32.14
CA LYS A 147 -49.15 24.02 32.99
C LYS A 147 -49.10 22.59 32.46
N ILE A 148 -49.15 21.65 33.39
CA ILE A 148 -49.19 20.21 33.10
C ILE A 148 -50.46 19.64 33.73
N ILE A 149 -51.30 19.02 32.93
CA ILE A 149 -52.50 18.36 33.42
C ILE A 149 -52.24 16.86 33.47
N LEU A 150 -52.27 16.29 34.68
CA LEU A 150 -52.18 14.86 34.87
C LEU A 150 -53.59 14.29 34.96
N THR A 151 -53.98 13.49 33.96
CA THR A 151 -55.23 12.75 34.00
C THR A 151 -54.97 11.38 34.64
N ALA A 152 -55.82 11.00 35.60
CA ALA A 152 -55.59 9.77 36.36
C ALA A 152 -55.98 8.53 35.57
N GLN A 153 -57.18 8.52 34.99
CA GLN A 153 -57.64 7.35 34.26
C GLN A 153 -58.33 7.74 32.96
N PRO A 154 -57.83 7.30 31.79
CA PRO A 154 -56.53 6.63 31.66
C PRO A 154 -55.41 7.64 31.87
N PHE A 155 -54.24 7.17 32.29
CA PHE A 155 -53.07 8.02 32.47
C PHE A 155 -52.78 8.83 31.22
N ARG A 156 -52.52 10.12 31.42
CA ARG A 156 -52.29 11.05 30.34
C ARG A 156 -51.61 12.29 30.90
N LEU A 157 -50.84 12.97 30.05
CA LEU A 157 -50.27 14.25 30.40
C LEU A 157 -50.50 15.21 29.25
N ASP A 158 -50.91 16.42 29.58
CA ASP A 158 -51.08 17.51 28.61
C ASP A 158 -50.25 18.69 29.07
N LEU A 159 -49.56 19.32 28.13
CA LEU A 159 -48.70 20.46 28.45
C LEU A 159 -49.28 21.69 27.77
N LEU A 160 -49.49 22.75 28.54
CA LEU A 160 -50.12 23.97 28.06
C LEU A 160 -49.28 25.16 28.42
N GLU A 161 -49.27 26.14 27.52
CA GLU A 161 -48.92 27.52 27.86
C GLU A 161 -50.23 28.30 27.97
N ASP A 162 -50.55 28.78 29.18
CA ASP A 162 -51.84 29.40 29.48
C ASP A 162 -52.93 28.38 29.16
N ARG A 163 -53.80 28.63 28.18
CA ARG A 163 -54.86 27.72 27.81
C ARG A 163 -54.60 27.06 26.46
N SER A 164 -53.40 27.21 25.90
CA SER A 164 -53.04 26.63 24.61
C SER A 164 -52.35 25.29 24.82
N LEU A 165 -52.91 24.23 24.25
CA LEU A 165 -52.35 22.89 24.38
C LEU A 165 -51.10 22.77 23.52
N LEU A 166 -49.97 22.48 24.15
CA LEU A 166 -48.72 22.34 23.38
C LEU A 166 -48.46 20.90 22.97
N LEU A 167 -48.73 19.95 23.85
CA LEU A 167 -48.28 18.60 23.62
C LEU A 167 -48.99 17.66 24.58
N SER A 168 -49.26 16.45 24.11
CA SER A 168 -49.85 15.42 24.97
C SER A 168 -48.95 14.19 25.00
N VAL A 169 -49.02 13.49 26.12
CA VAL A 169 -48.23 12.29 26.38
C VAL A 169 -49.20 11.15 26.66
N ASN A 170 -49.06 10.06 25.92
CA ASN A 170 -49.89 8.86 26.03
C ASN A 170 -51.32 9.11 25.57
N ALA A 171 -51.53 10.11 24.72
CA ALA A 171 -52.87 10.41 24.25
C ALA A 171 -53.44 9.29 23.39
N ARG A 172 -52.57 8.57 22.66
CA ARG A 172 -53.00 7.41 21.89
C ARG A 172 -52.91 6.12 22.69
N GLY A 173 -52.62 6.20 23.99
CA GLY A 173 -52.58 5.02 24.84
C GLY A 173 -51.48 4.02 24.54
N LEU A 174 -50.35 4.45 23.98
CA LEU A 174 -49.33 3.53 23.52
C LEU A 174 -48.25 3.26 24.57
N MET A 175 -48.40 3.77 25.79
CA MET A 175 -47.41 3.52 26.83
C MET A 175 -47.30 2.03 27.11
N ALA A 176 -46.07 1.53 27.16
CA ALA A 176 -45.81 0.13 27.43
C ALA A 176 -44.53 0.01 28.24
N PHE A 177 -44.60 -0.65 29.40
CA PHE A 177 -43.46 -0.77 30.30
C PHE A 177 -43.35 -2.23 30.74
N GLU A 178 -42.50 -3.01 30.07
CA GLU A 178 -42.32 -4.42 30.41
C GLU A 178 -41.47 -4.52 31.67
N HIS A 179 -42.09 -4.90 32.79
CA HIS A 179 -41.35 -4.97 34.04
C HIS A 179 -40.47 -6.20 34.08
N GLN A 180 -39.47 -6.16 34.95
CA GLN A 180 -38.50 -7.24 35.08
C GLN A 180 -39.12 -8.44 35.78
N ARG A 181 -39.25 -9.54 35.06
CA ARG A 181 -39.84 -10.77 35.58
C ARG A 181 -38.79 -11.63 36.28
N ALA A 182 -39.26 -12.71 36.90
CA ALA A 182 -38.35 -13.66 37.53
C ALA A 182 -37.45 -14.27 36.46
N PRO A 183 -36.12 -14.07 36.56
CA PRO A 183 -35.16 -14.41 35.50
C PRO A 183 -35.01 -15.92 35.27
N TRP A 247 -37.55 -13.69 25.70
CA TRP A 247 -36.42 -14.34 26.38
C TRP A 247 -35.37 -14.81 25.36
N GLU A 248 -34.87 -16.04 25.48
CA GLU A 248 -33.84 -16.52 24.56
C GLU A 248 -34.23 -16.26 23.11
N GLU A 249 -33.31 -15.67 22.35
CA GLU A 249 -33.58 -15.19 20.99
C GLU A 249 -32.35 -15.39 20.12
N THR A 250 -32.56 -15.82 18.88
CA THR A 250 -31.51 -15.94 17.90
C THR A 250 -31.87 -15.14 16.66
N PHE A 251 -30.83 -14.59 16.01
CA PHE A 251 -30.99 -13.89 14.73
C PHE A 251 -29.87 -14.34 13.81
N LYS A 252 -30.24 -14.94 12.67
CA LYS A 252 -29.31 -15.68 11.82
C LYS A 252 -28.58 -16.72 12.66
N THR A 253 -27.28 -16.53 12.90
CA THR A 253 -26.49 -17.51 13.63
C THR A 253 -26.10 -17.05 15.03
N HIS A 254 -26.65 -15.95 15.51
CA HIS A 254 -26.23 -15.35 16.77
C HIS A 254 -27.32 -15.52 17.82
N SER A 255 -26.91 -15.90 19.03
CA SER A 255 -27.85 -16.19 20.11
C SER A 255 -27.71 -15.16 21.21
N ASP A 256 -28.82 -14.56 21.58
CA ASP A 256 -28.89 -13.60 22.68
C ASP A 256 -29.53 -14.34 23.85
N SER A 257 -28.75 -14.56 24.90
CA SER A 257 -29.26 -15.31 26.04
C SER A 257 -30.35 -14.55 26.79
N LYS A 258 -30.41 -13.23 26.65
CA LYS A 258 -31.46 -12.38 27.21
C LYS A 258 -31.80 -12.78 28.65
N PRO A 259 -30.83 -12.77 29.55
CA PRO A 259 -31.07 -13.32 30.90
C PRO A 259 -32.14 -12.57 31.69
N TYR A 260 -32.49 -11.34 31.31
CA TYR A 260 -33.50 -10.57 32.04
C TYR A 260 -34.87 -10.59 31.36
N GLY A 261 -35.00 -11.19 30.19
CA GLY A 261 -36.26 -11.29 29.53
C GLY A 261 -36.72 -9.97 28.92
N PRO A 262 -38.01 -9.87 28.61
CA PRO A 262 -38.54 -8.63 28.04
C PRO A 262 -38.49 -7.49 29.05
N THR A 263 -37.87 -6.36 28.66
CA THR A 263 -37.78 -5.21 29.55
C THR A 263 -38.00 -3.90 28.79
N SER A 264 -38.63 -3.94 27.62
CA SER A 264 -38.70 -2.76 26.78
C SER A 264 -39.69 -1.73 27.34
N VAL A 265 -39.49 -0.48 26.95
CA VAL A 265 -40.29 0.65 27.39
C VAL A 265 -40.64 1.50 26.18
N GLY A 266 -41.81 2.13 26.21
CA GLY A 266 -42.26 2.94 25.10
C GLY A 266 -43.32 3.93 25.54
N LEU A 267 -43.47 4.98 24.74
CA LEU A 267 -44.37 6.08 25.09
C LEU A 267 -44.62 6.92 23.85
N ASP A 268 -45.84 7.43 23.70
CA ASP A 268 -46.22 8.22 22.55
C ASP A 268 -46.43 9.68 22.94
N PHE A 269 -46.28 10.57 21.95
CA PHE A 269 -46.40 12.01 22.15
C PHE A 269 -47.20 12.59 21.00
N SER A 270 -48.08 13.53 21.32
CA SER A 270 -48.98 14.14 20.34
C SER A 270 -48.66 15.62 20.22
N LEU A 271 -48.50 16.11 18.99
CA LEU A 271 -48.03 17.46 18.71
C LEU A 271 -49.09 18.17 17.87
N PRO A 272 -50.12 18.75 18.50
CA PRO A 272 -51.17 19.43 17.73
C PRO A 272 -50.62 20.65 17.02
N GLY A 273 -50.96 20.79 15.75
CA GLY A 273 -50.51 21.90 14.93
C GLY A 273 -49.21 21.66 14.21
N MET A 274 -48.53 20.54 14.47
CA MET A 274 -47.23 20.25 13.86
C MET A 274 -47.41 19.30 12.69
N GLU A 275 -46.88 19.69 11.54
CA GLU A 275 -46.89 18.86 10.34
C GLU A 275 -45.49 18.47 9.88
N HIS A 276 -44.45 18.97 10.55
CA HIS A 276 -43.07 18.79 10.10
C HIS A 276 -42.21 18.44 11.30
N VAL A 277 -41.52 17.29 11.24
CA VAL A 277 -40.59 16.90 12.28
C VAL A 277 -39.25 16.60 11.65
N TYR A 278 -38.19 16.71 12.46
CA TYR A 278 -36.82 16.68 11.99
C TYR A 278 -35.93 16.05 13.06
N GLY A 279 -34.76 15.60 12.64
CA GLY A 279 -33.78 15.11 13.60
C GLY A 279 -33.58 13.61 13.63
N ILE A 280 -33.52 13.06 14.83
CA ILE A 280 -33.15 11.67 15.14
C ILE A 280 -32.17 11.08 14.11
N PRO A 281 -31.01 11.70 13.90
CA PRO A 281 -29.98 11.06 13.08
C PRO A 281 -29.46 9.82 13.78
N GLU A 282 -28.84 8.91 13.02
CA GLU A 282 -28.38 9.17 11.66
C GLU A 282 -29.08 8.22 10.68
N HIS A 283 -29.65 8.82 9.63
CA HIS A 283 -30.31 8.08 8.56
C HIS A 283 -29.99 8.75 7.24
N ALA A 284 -29.78 7.94 6.21
CA ALA A 284 -29.63 8.45 4.86
C ALA A 284 -31.03 8.71 4.30
N ASP A 285 -31.64 9.77 4.81
CA ASP A 285 -33.01 10.11 4.49
C ASP A 285 -33.14 11.63 4.50
N SER A 286 -34.32 12.09 4.10
CA SER A 286 -34.54 13.50 3.89
C SER A 286 -34.56 14.26 5.21
N LEU A 287 -34.38 15.57 5.12
CA LEU A 287 -34.39 16.42 6.32
C LEU A 287 -35.73 16.34 7.05
N ARG A 288 -36.81 16.58 6.34
CA ARG A 288 -38.13 16.42 6.94
C ARG A 288 -38.44 14.94 7.06
N LEU A 289 -38.64 14.46 8.29
CA LEU A 289 -38.83 13.04 8.52
C LEU A 289 -40.16 12.59 7.93
N LYS A 290 -40.19 11.37 7.42
CA LYS A 290 -41.39 10.84 6.81
C LYS A 290 -42.23 10.07 7.83
N VAL A 291 -43.52 9.97 7.53
CA VAL A 291 -44.40 9.11 8.31
C VAL A 291 -43.92 7.66 8.18
N THR A 292 -44.07 6.89 9.25
CA THR A 292 -43.63 5.50 9.23
C THR A 292 -44.79 4.51 9.09
N GLU A 293 -46.01 5.02 8.90
CA GLU A 293 -47.21 4.21 9.05
C GLU A 293 -47.18 2.98 8.14
N GLY A 294 -46.86 3.15 6.87
CA GLY A 294 -46.91 2.00 6.00
C GLY A 294 -45.61 1.23 5.84
N GLY A 295 -44.64 1.46 6.72
CA GLY A 295 -43.30 0.89 6.57
C GLY A 295 -42.60 0.68 7.88
N GLU A 296 -41.28 0.80 7.86
CA GLU A 296 -40.47 0.61 9.05
C GLU A 296 -40.45 1.86 9.91
N PRO A 297 -40.30 1.70 11.23
CA PRO A 297 -39.97 2.85 12.06
C PRO A 297 -38.52 3.26 11.81
N TYR A 298 -38.23 4.52 12.12
CA TYR A 298 -36.83 4.94 12.16
C TYR A 298 -36.13 4.25 13.31
N ARG A 299 -34.92 3.76 13.06
CA ARG A 299 -34.18 2.98 14.04
C ARG A 299 -32.96 3.74 14.52
N LEU A 300 -32.71 3.70 15.81
CA LEU A 300 -31.53 4.32 16.41
C LEU A 300 -30.73 3.20 17.07
N TYR A 301 -29.73 2.70 16.37
CA TYR A 301 -28.86 1.65 16.91
C TYR A 301 -27.57 1.79 16.13
N ASN A 302 -26.49 2.20 16.80
CA ASN A 302 -25.25 2.51 16.09
C ASN A 302 -24.75 1.25 15.39
N LEU A 303 -24.74 1.28 14.06
CA LEU A 303 -24.44 0.11 13.24
C LEU A 303 -23.55 0.50 12.08
N ASP A 304 -22.69 -0.45 11.69
CA ASP A 304 -21.78 -0.31 10.56
C ASP A 304 -22.42 -0.98 9.35
N VAL A 305 -22.99 -0.18 8.44
CA VAL A 305 -23.75 -0.69 7.30
C VAL A 305 -22.91 -0.52 6.04
N PHE A 306 -22.44 -1.64 5.49
CA PHE A 306 -21.58 -1.63 4.31
C PHE A 306 -22.38 -1.16 3.09
N GLN A 307 -21.84 -0.16 2.39
CA GLN A 307 -22.47 0.38 1.17
C GLN A 307 -23.92 0.77 1.42
N TYR A 308 -24.13 1.60 2.43
CA TYR A 308 -25.50 1.96 2.79
C TYR A 308 -26.16 2.70 1.63
N GLU A 309 -27.48 2.55 1.55
CA GLU A 309 -28.28 3.11 0.47
C GLU A 309 -29.07 4.31 0.97
N LEU A 310 -29.64 5.05 0.02
CA LEU A 310 -30.28 6.34 0.29
C LEU A 310 -31.79 6.18 0.41
N ASN A 311 -32.39 7.15 1.11
CA ASN A 311 -33.84 7.22 1.26
C ASN A 311 -34.39 5.95 1.90
N ASN A 312 -33.87 5.62 3.08
CA ASN A 312 -34.45 4.51 3.83
C ASN A 312 -34.17 4.74 5.31
N PRO A 313 -34.96 4.12 6.20
CA PRO A 313 -34.82 4.39 7.63
C PRO A 313 -33.89 3.47 8.40
N MET A 314 -33.05 2.70 7.72
CA MET A 314 -32.11 1.83 8.42
C MET A 314 -31.21 2.65 9.31
N ALA A 315 -30.89 2.10 10.48
CA ALA A 315 -29.97 2.76 11.40
C ALA A 315 -28.57 2.75 10.83
N LEU A 316 -27.89 3.90 10.92
CA LEU A 316 -26.49 4.04 10.52
C LEU A 316 -25.63 4.17 11.78
N TYR A 317 -24.49 4.86 11.67
CA TYR A 317 -23.42 4.73 12.65
C TYR A 317 -23.70 5.47 13.96
N GLY A 318 -24.51 6.52 13.92
CA GLY A 318 -24.76 7.30 15.12
C GLY A 318 -26.23 7.42 15.47
N SER A 319 -26.54 7.81 16.70
CA SER A 319 -27.91 7.90 17.18
C SER A 319 -28.04 9.09 18.13
N VAL A 320 -28.83 10.09 17.75
CA VAL A 320 -29.16 11.20 18.63
C VAL A 320 -30.67 11.22 18.81
N PRO A 321 -31.17 10.77 19.95
CA PRO A 321 -32.63 10.60 20.13
C PRO A 321 -33.33 11.92 20.46
N VAL A 322 -33.30 12.84 19.49
CA VAL A 322 -33.82 14.20 19.67
C VAL A 322 -34.65 14.52 18.44
N LEU A 323 -35.91 14.90 18.64
CA LEU A 323 -36.80 15.24 17.54
C LEU A 323 -37.29 16.68 17.69
N LEU A 324 -37.20 17.45 16.62
CA LEU A 324 -37.67 18.82 16.59
C LEU A 324 -38.96 18.89 15.77
N ALA A 325 -39.93 19.65 16.27
CA ALA A 325 -41.19 19.89 15.57
C ALA A 325 -41.30 21.37 15.25
N HIS A 326 -41.62 21.69 14.01
CA HIS A 326 -41.69 23.07 13.58
C HIS A 326 -43.02 23.37 12.89
N SER A 327 -43.66 24.46 13.29
CA SER A 327 -44.78 25.02 12.54
C SER A 327 -44.59 26.52 12.44
N PHE A 328 -45.47 27.14 11.65
CA PHE A 328 -45.54 28.60 11.54
C PHE A 328 -45.63 29.26 12.91
N HIS A 329 -46.27 28.59 13.88
CA HIS A 329 -46.60 29.20 15.16
C HIS A 329 -45.59 28.91 16.25
N ARG A 330 -44.98 27.73 16.28
CA ARG A 330 -44.15 27.37 17.42
C ARG A 330 -43.11 26.34 17.01
N ASP A 331 -42.14 26.14 17.90
CA ASP A 331 -41.14 25.09 17.81
C ASP A 331 -41.09 24.33 19.11
N LEU A 332 -40.90 23.01 19.01
CA LEU A 332 -40.83 22.12 20.15
C LEU A 332 -39.72 21.09 19.90
N GLY A 333 -39.20 20.53 20.98
CA GLY A 333 -38.25 19.43 20.86
C GLY A 333 -38.51 18.37 21.89
N ILE A 334 -38.23 17.12 21.50
CA ILE A 334 -38.37 15.97 22.40
C ILE A 334 -37.03 15.26 22.45
N PHE A 335 -36.50 15.08 23.66
CA PHE A 335 -35.21 14.46 23.91
C PHE A 335 -35.45 13.19 24.73
N TRP A 336 -35.36 12.03 24.07
CA TRP A 336 -35.62 10.72 24.68
C TRP A 336 -34.29 10.16 25.15
N LEU A 337 -33.98 10.35 26.44
CA LEU A 337 -32.67 9.99 26.98
C LEU A 337 -32.67 8.49 27.31
N ASN A 338 -32.39 7.70 26.28
CA ASN A 338 -32.27 6.25 26.39
C ASN A 338 -31.13 5.81 25.49
N ALA A 339 -30.28 4.91 26.00
CA ALA A 339 -29.08 4.46 25.31
C ALA A 339 -29.23 3.10 24.66
N ALA A 340 -30.38 2.45 24.81
CA ALA A 340 -30.62 1.16 24.19
C ALA A 340 -31.19 1.34 22.78
N GLU A 341 -31.22 0.24 22.04
CA GLU A 341 -31.83 0.18 20.73
C GLU A 341 -33.22 0.80 20.77
N THR A 342 -33.48 1.74 19.87
CA THR A 342 -34.70 2.53 19.93
C THR A 342 -35.30 2.61 18.53
N TRP A 343 -36.61 2.40 18.45
CA TRP A 343 -37.36 2.60 17.22
C TRP A 343 -38.31 3.77 17.41
N VAL A 344 -38.52 4.54 16.35
CA VAL A 344 -39.32 5.76 16.43
C VAL A 344 -40.38 5.71 15.34
N ASP A 345 -41.65 5.70 15.74
CA ASP A 345 -42.76 5.73 14.81
C ASP A 345 -43.30 7.16 14.68
N ILE A 346 -43.67 7.52 13.46
CA ILE A 346 -44.13 8.86 13.15
C ILE A 346 -45.40 8.75 12.33
N SER A 347 -46.48 9.37 12.78
CA SER A 347 -47.75 9.33 12.07
C SER A 347 -48.37 10.73 12.00
N SER A 348 -49.01 11.03 10.88
CA SER A 348 -49.66 12.31 10.66
C SER A 348 -51.17 12.07 10.56
N ASN A 349 -51.94 12.94 11.20
CA ASN A 349 -53.39 12.84 11.17
C ASN A 349 -53.99 13.96 10.33
N THR A 369 -56.23 21.67 13.13
CA THR A 369 -56.42 20.22 13.07
C THR A 369 -55.18 19.36 12.78
N PRO A 370 -54.26 19.81 11.91
CA PRO A 370 -53.09 18.98 11.61
C PRO A 370 -52.28 18.64 12.85
N GLN A 371 -51.83 17.40 12.94
CA GLN A 371 -51.16 16.90 14.14
C GLN A 371 -50.21 15.79 13.75
N THR A 372 -49.10 15.71 14.49
CA THR A 372 -48.11 14.66 14.31
C THR A 372 -47.96 13.94 15.65
N ASP A 373 -47.98 12.60 15.61
CA ASP A 373 -47.76 11.77 16.78
C ASP A 373 -46.40 11.09 16.65
N ILE A 374 -45.68 11.02 17.77
CA ILE A 374 -44.34 10.42 17.83
C ILE A 374 -44.36 9.33 18.88
N ARG A 375 -43.79 8.17 18.55
CA ARG A 375 -43.74 7.06 19.48
C ARG A 375 -42.32 6.50 19.55
N TRP A 376 -41.76 6.44 20.76
CA TRP A 376 -40.42 5.92 21.01
C TRP A 376 -40.54 4.54 21.63
N MET A 377 -39.74 3.58 21.15
CA MET A 377 -39.73 2.22 21.68
C MET A 377 -38.29 1.78 21.92
N SER A 378 -37.94 1.51 23.18
CA SER A 378 -36.56 1.23 23.57
C SER A 378 -36.45 -0.12 24.27
N GLU A 379 -35.31 -0.79 24.08
CA GLU A 379 -35.19 -2.18 24.53
C GLU A 379 -35.11 -2.30 26.05
N SER A 380 -34.49 -1.35 26.72
CA SER A 380 -34.34 -1.42 28.16
C SER A 380 -34.16 0.00 28.70
N GLY A 381 -33.68 0.11 29.94
CA GLY A 381 -33.58 1.39 30.61
C GLY A 381 -34.93 1.88 31.11
N ILE A 382 -34.93 3.08 31.67
CA ILE A 382 -36.17 3.69 32.16
C ILE A 382 -36.75 4.55 31.04
N ILE A 383 -37.94 5.09 31.27
CA ILE A 383 -38.45 6.15 30.42
C ILE A 383 -37.89 7.45 30.99
N ASP A 384 -37.21 8.23 30.14
CA ASP A 384 -36.58 9.48 30.58
C ASP A 384 -36.64 10.39 29.37
N VAL A 385 -37.51 11.40 29.41
CA VAL A 385 -37.76 12.22 28.24
C VAL A 385 -37.85 13.68 28.66
N PHE A 386 -37.26 14.56 27.86
CA PHE A 386 -37.29 16.00 28.10
C PHE A 386 -38.17 16.64 27.04
N LEU A 387 -39.12 17.45 27.49
CA LEU A 387 -39.95 18.23 26.58
C LEU A 387 -39.42 19.66 26.60
N MET A 388 -39.06 20.16 25.43
CA MET A 388 -38.41 21.46 25.27
C MET A 388 -39.40 22.37 24.54
N LEU A 389 -39.95 23.35 25.26
CA LEU A 389 -41.19 23.99 24.84
C LEU A 389 -40.98 25.23 23.97
N GLY A 390 -39.75 25.54 23.59
CA GLY A 390 -39.50 26.68 22.74
C GLY A 390 -39.76 27.98 23.48
N PRO A 391 -40.52 28.91 22.86
CA PRO A 391 -41.32 28.80 21.64
C PRO A 391 -40.58 28.86 20.31
N SER A 392 -39.43 29.51 20.24
CA SER A 392 -38.71 29.55 18.97
C SER A 392 -37.72 28.39 18.90
N VAL A 393 -37.26 28.10 17.68
CA VAL A 393 -36.30 27.03 17.53
C VAL A 393 -34.98 27.39 18.21
N PHE A 394 -34.63 28.69 18.25
CA PHE A 394 -33.44 29.08 19.00
C PHE A 394 -33.64 28.88 20.50
N ASP A 395 -34.88 29.02 20.99
CA ASP A 395 -35.17 28.63 22.37
C ASP A 395 -34.92 27.14 22.56
N VAL A 396 -35.31 26.32 21.58
CA VAL A 396 -35.10 24.88 21.66
C VAL A 396 -33.60 24.57 21.66
N PHE A 397 -32.84 25.23 20.79
CA PHE A 397 -31.39 25.07 20.79
C PHE A 397 -30.81 25.34 22.18
N ARG A 398 -31.23 26.44 22.82
CA ARG A 398 -30.71 26.76 24.14
C ARG A 398 -31.14 25.73 25.18
N GLN A 399 -32.38 25.27 25.09
CA GLN A 399 -32.87 24.29 26.05
C GLN A 399 -32.08 23.00 25.96
N TYR A 400 -31.90 22.48 24.74
CA TYR A 400 -31.13 21.26 24.56
C TYR A 400 -29.66 21.46 24.96
N ALA A 401 -29.08 22.62 24.62
CA ALA A 401 -27.66 22.85 24.95
C ALA A 401 -27.44 22.87 26.46
N SER A 402 -28.40 23.40 27.22
CA SER A 402 -28.26 23.39 28.68
C SER A 402 -28.29 21.99 29.25
N LEU A 403 -28.87 21.03 28.54
CA LEU A 403 -28.90 19.65 28.99
C LEU A 403 -27.63 18.90 28.60
N THR A 404 -27.26 18.93 27.32
CA THR A 404 -26.18 18.08 26.83
C THR A 404 -24.92 18.86 26.46
N GLY A 405 -24.93 20.18 26.63
CA GLY A 405 -23.74 20.96 26.34
C GLY A 405 -23.74 21.44 24.89
N THR A 406 -22.62 22.05 24.54
CA THR A 406 -22.47 22.73 23.26
C THR A 406 -21.29 22.15 22.50
N GLN A 407 -21.26 22.46 21.21
CA GLN A 407 -20.16 22.13 20.33
C GLN A 407 -18.81 22.58 20.89
N ALA A 408 -17.89 21.64 21.06
CA ALA A 408 -16.53 22.02 21.41
C ALA A 408 -15.95 22.97 20.35
N LEU A 409 -15.26 24.00 20.79
CA LEU A 409 -14.66 24.95 19.85
C LEU A 409 -13.52 24.28 19.11
N PRO A 410 -13.62 24.06 17.81
CA PRO A 410 -12.53 23.40 17.08
C PRO A 410 -11.28 24.27 17.06
N PRO A 411 -10.10 23.67 17.19
CA PRO A 411 -8.89 24.40 16.81
C PRO A 411 -9.02 24.83 15.36
N LEU A 412 -8.53 26.03 15.06
CA LEU A 412 -8.79 26.64 13.76
C LEU A 412 -8.37 25.71 12.61
N PHE A 413 -7.22 25.04 12.74
CA PHE A 413 -6.71 24.23 11.63
C PHE A 413 -7.73 23.18 11.20
N SER A 414 -8.53 22.67 12.14
CA SER A 414 -9.47 21.61 11.83
C SER A 414 -10.67 22.11 11.05
N LEU A 415 -10.82 23.41 10.91
CA LEU A 415 -11.83 23.99 10.02
C LEU A 415 -11.28 24.23 8.62
N GLY A 416 -10.01 23.95 8.38
CA GLY A 416 -9.46 24.00 7.04
C GLY A 416 -9.78 22.72 6.27
N TYR A 417 -8.99 22.49 5.23
CA TYR A 417 -9.20 21.36 4.34
C TYR A 417 -8.33 20.18 4.77
N HIS A 418 -8.94 18.99 4.86
CA HIS A 418 -8.26 17.77 5.22
C HIS A 418 -8.12 16.89 3.99
N GLN A 419 -6.92 16.36 3.76
CA GLN A 419 -6.66 15.45 2.64
C GLN A 419 -6.43 14.06 3.21
N SER A 420 -7.24 13.10 2.77
CA SER A 420 -7.18 11.76 3.33
C SER A 420 -7.40 10.73 2.22
N ARG A 421 -6.97 9.52 2.51
CA ARG A 421 -7.45 8.35 1.79
C ARG A 421 -7.00 7.12 2.57
N TRP A 422 -7.63 6.01 2.26
CA TRP A 422 -7.18 4.69 2.65
C TRP A 422 -6.42 4.16 1.42
N ASN A 423 -5.09 4.15 1.44
CA ASN A 423 -4.21 4.65 2.49
C ASN A 423 -3.07 5.39 1.80
N TYR A 424 -2.43 6.33 2.49
CA TYR A 424 -1.15 6.82 2.02
C TYR A 424 -0.07 5.80 2.36
N ARG A 425 0.87 5.63 1.43
CA ARG A 425 1.72 4.43 1.39
C ARG A 425 2.77 4.44 2.50
N ASP A 426 3.49 5.54 2.64
CA ASP A 426 4.61 5.60 3.56
C ASP A 426 4.92 7.06 3.83
N GLU A 427 5.97 7.29 4.63
CA GLU A 427 6.35 8.67 4.92
C GLU A 427 6.62 9.44 3.64
N ALA A 428 7.30 8.82 2.68
CA ALA A 428 7.60 9.53 1.43
C ALA A 428 6.33 9.97 0.71
N ASP A 429 5.34 9.09 0.60
CA ASP A 429 4.06 9.45 -0.02
C ASP A 429 3.44 10.65 0.70
N VAL A 430 3.45 10.61 2.04
CA VAL A 430 2.87 11.71 2.82
C VAL A 430 3.55 13.02 2.47
N LEU A 431 4.89 13.02 2.42
CA LEU A 431 5.63 14.23 2.09
C LEU A 431 5.41 14.65 0.64
N GLU A 432 5.26 13.69 -0.28
CA GLU A 432 4.96 14.03 -1.67
C GLU A 432 3.59 14.69 -1.79
N VAL A 433 2.60 14.18 -1.06
CA VAL A 433 1.29 14.81 -1.04
C VAL A 433 1.39 16.23 -0.48
N ASP A 434 2.14 16.39 0.61
CA ASP A 434 2.37 17.73 1.17
C ASP A 434 2.97 18.66 0.13
N GLN A 435 4.03 18.21 -0.55
CA GLN A 435 4.68 19.05 -1.55
C GLN A 435 3.76 19.30 -2.73
N GLY A 436 2.91 18.31 -3.05
CA GLY A 436 2.00 18.49 -4.17
C GLY A 436 1.06 19.66 -3.98
N PHE A 437 0.57 19.85 -2.75
CA PHE A 437 -0.31 20.99 -2.48
C PHE A 437 0.40 22.30 -2.73
N ASP A 438 1.65 22.42 -2.28
CA ASP A 438 2.38 23.66 -2.45
C ASP A 438 2.78 23.88 -3.90
N ASP A 439 3.22 22.81 -4.58
CA ASP A 439 3.56 22.92 -5.99
C ASP A 439 2.37 23.27 -6.87
N HIS A 440 1.14 23.00 -6.42
CA HIS A 440 -0.03 23.34 -7.23
C HIS A 440 -0.87 24.45 -6.62
N ASN A 441 -0.29 25.19 -5.66
CA ASN A 441 -0.94 26.37 -5.07
CA ASN A 441 -0.93 26.36 -5.07
C ASN A 441 -2.34 26.03 -4.58
N MET A 442 -2.43 25.00 -3.76
CA MET A 442 -3.68 24.61 -3.14
C MET A 442 -3.46 24.51 -1.64
N PRO A 443 -4.32 25.12 -0.83
CA PRO A 443 -4.15 25.04 0.62
C PRO A 443 -4.65 23.72 1.19
N CYS A 444 -4.05 23.34 2.32
CA CYS A 444 -4.40 22.13 3.04
C CYS A 444 -3.81 22.22 4.44
N ASP A 445 -4.60 21.86 5.45
CA ASP A 445 -4.11 21.90 6.82
C ASP A 445 -3.66 20.54 7.36
N VAL A 446 -4.29 19.45 6.94
CA VAL A 446 -4.06 18.15 7.57
C VAL A 446 -3.98 17.08 6.49
N ILE A 447 -3.05 16.15 6.66
CA ILE A 447 -2.98 14.92 5.88
C ILE A 447 -3.24 13.77 6.85
N TRP A 448 -4.06 12.80 6.42
CA TRP A 448 -4.57 11.75 7.29
C TRP A 448 -3.91 10.40 7.03
N LEU A 449 -3.67 9.65 8.11
CA LEU A 449 -3.11 8.31 8.05
C LEU A 449 -4.17 7.29 8.48
N ASP A 450 -4.63 6.49 7.52
CA ASP A 450 -5.63 5.46 7.78
C ASP A 450 -4.91 4.22 8.33
N ILE A 451 -5.63 3.11 8.45
CA ILE A 451 -5.17 1.98 9.26
C ILE A 451 -3.90 1.32 8.75
N GLU A 452 -3.56 1.49 7.47
CA GLU A 452 -2.35 0.82 7.02
C GLU A 452 -1.06 1.49 7.53
N HIS A 453 -1.16 2.61 8.27
CA HIS A 453 0.04 3.24 8.83
C HIS A 453 0.53 2.52 10.07
N ALA A 454 -0.31 1.74 10.72
CA ALA A 454 0.06 1.05 11.94
C ALA A 454 0.69 -0.30 11.62
N ASP A 455 1.19 -0.98 12.65
CA ASP A 455 1.76 -2.33 12.49
C ASP A 455 0.61 -3.34 12.49
N GLY A 456 0.15 -3.69 11.29
CA GLY A 456 -0.89 -4.70 11.17
C GLY A 456 -2.12 -4.43 11.99
N LYS A 457 -2.58 -3.18 11.98
CA LYS A 457 -3.80 -2.73 12.67
C LYS A 457 -3.72 -2.92 14.18
N ARG A 458 -2.51 -2.84 14.72
CA ARG A 458 -2.29 -2.67 16.16
C ARG A 458 -2.19 -1.16 16.40
N TYR A 459 -3.24 -0.58 16.96
CA TYR A 459 -3.29 0.88 17.08
C TYR A 459 -2.29 1.36 18.12
N PHE A 460 -1.90 2.63 17.98
CA PHE A 460 -0.79 3.28 18.68
C PHE A 460 0.58 2.80 18.22
N THR A 461 0.66 2.05 17.13
CA THR A 461 1.95 1.65 16.57
C THR A 461 2.11 2.19 15.15
N TRP A 462 3.31 1.95 14.61
CA TRP A 462 3.68 2.44 13.29
C TRP A 462 4.29 1.28 12.52
N ASP A 463 3.97 1.18 11.23
CA ASP A 463 4.56 0.12 10.44
C ASP A 463 6.07 0.33 10.35
N PRO A 464 6.89 -0.67 10.71
CA PRO A 464 8.34 -0.44 10.86
C PRO A 464 9.08 -0.21 9.57
N THR A 465 8.48 -0.55 8.43
CA THR A 465 9.09 -0.34 7.14
C THR A 465 8.59 0.92 6.46
N ARG A 466 7.28 1.15 6.49
CA ARG A 466 6.73 2.30 5.78
C ARG A 466 6.60 3.55 6.65
N PHE A 467 6.58 3.41 7.98
CA PHE A 467 6.59 4.57 8.88
C PHE A 467 7.64 4.37 9.98
N PRO A 468 8.93 4.30 9.59
CA PRO A 468 9.97 4.03 10.59
C PRO A 468 10.32 5.22 11.47
N GLN A 469 10.06 6.45 11.03
CA GLN A 469 10.47 7.66 11.76
C GLN A 469 9.30 8.64 11.82
N PRO A 470 8.25 8.32 12.58
CA PRO A 470 7.08 9.23 12.60
C PRO A 470 7.41 10.62 13.11
N LEU A 471 8.27 10.74 14.12
CA LEU A 471 8.65 12.05 14.63
C LEU A 471 9.26 12.92 13.54
N ASN A 472 10.12 12.35 12.69
CA ASN A 472 10.71 13.13 11.61
C ASN A 472 9.66 13.54 10.58
N MET A 473 8.71 12.65 10.29
CA MET A 473 7.62 13.00 9.38
C MET A 473 6.77 14.13 9.97
N LEU A 474 6.43 14.03 11.26
CA LEU A 474 5.66 15.08 11.91
C LEU A 474 6.44 16.38 11.96
N GLU A 475 7.76 16.29 12.15
CA GLU A 475 8.61 17.48 12.12
C GLU A 475 8.61 18.13 10.75
N HIS A 476 8.67 17.33 9.67
CA HIS A 476 8.60 17.92 8.34
CA HIS A 476 8.59 17.90 8.33
C HIS A 476 7.25 18.61 8.11
N LEU A 477 6.16 18.02 8.59
CA LEU A 477 4.85 18.64 8.41
C LEU A 477 4.75 19.92 9.24
N ALA A 478 5.28 19.89 10.47
CA ALA A 478 5.27 21.10 11.30
C ALA A 478 6.04 22.23 10.61
N SER A 479 7.13 21.91 9.90
CA SER A 479 7.87 22.93 9.19
C SER A 479 7.07 23.52 8.03
N LYS A 480 6.06 22.82 7.55
CA LYS A 480 5.11 23.39 6.61
C LYS A 480 3.87 23.96 7.32
N ARG A 481 3.88 23.93 8.66
CA ARG A 481 2.76 24.43 9.47
C ARG A 481 1.48 23.67 9.14
N ARG A 482 1.61 22.35 9.03
CA ARG A 482 0.51 21.46 8.76
C ARG A 482 0.44 20.39 9.85
N LYS A 483 -0.70 19.71 9.91
CA LYS A 483 -0.94 18.70 10.90
C LYS A 483 -1.08 17.33 10.24
N LEU A 484 -1.16 16.32 11.10
CA LEU A 484 -1.43 14.96 10.70
C LEU A 484 -2.50 14.37 11.61
N VAL A 485 -3.35 13.52 11.05
CA VAL A 485 -4.34 12.78 11.82
C VAL A 485 -4.04 11.30 11.66
N ALA A 486 -3.98 10.59 12.77
CA ALA A 486 -3.77 9.16 12.78
C ALA A 486 -5.01 8.46 13.31
N ILE A 487 -5.40 7.37 12.66
CA ILE A 487 -6.57 6.60 13.08
C ILE A 487 -6.18 5.73 14.27
N VAL A 488 -7.08 5.68 15.25
CA VAL A 488 -7.00 4.83 16.45
C VAL A 488 -8.40 4.27 16.68
N ASP A 489 -8.61 2.99 16.39
CA ASP A 489 -9.91 2.37 16.58
C ASP A 489 -9.96 1.69 17.93
N PRO A 490 -11.16 1.46 18.47
CA PRO A 490 -11.26 0.86 19.81
C PRO A 490 -11.04 -0.64 19.88
N HIS A 491 -11.04 -1.37 18.78
CA HIS A 491 -10.81 -2.81 18.87
C HIS A 491 -9.29 -3.07 18.99
N ILE A 492 -8.92 -4.01 19.87
CA ILE A 492 -7.53 -4.25 20.22
C ILE A 492 -7.16 -5.67 19.81
N LYS A 493 -6.16 -5.81 18.93
CA LYS A 493 -5.76 -7.13 18.45
C LYS A 493 -5.35 -8.05 19.61
N VAL A 494 -5.92 -9.25 19.63
CA VAL A 494 -5.58 -10.26 20.63
C VAL A 494 -4.19 -10.78 20.28
N ASP A 495 -3.18 -10.34 21.02
CA ASP A 495 -1.78 -10.57 20.63
C ASP A 495 -0.90 -10.38 21.87
N SER A 496 -0.29 -11.47 22.34
CA SER A 496 0.50 -11.39 23.56
C SER A 496 1.77 -10.57 23.38
N GLY A 497 2.16 -10.25 22.16
CA GLY A 497 3.24 -9.32 21.97
C GLY A 497 2.81 -7.86 21.89
N TYR A 498 1.51 -7.61 21.94
CA TYR A 498 0.95 -6.27 21.79
C TYR A 498 0.73 -5.71 23.19
N ARG A 499 1.49 -4.68 23.55
CA ARG A 499 1.49 -4.17 24.93
C ARG A 499 0.12 -3.64 25.34
N VAL A 500 -0.59 -2.99 24.41
CA VAL A 500 -1.91 -2.48 24.73
C VAL A 500 -2.83 -3.62 25.15
N HIS A 501 -2.83 -4.70 24.37
CA HIS A 501 -3.67 -5.85 24.71
C HIS A 501 -3.27 -6.45 26.06
N GLU A 502 -1.96 -6.55 26.31
CA GLU A 502 -1.53 -7.16 27.56
C GLU A 502 -1.95 -6.31 28.76
N GLU A 503 -1.79 -4.99 28.66
CA GLU A 503 -2.24 -4.10 29.73
C GLU A 503 -3.73 -4.22 29.98
N LEU A 504 -4.54 -4.15 28.93
CA LEU A 504 -5.98 -4.18 29.14
C LEU A 504 -6.42 -5.54 29.65
N ARG A 505 -5.82 -6.61 29.12
CA ARG A 505 -6.11 -7.94 29.62
C ARG A 505 -5.72 -8.07 31.08
N ASN A 506 -4.51 -7.64 31.43
CA ASN A 506 -3.99 -7.84 32.78
C ASN A 506 -4.75 -7.01 33.82
N HIS A 507 -5.27 -5.85 33.43
CA HIS A 507 -6.02 -4.99 34.35
C HIS A 507 -7.52 -5.21 34.28
N GLY A 508 -7.97 -6.22 33.52
CA GLY A 508 -9.39 -6.55 33.45
C GLY A 508 -10.24 -5.41 32.91
N LEU A 509 -9.75 -4.68 31.92
CA LEU A 509 -10.46 -3.53 31.38
C LEU A 509 -11.21 -3.84 30.08
N TYR A 510 -11.37 -5.11 29.72
CA TYR A 510 -12.08 -5.49 28.51
C TYR A 510 -13.56 -5.77 28.78
N VAL A 511 -14.38 -5.54 27.75
CA VAL A 511 -15.75 -6.04 27.79
C VAL A 511 -15.73 -7.55 27.94
N LYS A 512 -16.63 -8.06 28.77
CA LYS A 512 -16.63 -9.47 29.15
C LYS A 512 -17.88 -10.18 28.65
N THR A 513 -17.80 -11.50 28.62
CA THR A 513 -18.96 -12.33 28.40
C THR A 513 -19.52 -12.81 29.75
N ARG A 514 -20.68 -13.44 29.70
CA ARG A 514 -21.36 -13.84 30.93
C ARG A 514 -20.56 -14.85 31.74
N ASP A 515 -19.66 -15.61 31.11
CA ASP A 515 -18.87 -16.52 31.91
C ASP A 515 -17.64 -15.84 32.50
N GLY A 516 -17.46 -14.54 32.27
CA GLY A 516 -16.37 -13.82 32.86
C GLY A 516 -15.10 -13.76 32.03
N SER A 517 -15.11 -14.31 30.82
CA SER A 517 -13.91 -14.18 30.01
C SER A 517 -14.00 -12.91 29.17
N ASP A 518 -12.86 -12.49 28.64
CA ASP A 518 -12.85 -11.30 27.81
C ASP A 518 -13.51 -11.60 26.46
N TYR A 519 -14.40 -10.70 26.04
CA TYR A 519 -15.06 -10.85 24.76
C TYR A 519 -14.04 -10.76 23.63
N GLU A 520 -14.18 -11.64 22.66
CA GLU A 520 -13.34 -11.63 21.47
C GLU A 520 -14.24 -11.67 20.25
N GLY A 521 -14.00 -10.75 19.32
CA GLY A 521 -14.71 -10.73 18.05
C GLY A 521 -13.72 -10.54 16.92
N TRP A 522 -14.21 -10.30 15.72
CA TRP A 522 -13.36 -10.14 14.54
C TRP A 522 -13.45 -8.70 14.03
N CYS A 523 -12.29 -8.10 13.75
CA CYS A 523 -12.27 -6.79 13.08
C CYS A 523 -11.01 -6.71 12.22
N TRP A 524 -10.56 -5.50 11.92
CA TRP A 524 -9.45 -5.31 10.99
C TRP A 524 -8.20 -6.13 11.31
N PRO A 525 -7.73 -6.27 12.55
CA PRO A 525 -6.51 -7.06 12.78
C PRO A 525 -6.77 -8.54 12.94
N GLY A 526 -7.96 -9.03 12.61
CA GLY A 526 -8.34 -10.38 12.93
C GLY A 526 -9.06 -10.45 14.27
N SER A 527 -8.76 -11.48 15.04
CA SER A 527 -9.35 -11.62 16.37
C SER A 527 -8.95 -10.43 17.26
N ALA A 528 -9.95 -9.84 17.93
CA ALA A 528 -9.73 -8.62 18.69
C ALA A 528 -10.68 -8.55 19.88
N SER A 529 -10.24 -7.83 20.91
CA SER A 529 -11.07 -7.58 22.08
C SER A 529 -11.44 -6.10 22.16
N TYR A 530 -12.42 -5.81 22.99
CA TYR A 530 -13.03 -4.48 23.03
C TYR A 530 -12.94 -3.90 24.43
N PRO A 531 -12.15 -2.85 24.62
CA PRO A 531 -12.07 -2.22 25.94
C PRO A 531 -13.44 -1.70 26.36
N ASP A 532 -13.70 -1.77 27.66
CA ASP A 532 -15.00 -1.36 28.20
C ASP A 532 -14.93 0.15 28.46
N PHE A 533 -15.20 0.92 27.43
CA PHE A 533 -15.19 2.37 27.56
C PHE A 533 -16.26 2.92 28.49
N THR A 534 -17.29 2.13 28.87
CA THR A 534 -18.19 2.58 29.92
C THR A 534 -17.54 2.59 31.29
N ASN A 535 -16.36 2.00 31.44
CA ASN A 535 -15.66 1.96 32.71
C ASN A 535 -14.76 3.18 32.83
N PRO A 536 -14.96 4.04 33.82
CA PRO A 536 -14.12 5.24 33.92
C PRO A 536 -12.65 4.93 34.11
N ARG A 537 -12.31 3.78 34.71
CA ARG A 537 -10.91 3.39 34.81
C ARG A 537 -10.33 3.10 33.43
N MET A 538 -11.15 2.53 32.54
CA MET A 538 -10.70 2.28 31.18
CA MET A 538 -10.71 2.28 31.17
C MET A 538 -10.50 3.58 30.41
N ARG A 539 -11.43 4.54 30.56
CA ARG A 539 -11.29 5.82 29.86
C ARG A 539 -10.06 6.58 30.33
N ALA A 540 -9.77 6.54 31.64
CA ALA A 540 -8.56 7.17 32.14
C ALA A 540 -7.32 6.50 31.55
N TRP A 541 -7.32 5.17 31.48
CA TRP A 541 -6.21 4.46 30.86
C TRP A 541 -6.05 4.90 29.41
N TRP A 542 -7.15 4.94 28.66
CA TRP A 542 -7.10 5.34 27.26
C TRP A 542 -6.54 6.75 27.13
N SER A 543 -7.07 7.68 27.94
CA SER A 543 -6.59 9.05 27.88
CA SER A 543 -6.60 9.06 27.89
C SER A 543 -5.10 9.13 28.17
N ASN A 544 -4.63 8.40 29.19
CA ASN A 544 -3.21 8.42 29.50
C ASN A 544 -2.37 7.80 28.39
N MET A 545 -2.95 6.89 27.59
CA MET A 545 -2.20 6.28 26.50
C MET A 545 -1.78 7.30 25.45
N PHE A 546 -2.45 8.45 25.38
CA PHE A 546 -2.07 9.46 24.40
C PHE A 546 -0.96 10.39 24.87
N SER A 547 -0.40 10.16 26.06
CA SER A 547 0.74 10.96 26.45
C SER A 547 1.91 10.69 25.49
N PHE A 548 2.71 11.72 25.25
CA PHE A 548 3.81 11.61 24.31
C PHE A 548 4.80 10.51 24.71
N ASP A 549 4.87 10.16 26.00
CA ASP A 549 5.69 9.05 26.45
C ASP A 549 5.07 7.70 26.15
N ASN A 550 3.73 7.61 26.13
CA ASN A 550 3.11 6.31 25.86
C ASN A 550 2.87 6.05 24.38
N TYR A 551 2.35 7.04 23.66
CA TYR A 551 2.10 6.94 22.23
C TYR A 551 3.37 7.40 21.51
N GLU A 552 4.35 6.50 21.48
CA GLU A 552 5.65 6.83 20.91
C GLU A 552 5.51 7.18 19.43
N GLY A 553 6.27 8.19 19.00
CA GLY A 553 6.18 8.69 17.66
C GLY A 553 5.14 9.77 17.44
N SER A 554 4.27 10.02 18.42
CA SER A 554 3.31 11.12 18.32
C SER A 554 3.95 12.42 18.78
N ALA A 555 3.35 13.52 18.33
CA ALA A 555 3.86 14.87 18.57
C ALA A 555 2.67 15.80 18.66
N PRO A 556 2.88 17.06 19.08
CA PRO A 556 1.73 17.98 19.25
C PRO A 556 0.94 18.25 17.99
N ASN A 557 1.51 18.08 16.78
CA ASN A 557 0.73 18.28 15.56
C ASN A 557 0.14 16.97 15.01
N LEU A 558 0.01 15.92 15.83
CA LEU A 558 -0.69 14.70 15.47
C LEU A 558 -2.01 14.66 16.22
N TYR A 559 -3.12 14.50 15.48
CA TYR A 559 -4.46 14.42 16.04
C TYR A 559 -5.09 13.09 15.65
N VAL A 560 -6.34 12.83 16.08
CA VAL A 560 -6.82 11.45 16.11
C VAL A 560 -8.19 11.30 15.45
N TRP A 561 -8.37 10.15 14.81
CA TRP A 561 -9.63 9.73 14.19
C TRP A 561 -10.05 8.43 14.85
N ASN A 562 -11.23 8.41 15.46
CA ASN A 562 -11.81 7.21 16.05
C ASN A 562 -12.83 6.64 15.07
N ASP A 563 -12.57 5.45 14.57
CA ASP A 563 -13.48 4.82 13.60
C ASP A 563 -14.00 3.51 14.18
N MET A 564 -15.01 2.93 13.54
CA MET A 564 -15.49 1.59 13.90
C MET A 564 -15.94 1.52 15.36
N ASN A 565 -16.33 2.64 15.97
CA ASN A 565 -16.61 2.66 17.40
C ASN A 565 -18.09 2.49 17.74
N GLU A 566 -18.87 1.83 16.87
CA GLU A 566 -20.27 1.54 17.18
C GLU A 566 -20.49 0.61 18.37
N PRO A 567 -19.68 -0.43 18.63
CA PRO A 567 -18.47 -0.91 17.97
C PRO A 567 -18.79 -1.83 16.81
N SER A 568 -17.94 -1.80 15.79
CA SER A 568 -18.07 -2.69 14.66
C SER A 568 -17.41 -4.02 15.02
N VAL A 569 -18.14 -5.11 14.84
CA VAL A 569 -17.67 -6.47 15.12
C VAL A 569 -18.05 -7.32 13.94
N PHE A 570 -17.06 -7.75 13.14
CA PHE A 570 -17.34 -8.33 11.83
C PHE A 570 -18.14 -9.63 11.92
N ASN A 571 -17.89 -10.44 12.94
CA ASN A 571 -18.60 -11.71 13.13
C ASN A 571 -19.66 -11.62 14.21
N GLY A 572 -20.10 -10.41 14.56
CA GLY A 572 -21.16 -10.23 15.52
C GLY A 572 -22.50 -10.01 14.86
N PRO A 573 -23.58 -10.12 15.63
CA PRO A 573 -24.92 -9.88 15.07
C PRO A 573 -25.08 -8.45 14.60
N GLU A 574 -25.51 -8.28 13.35
CA GLU A 574 -25.67 -6.97 12.73
C GLU A 574 -24.34 -6.22 12.70
N VAL A 575 -23.25 -6.96 12.68
CA VAL A 575 -21.89 -6.45 12.58
C VAL A 575 -21.54 -5.62 13.81
N THR A 576 -22.13 -5.95 14.97
CA THR A 576 -21.79 -5.26 16.20
C THR A 576 -21.74 -6.29 17.34
N MET A 577 -21.55 -5.78 18.56
CA MET A 577 -21.33 -6.61 19.73
C MET A 577 -22.60 -7.34 20.17
N LEU A 578 -22.42 -8.52 20.79
CA LEU A 578 -23.53 -9.28 21.32
C LEU A 578 -24.25 -8.49 22.42
N LYS A 579 -25.59 -8.56 22.39
CA LYS A 579 -26.44 -7.88 23.36
C LYS A 579 -26.15 -8.27 24.80
N ASP A 580 -25.77 -9.53 25.03
CA ASP A 580 -25.58 -10.04 26.38
C ASP A 580 -24.12 -10.02 26.82
N ALA A 581 -23.27 -9.29 26.10
CA ALA A 581 -21.97 -8.95 26.66
C ALA A 581 -22.17 -8.08 27.89
N VAL A 582 -21.16 -8.07 28.76
CA VAL A 582 -21.30 -7.49 30.10
C VAL A 582 -20.27 -6.38 30.27
N HIS A 583 -20.71 -5.26 30.86
CA HIS A 583 -19.88 -4.08 31.05
C HIS A 583 -19.74 -3.76 32.52
N TYR A 584 -18.98 -2.70 32.79
CA TYR A 584 -18.77 -2.18 34.13
C TYR A 584 -20.08 -2.05 34.90
N GLY A 585 -20.08 -2.52 36.14
CA GLY A 585 -21.28 -2.55 36.97
C GLY A 585 -22.25 -3.68 36.67
N GLY A 586 -21.92 -4.59 35.76
CA GLY A 586 -22.82 -5.66 35.41
C GLY A 586 -23.90 -5.31 34.40
N TRP A 587 -23.90 -4.11 33.85
CA TRP A 587 -24.88 -3.76 32.84
C TRP A 587 -24.62 -4.54 31.55
N GLU A 588 -25.70 -4.84 30.84
CA GLU A 588 -25.56 -5.54 29.58
C GLU A 588 -25.21 -4.58 28.46
N HIS A 589 -24.60 -5.14 27.41
CA HIS A 589 -24.31 -4.33 26.24
C HIS A 589 -25.59 -3.73 25.65
N ARG A 590 -26.71 -4.45 25.76
CA ARG A 590 -27.97 -3.93 25.23
C ARG A 590 -28.39 -2.66 25.95
N ASP A 591 -27.96 -2.48 27.20
CA ASP A 591 -28.32 -1.28 27.96
C ASP A 591 -27.56 -0.04 27.51
N ILE A 592 -26.31 -0.21 27.05
CA ILE A 592 -25.38 0.91 26.92
C ILE A 592 -25.02 1.21 25.48
N HIS A 593 -25.53 0.43 24.52
CA HIS A 593 -24.92 0.34 23.19
C HIS A 593 -24.65 1.71 22.57
N ASN A 594 -25.66 2.59 22.58
CA ASN A 594 -25.55 3.80 21.77
C ASN A 594 -24.63 4.85 22.35
N ILE A 595 -24.10 4.68 23.56
CA ILE A 595 -23.08 5.59 24.09
C ILE A 595 -21.69 4.97 24.07
N TYR A 596 -21.52 3.74 23.58
CA TYR A 596 -20.18 3.16 23.52
C TYR A 596 -19.25 4.04 22.70
N GLY A 597 -19.70 4.46 21.51
CA GLY A 597 -18.86 5.30 20.67
C GLY A 597 -18.55 6.66 21.29
N LEU A 598 -19.56 7.29 21.91
CA LEU A 598 -19.35 8.56 22.57
C LEU A 598 -18.24 8.45 23.61
N TYR A 599 -18.22 7.36 24.37
CA TYR A 599 -17.16 7.19 25.36
C TYR A 599 -15.79 7.07 24.71
N VAL A 600 -15.69 6.44 23.52
CA VAL A 600 -14.40 6.41 22.83
C VAL A 600 -13.98 7.82 22.44
N HIS A 601 -14.90 8.55 21.82
CA HIS A 601 -14.67 9.93 21.41
C HIS A 601 -14.22 10.78 22.59
N MET A 602 -14.93 10.62 23.72
CA MET A 602 -14.64 11.41 24.92
C MET A 602 -13.25 11.09 25.47
N ALA A 603 -12.94 9.81 25.63
CA ALA A 603 -11.65 9.43 26.19
C ALA A 603 -10.49 9.84 25.28
N THR A 604 -10.69 9.77 23.97
CA THR A 604 -9.66 10.21 23.03
C THR A 604 -9.45 11.72 23.16
N ALA A 605 -10.54 12.49 23.16
CA ALA A 605 -10.42 13.93 23.26
C ALA A 605 -9.74 14.34 24.57
N ASP A 606 -10.14 13.71 25.67
CA ASP A 606 -9.48 13.98 26.95
C ASP A 606 -8.00 13.65 26.87
N GLY A 607 -7.63 12.59 26.14
CA GLY A 607 -6.23 12.24 26.01
C GLY A 607 -5.41 13.29 25.29
N LEU A 608 -5.98 13.89 24.23
CA LEU A 608 -5.28 14.96 23.53
C LEU A 608 -5.14 16.21 24.39
N ILE A 609 -6.07 16.44 25.31
CA ILE A 609 -5.95 17.58 26.22
C ILE A 609 -4.89 17.30 27.28
N GLN A 610 -4.97 16.14 27.92
CA GLN A 610 -4.05 15.83 29.02
C GLN A 610 -2.60 15.78 28.55
N ARG A 611 -2.35 15.22 27.36
CA ARG A 611 -0.96 15.09 26.92
C ARG A 611 -0.27 16.44 26.80
N SER A 612 -1.04 17.52 26.62
CA SER A 612 -0.50 18.87 26.53
C SER A 612 -0.42 19.58 27.87
N GLY A 613 -0.75 18.89 28.97
CA GLY A 613 -0.86 19.55 30.25
C GLY A 613 -2.12 20.36 30.41
N GLY A 614 -3.16 20.07 29.64
CA GLY A 614 -4.43 20.76 29.75
C GLY A 614 -4.57 22.02 28.93
N ILE A 615 -3.64 22.32 28.04
CA ILE A 615 -3.59 23.60 27.35
C ILE A 615 -4.18 23.52 25.93
N GLU A 616 -3.89 22.45 25.18
CA GLU A 616 -4.26 22.38 23.78
C GLU A 616 -5.69 21.87 23.60
N ARG A 617 -6.42 22.50 22.70
CA ARG A 617 -7.74 21.98 22.36
C ARG A 617 -7.58 20.72 21.51
N PRO A 618 -8.46 19.75 21.67
CA PRO A 618 -8.35 18.52 20.89
C PRO A 618 -8.93 18.67 19.49
N PHE A 619 -8.56 17.74 18.63
CA PHE A 619 -9.37 17.46 17.44
C PHE A 619 -9.51 15.95 17.29
N VAL A 620 -10.75 15.47 17.39
CA VAL A 620 -11.06 14.06 17.21
C VAL A 620 -12.28 13.96 16.33
N LEU A 621 -12.16 13.21 15.24
CA LEU A 621 -13.30 12.81 14.41
C LEU A 621 -13.79 11.45 14.88
N SER A 622 -15.11 11.30 14.98
CA SER A 622 -15.72 10.04 15.41
C SER A 622 -16.81 9.64 14.42
N ARG A 623 -16.98 8.32 14.24
CA ARG A 623 -18.03 7.81 13.35
C ARG A 623 -19.33 7.56 14.09
N ALA A 624 -19.27 6.86 15.21
CA ALA A 624 -20.43 6.64 16.06
C ALA A 624 -20.56 7.81 17.02
N PHE A 625 -21.80 8.08 17.46
CA PHE A 625 -22.05 9.22 18.32
C PHE A 625 -23.41 9.08 18.97
N PHE A 626 -23.66 9.95 19.95
CA PHE A 626 -24.88 10.01 20.72
C PHE A 626 -25.10 11.46 21.12
N SER A 627 -26.26 11.74 21.72
CA SER A 627 -26.46 13.02 22.40
C SER A 627 -25.26 13.32 23.29
N GLY A 628 -24.71 14.52 23.15
CA GLY A 628 -23.54 14.93 23.88
C GLY A 628 -22.24 14.86 23.11
N SER A 629 -22.22 14.15 21.97
CA SER A 629 -20.99 14.01 21.20
C SER A 629 -20.44 15.33 20.68
N GLN A 630 -21.30 16.35 20.55
CA GLN A 630 -20.83 17.67 20.15
C GLN A 630 -19.74 18.20 21.07
N ARG A 631 -19.69 17.72 22.32
CA ARG A 631 -18.69 18.21 23.26
C ARG A 631 -17.28 17.73 22.93
N PHE A 632 -17.12 16.76 22.03
CA PHE A 632 -15.84 16.08 21.89
C PHE A 632 -15.23 16.18 20.51
N GLY A 633 -15.88 16.88 19.58
CA GLY A 633 -15.26 17.11 18.29
C GLY A 633 -16.18 17.00 17.11
N ALA A 634 -15.75 16.31 16.06
CA ALA A 634 -16.45 16.23 14.78
C ALA A 634 -16.97 14.83 14.54
N VAL A 635 -17.93 14.73 13.61
CA VAL A 635 -18.42 13.47 13.09
C VAL A 635 -18.55 13.61 11.58
N TRP A 636 -18.61 12.47 10.90
CA TRP A 636 -18.91 12.48 9.47
C TRP A 636 -19.85 11.32 9.16
N THR A 637 -20.47 11.37 7.98
CA THR A 637 -21.54 10.44 7.63
C THR A 637 -21.03 9.07 7.13
N GLY A 638 -19.77 8.71 7.42
CA GLY A 638 -19.33 7.35 7.17
C GLY A 638 -19.03 7.06 5.70
N ASP A 639 -19.32 5.82 5.30
CA ASP A 639 -18.87 5.31 4.00
C ASP A 639 -19.94 5.58 2.96
N ASN A 640 -19.90 6.79 2.39
CA ASN A 640 -20.79 7.15 1.32
C ASN A 640 -20.21 6.65 -0.02
N THR A 641 -20.86 7.02 -1.11
CA THR A 641 -20.50 6.50 -2.44
C THR A 641 -20.29 7.65 -3.40
N ALA A 642 -19.33 7.50 -4.31
CA ALA A 642 -19.06 8.50 -5.33
C ALA A 642 -20.19 8.61 -6.36
N GLU A 643 -21.35 9.11 -5.94
CA GLU A 643 -22.45 9.30 -6.87
C GLU A 643 -23.17 10.60 -6.55
N TRP A 644 -23.89 11.11 -7.56
CA TRP A 644 -24.54 12.41 -7.46
C TRP A 644 -25.55 12.45 -6.33
N ASP A 645 -26.31 11.36 -6.12
CA ASP A 645 -27.34 11.41 -5.09
CA ASP A 645 -27.34 11.36 -5.09
C ASP A 645 -26.73 11.37 -3.70
N HIS A 646 -25.56 10.73 -3.53
CA HIS A 646 -24.85 10.81 -2.26
C HIS A 646 -24.30 12.21 -2.01
N LEU A 647 -23.88 12.92 -3.06
CA LEU A 647 -23.52 14.32 -2.91
C LEU A 647 -24.72 15.12 -2.42
N LYS A 648 -25.88 14.92 -3.05
CA LYS A 648 -27.08 15.63 -2.64
C LYS A 648 -27.43 15.36 -1.18
N ILE A 649 -27.34 14.10 -0.76
CA ILE A 649 -27.86 13.76 0.56
C ILE A 649 -26.99 14.29 1.68
N SER A 650 -25.78 14.77 1.38
CA SER A 650 -24.93 15.31 2.42
C SER A 650 -25.58 16.51 3.11
N ILE A 651 -26.36 17.31 2.39
CA ILE A 651 -27.02 18.45 3.01
C ILE A 651 -28.05 18.01 4.04
N PRO A 652 -29.06 17.19 3.71
CA PRO A 652 -30.04 16.82 4.74
C PRO A 652 -29.44 16.03 5.89
N MET A 653 -28.40 15.22 5.62
CA MET A 653 -27.79 14.45 6.69
C MET A 653 -27.07 15.37 7.67
N CYS A 654 -26.27 16.31 7.16
CA CYS A 654 -25.58 17.20 8.11
C CYS A 654 -26.54 18.20 8.74
N LEU A 655 -27.62 18.59 8.03
CA LEU A 655 -28.63 19.46 8.63
C LEU A 655 -29.38 18.76 9.76
N SER A 656 -29.67 17.47 9.62
CA SER A 656 -30.32 16.75 10.71
C SER A 656 -29.39 16.64 11.91
N LEU A 657 -28.08 16.54 11.68
CA LEU A 657 -27.12 16.55 12.77
C LEU A 657 -27.00 17.95 13.40
N ALA A 658 -26.99 19.00 12.58
CA ALA A 658 -26.92 20.37 13.11
C ALA A 658 -28.09 20.67 14.03
N LEU A 659 -29.29 20.24 13.65
CA LEU A 659 -30.47 20.55 14.44
C LEU A 659 -30.40 19.96 15.83
N VAL A 660 -29.65 18.86 16.00
CA VAL A 660 -29.60 18.19 17.30
C VAL A 660 -28.24 18.42 17.96
N GLY A 661 -27.58 19.50 17.60
CA GLY A 661 -26.41 19.97 18.33
C GLY A 661 -25.08 19.56 17.77
N LEU A 662 -25.03 18.68 16.77
CA LEU A 662 -23.74 18.25 16.20
C LEU A 662 -23.43 19.12 15.00
N SER A 663 -22.78 20.26 15.27
CA SER A 663 -22.49 21.24 14.23
C SER A 663 -21.27 20.90 13.40
N PHE A 664 -20.41 20.01 13.88
CA PHE A 664 -19.12 19.75 13.21
C PHE A 664 -19.25 18.48 12.38
N CYS A 665 -19.98 18.61 11.27
CA CYS A 665 -20.42 17.48 10.46
C CYS A 665 -19.93 17.64 9.03
N GLY A 666 -19.74 16.51 8.36
CA GLY A 666 -19.38 16.50 6.95
C GLY A 666 -19.56 15.12 6.35
N ALA A 667 -19.31 15.04 5.05
CA ALA A 667 -19.31 13.78 4.32
C ALA A 667 -18.05 13.69 3.47
N ASP A 668 -17.60 12.45 3.21
CA ASP A 668 -16.40 12.24 2.41
C ASP A 668 -16.54 12.92 1.04
N VAL A 669 -15.62 13.85 0.75
CA VAL A 669 -15.65 14.61 -0.50
C VAL A 669 -15.14 13.72 -1.62
N GLY A 670 -15.96 13.55 -2.65
CA GLY A 670 -15.69 12.62 -3.71
C GLY A 670 -16.33 11.26 -3.52
N GLY A 671 -16.83 10.97 -2.32
CA GLY A 671 -17.42 9.68 -2.04
C GLY A 671 -16.35 8.69 -1.60
N PHE A 672 -16.68 7.86 -0.63
CA PHE A 672 -15.72 6.86 -0.16
C PHE A 672 -15.58 5.69 -1.14
N PHE A 673 -16.70 5.05 -1.49
CA PHE A 673 -16.69 3.95 -2.46
C PHE A 673 -16.68 4.49 -3.88
N LYS A 674 -15.97 3.78 -4.76
CA LYS A 674 -15.96 3.98 -6.21
C LYS A 674 -15.22 5.25 -6.61
N ASN A 675 -15.10 5.46 -7.92
CA ASN A 675 -14.30 6.54 -8.46
C ASN A 675 -15.22 7.62 -9.02
N PRO A 676 -15.18 8.84 -8.51
CA PRO A 676 -16.02 9.88 -9.09
C PRO A 676 -15.44 10.37 -10.41
N GLU A 677 -16.33 10.67 -11.36
CA GLU A 677 -15.94 11.40 -12.55
C GLU A 677 -15.44 12.78 -12.15
N PRO A 678 -14.57 13.40 -12.96
CA PRO A 678 -13.98 14.68 -12.56
C PRO A 678 -14.99 15.75 -12.22
N GLU A 679 -16.09 15.82 -12.98
CA GLU A 679 -17.09 16.86 -12.72
C GLU A 679 -17.76 16.64 -11.38
N LEU A 680 -18.04 15.39 -11.02
CA LEU A 680 -18.62 15.11 -9.72
C LEU A 680 -17.66 15.49 -8.60
N LEU A 681 -16.37 15.23 -8.80
CA LEU A 681 -15.38 15.59 -7.78
C LEU A 681 -15.30 17.11 -7.61
N VAL A 682 -15.35 17.86 -8.72
CA VAL A 682 -15.35 19.32 -8.63
C VAL A 682 -16.56 19.78 -7.82
N ARG A 683 -17.75 19.31 -8.18
CA ARG A 683 -18.96 19.69 -7.47
C ARG A 683 -18.90 19.28 -6.00
N TRP A 684 -18.24 18.17 -5.70
CA TRP A 684 -18.17 17.74 -4.30
C TRP A 684 -17.23 18.64 -3.51
N TYR A 685 -16.13 19.10 -4.13
CA TYR A 685 -15.27 20.06 -3.46
C TYR A 685 -16.02 21.36 -3.20
N GLN A 686 -16.83 21.82 -4.15
CA GLN A 686 -17.58 23.04 -3.96
C GLN A 686 -18.60 22.88 -2.83
N MET A 687 -19.29 21.73 -2.81
CA MET A 687 -20.21 21.41 -1.71
C MET A 687 -19.47 21.31 -0.38
N GLY A 688 -18.39 20.55 -0.34
CA GLY A 688 -17.67 20.36 0.91
C GLY A 688 -17.05 21.64 1.45
N ALA A 689 -16.57 22.51 0.55
CA ALA A 689 -15.99 23.77 0.97
C ALA A 689 -16.95 24.62 1.80
N TYR A 690 -18.27 24.42 1.65
CA TYR A 690 -19.25 25.14 2.43
C TYR A 690 -19.92 24.27 3.48
N GLN A 691 -19.30 23.15 3.85
CA GLN A 691 -19.81 22.32 4.92
C GLN A 691 -18.81 22.29 6.09
N PRO A 692 -19.28 22.06 7.32
CA PRO A 692 -18.39 22.31 8.48
C PRO A 692 -17.13 21.46 8.50
N PHE A 693 -17.22 20.14 8.40
CA PHE A 693 -16.05 19.27 8.36
C PHE A 693 -15.74 18.94 6.90
N PHE A 694 -14.56 19.34 6.44
CA PHE A 694 -14.21 19.40 5.03
C PHE A 694 -13.02 18.46 4.77
N ARG A 695 -13.32 17.19 4.48
CA ARG A 695 -12.29 16.17 4.26
C ARG A 695 -12.60 15.33 3.02
N ALA A 696 -11.62 15.20 2.14
CA ALA A 696 -11.65 14.25 1.04
C ALA A 696 -11.11 12.92 1.51
N HIS A 697 -11.81 11.83 1.18
CA HIS A 697 -11.42 10.51 1.65
C HIS A 697 -11.90 9.49 0.62
N ALA A 698 -11.32 8.28 0.65
CA ALA A 698 -11.52 7.32 -0.44
C ALA A 698 -11.11 5.92 0.00
N HIS A 699 -11.82 4.93 -0.56
CA HIS A 699 -11.62 3.51 -0.29
C HIS A 699 -10.27 3.02 -0.81
N LEU A 700 -9.80 1.90 -0.23
CA LEU A 700 -8.47 1.39 -0.52
C LEU A 700 -8.24 1.15 -2.02
N ASP A 701 -9.26 0.69 -2.73
CA ASP A 701 -9.11 0.25 -4.10
C ASP A 701 -9.51 1.31 -5.12
N THR A 702 -9.82 2.53 -4.67
CA THR A 702 -10.09 3.62 -5.60
C THR A 702 -8.80 4.15 -6.22
N GLY A 703 -8.92 4.75 -7.40
CA GLY A 703 -7.80 5.50 -7.95
C GLY A 703 -7.47 6.71 -7.10
N ARG A 704 -6.20 7.11 -7.12
CA ARG A 704 -5.76 8.33 -6.42
C ARG A 704 -6.51 9.54 -6.98
N ARG A 705 -6.96 10.42 -6.09
CA ARG A 705 -7.69 11.60 -6.56
C ARG A 705 -7.32 12.85 -5.77
N GLU A 706 -6.06 12.96 -5.39
CA GLU A 706 -5.57 14.25 -4.95
C GLU A 706 -5.91 15.30 -6.00
N PRO A 707 -6.28 16.51 -5.60
CA PRO A 707 -6.99 17.41 -6.53
C PRO A 707 -6.14 17.93 -7.68
N TRP A 708 -4.82 17.87 -7.60
CA TRP A 708 -3.98 18.27 -8.74
C TRP A 708 -3.80 17.16 -9.78
N LEU A 709 -4.34 15.97 -9.56
CA LEU A 709 -4.20 14.92 -10.57
C LEU A 709 -5.23 15.06 -11.69
N LEU A 710 -6.12 16.05 -11.62
CA LEU A 710 -7.12 16.23 -12.65
C LEU A 710 -6.62 17.20 -13.72
N ALA A 711 -7.33 17.21 -14.85
CA ALA A 711 -7.06 18.20 -15.89
C ALA A 711 -7.24 19.60 -15.33
N SER A 712 -6.53 20.55 -15.95
CA SER A 712 -6.35 21.88 -15.37
C SER A 712 -7.68 22.58 -15.08
N GLN A 713 -8.67 22.44 -15.97
CA GLN A 713 -9.95 23.11 -15.73
C GLN A 713 -10.61 22.60 -14.46
N TYR A 714 -10.48 21.30 -14.17
CA TYR A 714 -11.02 20.79 -12.92
C TYR A 714 -10.15 21.20 -11.72
N GLN A 715 -8.83 21.17 -11.88
CA GLN A 715 -7.95 21.69 -10.83
C GLN A 715 -8.30 23.13 -10.48
N ASP A 716 -8.55 23.95 -11.50
CA ASP A 716 -8.78 25.38 -11.25
C ASP A 716 -10.05 25.60 -10.46
N ALA A 717 -11.14 24.92 -10.83
CA ALA A 717 -12.38 25.07 -10.09
C ALA A 717 -12.24 24.61 -8.64
N ILE A 718 -11.49 23.52 -8.43
CA ILE A 718 -11.28 22.99 -7.09
C ILE A 718 -10.43 23.94 -6.26
N ARG A 719 -9.35 24.47 -6.85
CA ARG A 719 -8.53 25.46 -6.17
C ARG A 719 -9.37 26.68 -5.80
N ASP A 720 -10.23 27.14 -6.70
CA ASP A 720 -11.13 28.25 -6.39
C ASP A 720 -12.00 27.91 -5.18
N ALA A 721 -12.51 26.68 -5.11
CA ALA A 721 -13.31 26.30 -3.96
C ALA A 721 -12.49 26.29 -2.69
N LEU A 722 -11.24 25.80 -2.77
CA LEU A 722 -10.38 25.79 -1.58
C LEU A 722 -10.07 27.21 -1.11
N PHE A 723 -9.80 28.12 -2.06
CA PHE A 723 -9.53 29.50 -1.71
C PHE A 723 -10.73 30.15 -1.03
N GLN A 724 -11.94 29.91 -1.54
CA GLN A 724 -13.13 30.46 -0.91
C GLN A 724 -13.24 29.98 0.53
N ARG A 725 -12.99 28.68 0.76
CA ARG A 725 -13.11 28.14 2.11
C ARG A 725 -12.10 28.80 3.05
N TYR A 726 -10.84 28.88 2.62
CA TYR A 726 -9.80 29.46 3.46
C TYR A 726 -10.06 30.94 3.70
N SER A 727 -10.54 31.66 2.68
CA SER A 727 -10.92 33.06 2.87
C SER A 727 -11.97 33.24 3.96
N LEU A 728 -12.86 32.26 4.11
CA LEU A 728 -14.00 32.37 5.02
C LEU A 728 -13.71 31.85 6.42
N LEU A 729 -12.49 31.38 6.68
CA LEU A 729 -12.16 30.87 8.01
C LEU A 729 -12.52 31.82 9.15
N PRO A 730 -12.30 33.14 9.09
CA PRO A 730 -12.73 33.98 10.21
C PRO A 730 -14.22 33.91 10.47
N PHE A 731 -15.00 33.80 9.40
CA PHE A 731 -16.45 33.66 9.51
C PHE A 731 -16.84 32.31 10.11
N TRP A 732 -16.23 31.22 9.60
CA TRP A 732 -16.44 29.89 10.15
C TRP A 732 -16.08 29.85 11.64
N TYR A 733 -14.94 30.43 11.99
CA TYR A 733 -14.46 30.39 13.37
C TYR A 733 -15.42 31.11 14.30
N THR A 734 -15.97 32.23 13.85
CA THR A 734 -16.95 32.97 14.65
C THR A 734 -18.25 32.19 14.81
N LEU A 735 -18.73 31.55 13.73
CA LEU A 735 -19.94 30.74 13.85
C LEU A 735 -19.74 29.62 14.84
N PHE A 736 -18.55 29.01 14.84
CA PHE A 736 -18.30 27.94 15.80
C PHE A 736 -18.16 28.49 17.20
N TYR A 737 -17.63 29.71 17.35
CA TYR A 737 -17.62 30.31 18.69
C TYR A 737 -19.04 30.57 19.16
N GLN A 738 -19.90 31.05 18.27
CA GLN A 738 -21.31 31.22 18.63
C GLN A 738 -21.99 29.89 18.93
N ALA A 739 -21.65 28.82 18.19
CA ALA A 739 -22.18 27.50 18.54
C ALA A 739 -21.68 27.05 19.91
N HIS A 740 -20.40 27.33 20.21
CA HIS A 740 -19.81 26.90 21.47
C HIS A 740 -20.41 27.62 22.67
N LYS A 741 -20.72 28.90 22.52
CA LYS A 741 -21.24 29.71 23.62
C LYS A 741 -22.75 29.59 23.79
N GLU A 742 -23.49 29.55 22.68
CA GLU A 742 -24.94 29.66 22.72
C GLU A 742 -25.67 28.38 22.38
N GLY A 743 -25.03 27.42 21.71
CA GLY A 743 -25.71 26.23 21.23
C GLY A 743 -26.44 26.38 19.92
N PHE A 744 -26.18 27.44 19.15
CA PHE A 744 -26.83 27.63 17.85
C PHE A 744 -26.06 26.86 16.77
N PRO A 745 -26.75 26.14 15.89
CA PRO A 745 -26.05 25.39 14.83
C PRO A 745 -25.36 26.29 13.81
N VAL A 746 -24.24 25.80 13.29
CA VAL A 746 -23.48 26.54 12.29
C VAL A 746 -24.18 26.47 10.93
N MET A 747 -24.41 25.26 10.43
CA MET A 747 -25.13 25.01 9.18
C MET A 747 -26.62 24.87 9.50
N ARG A 748 -27.48 25.58 8.77
CA ARG A 748 -28.89 25.67 9.18
C ARG A 748 -29.86 25.52 8.02
N PRO A 749 -30.98 24.84 8.23
CA PRO A 749 -32.04 24.85 7.23
C PRO A 749 -32.61 26.24 7.08
N LEU A 750 -33.14 26.51 5.89
CA LEU A 750 -33.75 27.82 5.66
C LEU A 750 -34.87 28.10 6.65
N TRP A 751 -35.59 27.07 7.10
CA TRP A 751 -36.72 27.33 7.99
C TRP A 751 -36.29 27.82 9.36
N VAL A 752 -35.06 27.56 9.77
CA VAL A 752 -34.59 28.08 11.05
C VAL A 752 -34.50 29.59 11.01
N GLN A 753 -34.09 30.15 9.86
CA GLN A 753 -34.03 31.59 9.67
C GLN A 753 -35.35 32.18 9.18
N TYR A 754 -36.24 31.37 8.61
CA TYR A 754 -37.51 31.86 8.06
C TYR A 754 -38.65 30.99 8.56
N PRO A 755 -38.88 30.99 9.89
CA PRO A 755 -39.83 30.02 10.47
C PRO A 755 -41.26 30.20 10.00
N GLU A 756 -41.63 31.35 9.46
CA GLU A 756 -42.99 31.57 9.00
C GLU A 756 -43.18 31.32 7.52
N ASP A 757 -42.11 31.04 6.78
CA ASP A 757 -42.22 30.76 5.35
C ASP A 757 -42.36 29.25 5.16
N MET A 758 -43.61 28.80 5.04
CA MET A 758 -43.91 27.38 4.95
C MET A 758 -43.26 26.72 3.74
N SER A 759 -42.96 27.49 2.71
CA SER A 759 -42.33 26.88 1.54
C SER A 759 -40.86 26.52 1.79
N THR A 760 -40.31 26.83 2.97
CA THR A 760 -38.94 26.44 3.28
C THR A 760 -38.87 25.19 4.14
N PHE A 761 -40.01 24.70 4.63
CA PHE A 761 -39.99 23.71 5.71
C PHE A 761 -39.36 22.38 5.30
N SER A 762 -39.29 22.08 4.00
CA SER A 762 -38.71 20.84 3.52
C SER A 762 -37.46 21.04 2.67
N ILE A 763 -37.02 22.28 2.45
CA ILE A 763 -35.90 22.53 1.55
C ILE A 763 -34.65 21.84 2.08
N GLU A 764 -33.97 21.09 1.21
CA GLU A 764 -32.75 20.40 1.59
C GLU A 764 -31.72 20.40 0.48
N ASP A 765 -31.93 21.17 -0.59
CA ASP A 765 -30.91 21.39 -1.61
C ASP A 765 -30.26 22.76 -1.48
N GLN A 766 -30.45 23.39 -0.31
CA GLN A 766 -30.00 24.74 -0.01
C GLN A 766 -29.79 24.78 1.50
N PHE A 767 -28.88 25.65 1.94
CA PHE A 767 -28.73 25.80 3.38
C PHE A 767 -28.13 27.16 3.68
N MET A 768 -28.15 27.50 4.96
CA MET A 768 -27.54 28.73 5.39
C MET A 768 -26.39 28.43 6.33
N LEU A 769 -25.42 29.34 6.32
CA LEU A 769 -24.33 29.37 7.30
C LEU A 769 -24.61 30.58 8.19
N GLY A 770 -24.93 30.32 9.45
CA GLY A 770 -25.43 31.37 10.30
C GLY A 770 -26.67 31.99 9.70
N ASP A 771 -26.75 33.33 9.79
CA ASP A 771 -27.82 34.08 9.16
C ASP A 771 -27.35 34.85 7.94
N ALA A 772 -26.07 34.70 7.55
CA ALA A 772 -25.44 35.62 6.61
C ALA A 772 -25.32 35.08 5.19
N LEU A 773 -25.05 33.79 5.03
CA LEU A 773 -24.76 33.22 3.72
C LEU A 773 -25.78 32.12 3.39
N LEU A 774 -26.35 32.21 2.21
CA LEU A 774 -27.22 31.18 1.66
C LEU A 774 -26.46 30.46 0.55
N ILE A 775 -26.41 29.13 0.62
CA ILE A 775 -25.59 28.32 -0.28
C ILE A 775 -26.51 27.38 -1.05
N HIS A 776 -26.34 27.31 -2.37
CA HIS A 776 -27.03 26.33 -3.21
C HIS A 776 -26.01 25.69 -4.15
N PRO A 777 -25.25 24.71 -3.68
CA PRO A 777 -24.24 24.08 -4.54
C PRO A 777 -24.88 23.34 -5.70
N VAL A 778 -24.17 23.32 -6.83
CA VAL A 778 -24.64 22.55 -7.98
C VAL A 778 -24.44 21.05 -7.69
N SER A 779 -25.51 20.28 -7.84
CA SER A 779 -25.48 18.85 -7.54
C SER A 779 -26.13 18.02 -8.65
N ASP A 780 -25.97 18.43 -9.91
CA ASP A 780 -26.40 17.64 -11.05
C ASP A 780 -25.35 17.73 -12.15
N ALA A 781 -25.06 16.60 -12.79
CA ALA A 781 -24.09 16.55 -13.88
C ALA A 781 -24.57 17.40 -15.05
N GLY A 782 -23.66 18.18 -15.63
CA GLY A 782 -23.98 18.98 -16.80
C GLY A 782 -25.06 20.04 -16.61
N ALA A 783 -25.30 20.49 -15.39
CA ALA A 783 -26.33 21.51 -15.18
C ALA A 783 -25.94 22.82 -15.86
N HIS A 784 -26.94 23.51 -16.40
CA HIS A 784 -26.76 24.83 -16.99
C HIS A 784 -27.19 25.94 -16.04
N GLY A 785 -27.95 25.60 -15.00
CA GLY A 785 -28.37 26.58 -14.02
C GLY A 785 -28.97 25.88 -12.81
N VAL A 786 -29.26 26.68 -11.79
CA VAL A 786 -29.97 26.20 -10.61
C VAL A 786 -31.11 27.16 -10.30
N GLN A 787 -32.08 26.65 -9.57
CA GLN A 787 -33.18 27.43 -9.04
C GLN A 787 -32.88 27.70 -7.58
N VAL A 788 -32.67 28.98 -7.24
CA VAL A 788 -32.31 29.37 -5.88
C VAL A 788 -33.51 30.06 -5.26
N TYR A 789 -34.01 29.51 -4.16
CA TYR A 789 -35.06 30.18 -3.42
C TYR A 789 -34.42 31.18 -2.45
N LEU A 790 -34.68 32.47 -2.67
CA LEU A 790 -34.17 33.55 -1.84
C LEU A 790 -35.30 34.04 -0.95
N PRO A 791 -35.32 33.70 0.32
CA PRO A 791 -36.49 34.00 1.16
C PRO A 791 -36.46 35.38 1.81
N GLY A 792 -37.53 35.71 2.53
CA GLY A 792 -37.61 36.93 3.30
C GLY A 792 -38.38 38.06 2.65
N GLN A 793 -39.51 38.45 3.24
CA GLN A 793 -40.20 39.65 2.77
C GLN A 793 -39.38 40.88 3.13
N GLU A 794 -39.24 41.80 2.17
CA GLU A 794 -38.41 42.99 2.33
C GLU A 794 -36.94 42.64 2.60
N GLU A 795 -36.48 41.53 2.07
CA GLU A 795 -35.09 41.09 2.22
C GLU A 795 -34.39 41.19 0.88
N VAL A 796 -33.11 41.54 0.91
CA VAL A 796 -32.28 41.53 -0.29
C VAL A 796 -31.13 40.56 -0.09
N TRP A 797 -30.61 40.06 -1.20
CA TRP A 797 -29.53 39.09 -1.20
C TRP A 797 -28.52 39.51 -2.27
N TYR A 798 -27.24 39.41 -1.95
CA TYR A 798 -26.18 39.78 -2.88
C TYR A 798 -25.47 38.54 -3.37
N ASP A 799 -25.50 38.32 -4.69
CA ASP A 799 -24.67 37.31 -5.34
C ASP A 799 -23.22 37.68 -5.11
N ILE A 800 -22.47 36.87 -4.37
CA ILE A 800 -21.12 37.30 -3.98
C ILE A 800 -20.13 37.25 -5.13
N GLN A 801 -20.48 36.58 -6.24
CA GLN A 801 -19.60 36.58 -7.39
C GLN A 801 -19.78 37.84 -8.24
N SER A 802 -21.01 38.20 -8.55
CA SER A 802 -21.33 39.34 -9.42
C SER A 802 -21.70 40.60 -8.67
N TYR A 803 -22.05 40.50 -7.39
CA TYR A 803 -22.51 41.60 -6.55
C TYR A 803 -23.92 42.04 -6.89
N GLN A 804 -24.60 41.33 -7.79
CA GLN A 804 -25.97 41.67 -8.15
C GLN A 804 -26.88 41.52 -6.93
N LYS A 805 -27.74 42.51 -6.71
CA LYS A 805 -28.69 42.47 -5.60
C LYS A 805 -30.00 41.84 -6.06
N HIS A 806 -30.61 41.02 -5.22
CA HIS A 806 -31.86 40.35 -5.53
C HIS A 806 -32.82 40.50 -4.35
N HIS A 807 -34.07 40.81 -4.65
CA HIS A 807 -35.09 40.97 -3.62
C HIS A 807 -35.81 39.66 -3.36
N GLY A 808 -36.03 39.37 -2.08
CA GLY A 808 -36.82 38.23 -1.68
C GLY A 808 -38.26 38.61 -1.39
N PRO A 809 -39.18 37.64 -1.41
CA PRO A 809 -38.95 36.24 -1.77
C PRO A 809 -39.09 36.00 -3.27
N GLN A 810 -38.24 35.14 -3.80
CA GLN A 810 -38.33 34.74 -5.20
C GLN A 810 -37.55 33.46 -5.37
N THR A 811 -37.86 32.74 -6.45
CA THR A 811 -37.04 31.63 -6.92
C THR A 811 -36.29 32.18 -8.13
N LEU A 812 -34.98 32.29 -7.99
CA LEU A 812 -34.14 32.87 -9.03
C LEU A 812 -33.49 31.76 -9.82
N TYR A 813 -33.61 31.82 -11.15
CA TYR A 813 -32.89 30.91 -12.02
C TYR A 813 -31.54 31.51 -12.32
N LEU A 814 -30.49 30.81 -11.92
CA LEU A 814 -29.14 31.34 -12.00
C LEU A 814 -28.32 30.42 -12.89
N PRO A 815 -27.84 30.90 -14.03
CA PRO A 815 -26.95 30.08 -14.86
C PRO A 815 -25.63 29.81 -14.14
N VAL A 816 -25.06 28.62 -14.39
CA VAL A 816 -23.81 28.22 -13.74
C VAL A 816 -22.86 27.65 -14.79
N THR A 817 -21.57 27.72 -14.45
CA THR A 817 -20.52 26.99 -15.17
C THR A 817 -19.85 26.05 -14.16
N LEU A 818 -18.75 25.41 -14.59
CA LEU A 818 -18.07 24.45 -13.73
C LEU A 818 -17.53 25.10 -12.47
N SER A 819 -17.12 26.36 -12.54
CA SER A 819 -16.53 27.05 -11.40
C SER A 819 -17.54 27.74 -10.51
N SER A 820 -18.83 27.65 -10.82
CA SER A 820 -19.86 28.33 -10.05
C SER A 820 -20.11 27.63 -8.73
N ILE A 821 -20.13 28.42 -7.65
CA ILE A 821 -20.71 28.00 -6.38
C ILE A 821 -21.74 29.05 -5.99
N PRO A 822 -23.03 28.78 -6.21
CA PRO A 822 -24.08 29.77 -5.89
C PRO A 822 -24.12 30.11 -4.41
N VAL A 823 -23.63 31.30 -4.06
CA VAL A 823 -23.57 31.78 -2.69
C VAL A 823 -24.08 33.21 -2.66
N PHE A 824 -24.97 33.50 -1.72
CA PHE A 824 -25.56 34.83 -1.58
C PHE A 824 -25.37 35.30 -0.14
N GLN A 825 -25.01 36.56 0.02
CA GLN A 825 -24.89 37.17 1.34
C GLN A 825 -26.17 37.96 1.62
N ARG A 826 -26.72 37.77 2.81
CA ARG A 826 -27.96 38.42 3.19
C ARG A 826 -27.73 39.90 3.50
N GLY A 827 -28.62 40.76 3.01
CA GLY A 827 -28.56 42.15 3.40
C GLY A 827 -28.72 42.29 4.90
N GLY A 828 -27.99 43.23 5.48
CA GLY A 828 -27.96 43.41 6.92
C GLY A 828 -26.86 42.65 7.64
N THR A 829 -25.91 42.07 6.91
CA THR A 829 -24.86 41.25 7.52
C THR A 829 -23.49 41.76 7.12
N ILE A 830 -22.50 41.42 7.96
CA ILE A 830 -21.10 41.79 7.75
C ILE A 830 -20.28 40.51 7.94
N VAL A 831 -19.57 40.10 6.90
CA VAL A 831 -18.85 38.83 6.85
C VAL A 831 -17.35 39.12 6.84
N PRO A 832 -16.59 38.60 7.80
CA PRO A 832 -15.14 38.82 7.80
C PRO A 832 -14.40 37.73 7.05
N ARG A 833 -13.43 38.16 6.25
CA ARG A 833 -12.66 37.25 5.41
C ARG A 833 -11.17 37.58 5.50
N TRP A 834 -10.35 36.52 5.36
CA TRP A 834 -8.91 36.63 5.09
C TRP A 834 -8.73 36.49 3.59
N MET A 835 -8.45 37.59 2.90
CA MET A 835 -8.30 37.54 1.45
C MET A 835 -6.91 37.10 1.02
N ARG A 836 -5.97 36.95 1.96
CA ARG A 836 -4.62 36.47 1.63
C ARG A 836 -4.60 34.97 1.91
N VAL A 837 -4.96 34.18 0.90
CA VAL A 837 -4.96 32.73 1.06
C VAL A 837 -3.53 32.22 1.03
N ARG A 838 -3.14 31.49 2.07
CA ARG A 838 -1.82 30.90 2.19
C ARG A 838 -1.97 29.38 2.21
N ARG A 839 -0.86 28.68 2.48
CA ARG A 839 -0.87 27.23 2.29
C ARG A 839 -1.58 26.47 3.41
N SER A 840 -1.76 27.09 4.56
CA SER A 840 -2.50 26.47 5.66
C SER A 840 -3.00 27.58 6.58
N SER A 841 -3.91 27.21 7.48
CA SER A 841 -4.52 28.22 8.32
C SER A 841 -3.52 28.78 9.32
N ASP A 842 -2.60 27.95 9.83
CA ASP A 842 -1.57 28.45 10.74
C ASP A 842 -0.81 29.61 10.12
N CYS A 843 -0.55 29.54 8.81
CA CYS A 843 0.16 30.62 8.13
C CYS A 843 -0.65 31.90 8.11
N MET A 844 -1.97 31.80 8.22
CA MET A 844 -2.84 32.93 8.01
C MET A 844 -3.25 33.66 9.30
N LYS A 845 -2.92 33.12 10.47
CA LYS A 845 -3.68 33.54 11.64
C LYS A 845 -3.27 34.90 12.20
N ASP A 846 -2.23 35.55 11.64
CA ASP A 846 -1.94 36.94 11.99
C ASP A 846 -2.30 37.90 10.88
N ASP A 847 -2.99 37.45 9.85
CA ASP A 847 -3.21 38.28 8.67
C ASP A 847 -4.37 39.25 8.85
N PRO A 848 -4.39 40.32 8.05
CA PRO A 848 -5.47 41.31 8.17
C PRO A 848 -6.79 40.81 7.60
N ILE A 849 -7.87 41.42 8.09
CA ILE A 849 -9.25 41.06 7.76
C ILE A 849 -9.80 42.03 6.73
N THR A 850 -10.59 41.51 5.79
CA THR A 850 -11.46 42.31 4.94
C THR A 850 -12.90 42.11 5.40
N LEU A 851 -13.64 43.19 5.60
CA LEU A 851 -15.03 43.13 6.04
C LEU A 851 -15.98 43.36 4.86
N PHE A 852 -16.90 42.44 4.65
CA PHE A 852 -17.86 42.51 3.56
C PHE A 852 -19.21 42.90 4.16
N VAL A 853 -19.61 44.15 3.93
CA VAL A 853 -20.82 44.72 4.50
C VAL A 853 -21.91 44.68 3.44
N ALA A 854 -22.99 43.95 3.71
CA ALA A 854 -24.13 43.86 2.79
C ALA A 854 -25.28 44.65 3.39
N LEU A 855 -25.60 45.79 2.78
CA LEU A 855 -26.54 46.72 3.39
C LEU A 855 -27.97 46.21 3.25
N SER A 856 -28.72 46.30 4.34
CA SER A 856 -30.15 46.01 4.32
C SER A 856 -30.87 47.08 3.48
N PRO A 857 -32.16 46.89 3.20
CA PRO A 857 -32.91 47.98 2.55
C PRO A 857 -32.96 49.23 3.41
N GLN A 858 -32.84 49.07 4.73
CA GLN A 858 -32.76 50.21 5.65
C GLN A 858 -31.37 50.81 5.72
N GLY A 859 -30.43 50.36 4.89
CA GLY A 859 -29.06 50.83 4.95
C GLY A 859 -28.29 50.42 6.19
N THR A 860 -28.61 49.27 6.77
CA THR A 860 -27.94 48.81 7.99
C THR A 860 -27.33 47.42 7.79
N ALA A 861 -26.44 47.06 8.71
CA ALA A 861 -25.84 45.74 8.77
C ALA A 861 -25.16 45.57 10.12
N GLN A 862 -24.88 44.33 10.48
CA GLN A 862 -24.20 44.01 11.74
C GLN A 862 -23.53 42.65 11.61
N GLY A 863 -22.45 42.45 12.36
CA GLY A 863 -21.75 41.18 12.37
C GLY A 863 -20.83 41.09 13.57
N GLU A 864 -20.28 39.89 13.77
CA GLU A 864 -19.33 39.64 14.84
C GLU A 864 -18.09 38.98 14.28
N LEU A 865 -17.04 38.98 15.09
CA LEU A 865 -15.78 38.32 14.76
C LEU A 865 -15.13 37.87 16.06
N PHE A 866 -14.80 36.58 16.13
CA PHE A 866 -14.09 36.00 17.27
C PHE A 866 -12.65 35.69 16.86
N LEU A 867 -11.71 36.00 17.75
CA LEU A 867 -10.29 35.75 17.51
C LEU A 867 -9.65 35.26 18.81
N ASP A 868 -8.69 34.35 18.69
CA ASP A 868 -7.89 33.90 19.83
C ASP A 868 -6.58 33.35 19.29
N ASP A 869 -5.85 32.57 20.09
CA ASP A 869 -4.57 32.04 19.59
C ASP A 869 -4.74 30.92 18.57
N GLY A 870 -5.98 30.42 18.40
CA GLY A 870 -6.26 29.44 17.36
C GLY A 870 -6.19 28.00 17.79
N HIS A 871 -5.78 27.69 19.02
CA HIS A 871 -5.61 26.29 19.36
C HIS A 871 -5.60 25.95 20.86
N THR A 872 -5.59 26.92 21.77
CA THR A 872 -5.56 26.56 23.18
C THR A 872 -6.88 26.90 23.87
N PHE A 873 -6.95 26.52 25.15
CA PHE A 873 -8.04 26.90 26.02
C PHE A 873 -7.82 28.26 26.70
N ASN A 874 -6.83 29.05 26.26
CA ASN A 874 -6.58 30.36 26.88
C ASN A 874 -7.78 31.30 26.76
N TYR A 875 -8.57 31.19 25.69
CA TYR A 875 -9.77 32.03 25.57
C TYR A 875 -10.65 31.88 26.81
N GLN A 876 -10.65 30.69 27.39
CA GLN A 876 -11.50 30.32 28.53
C GLN A 876 -10.79 30.49 29.87
N THR A 877 -9.56 30.01 30.00
CA THR A 877 -8.87 30.05 31.28
C THR A 877 -8.24 31.40 31.56
N ARG A 878 -7.96 32.19 30.54
CA ARG A 878 -7.30 33.47 30.70
C ARG A 878 -8.06 34.60 30.02
N HIS A 879 -9.20 34.32 29.41
CA HIS A 879 -9.98 35.30 28.65
C HIS A 879 -9.12 35.98 27.59
N GLU A 880 -8.24 35.20 26.98
CA GLU A 880 -7.37 35.72 25.92
C GLU A 880 -8.05 35.46 24.57
N PHE A 881 -8.79 36.46 24.10
CA PHE A 881 -9.59 36.38 22.90
C PHE A 881 -10.15 37.76 22.61
N LEU A 882 -10.67 37.95 21.40
CA LEU A 882 -11.42 39.13 21.05
C LEU A 882 -12.78 38.71 20.50
N LEU A 883 -13.82 39.43 20.89
CA LEU A 883 -15.12 39.32 20.22
C LEU A 883 -15.51 40.74 19.84
N ARG A 884 -15.51 41.02 18.54
CA ARG A 884 -15.81 42.34 18.00
C ARG A 884 -17.24 42.36 17.46
N ARG A 885 -17.89 43.51 17.62
CA ARG A 885 -19.15 43.80 16.94
C ARG A 885 -18.88 44.83 15.87
N PHE A 886 -19.30 44.53 14.64
CA PHE A 886 -19.30 45.51 13.56
C PHE A 886 -20.73 45.88 13.25
N SER A 887 -21.01 47.17 13.16
CA SER A 887 -22.37 47.60 12.87
C SER A 887 -22.35 48.83 11.97
N PHE A 888 -23.29 48.86 11.02
CA PHE A 888 -23.41 49.94 10.06
C PHE A 888 -24.83 50.47 10.14
N SER A 889 -24.95 51.79 10.24
CA SER A 889 -26.24 52.49 10.17
C SER A 889 -25.96 53.96 9.88
N GLY A 890 -26.95 54.61 9.28
CA GLY A 890 -26.75 55.95 8.79
C GLY A 890 -25.75 55.90 7.66
N SER A 891 -24.57 56.42 7.90
CA SER A 891 -23.48 56.27 6.93
C SER A 891 -22.18 55.96 7.65
N THR A 892 -22.26 55.25 8.77
CA THR A 892 -21.13 55.02 9.65
C THR A 892 -20.96 53.53 9.95
N LEU A 893 -19.74 53.04 9.79
CA LEU A 893 -19.37 51.69 10.20
C LEU A 893 -18.61 51.78 11.52
N VAL A 894 -19.08 51.03 12.52
CA VAL A 894 -18.49 51.10 13.85
C VAL A 894 -17.99 49.72 14.26
N SER A 895 -16.80 49.68 14.85
CA SER A 895 -16.28 48.51 15.52
C SER A 895 -16.26 48.75 17.03
N SER A 896 -16.89 47.85 17.78
CA SER A 896 -16.91 47.91 19.23
C SER A 896 -16.70 46.51 19.80
N SER A 897 -16.53 46.43 21.11
CA SER A 897 -16.37 45.15 21.78
C SER A 897 -17.72 44.50 22.04
N ALA A 898 -17.88 43.25 21.63
CA ALA A 898 -19.06 42.48 22.00
C ALA A 898 -18.87 41.69 23.28
N ASP A 899 -17.65 41.68 23.82
CA ASP A 899 -17.35 41.07 25.11
C ASP A 899 -16.10 41.72 25.68
N PRO A 900 -16.26 42.64 26.64
CA PRO A 900 -15.09 43.37 27.15
C PRO A 900 -14.13 42.53 27.97
N LYS A 901 -14.55 41.36 28.44
CA LYS A 901 -13.65 40.50 29.19
C LYS A 901 -12.50 40.00 28.34
N GLY A 902 -12.67 39.99 27.02
CA GLY A 902 -11.66 39.44 26.14
C GLY A 902 -10.64 40.44 25.65
N HIS A 903 -9.38 40.18 25.94
CA HIS A 903 -8.26 40.94 25.37
C HIS A 903 -7.29 39.96 24.73
N LEU A 904 -6.58 40.42 23.71
CA LEU A 904 -5.71 39.54 22.95
C LEU A 904 -4.58 40.34 22.32
N GLU A 905 -3.37 39.81 22.42
CA GLU A 905 -2.24 40.39 21.70
C GLU A 905 -2.20 39.78 20.30
N THR A 906 -2.42 40.61 19.29
CA THR A 906 -2.53 40.13 17.92
C THR A 906 -2.12 41.26 16.99
N PRO A 907 -1.40 40.96 15.90
CA PRO A 907 -1.18 41.98 14.87
C PRO A 907 -2.30 42.12 13.86
N ILE A 908 -3.41 41.38 14.01
CA ILE A 908 -4.46 41.42 13.00
C ILE A 908 -5.03 42.83 12.90
N TRP A 909 -5.16 43.32 11.68
CA TRP A 909 -5.67 44.65 11.43
C TRP A 909 -6.71 44.59 10.30
N ILE A 910 -7.38 45.71 10.07
CA ILE A 910 -8.42 45.81 9.05
C ILE A 910 -7.79 46.40 7.80
N GLU A 911 -7.58 45.57 6.77
CA GLU A 911 -6.94 46.05 5.55
C GLU A 911 -7.93 46.54 4.51
N ARG A 912 -9.22 46.26 4.66
CA ARG A 912 -10.15 46.60 3.59
C ARG A 912 -11.58 46.45 4.09
N VAL A 913 -12.45 47.30 3.58
CA VAL A 913 -13.90 47.19 3.78
C VAL A 913 -14.56 47.21 2.41
N VAL A 914 -15.44 46.23 2.16
CA VAL A 914 -16.22 46.15 0.93
C VAL A 914 -17.68 46.31 1.31
N ILE A 915 -18.33 47.31 0.73
CA ILE A 915 -19.71 47.64 1.07
C ILE A 915 -20.55 47.47 -0.18
N MET A 916 -21.52 46.56 -0.11
CA MET A 916 -22.41 46.26 -1.23
C MET A 916 -23.73 47.00 -1.02
N GLY A 917 -24.21 47.63 -2.09
CA GLY A 917 -25.43 48.39 -2.00
C GLY A 917 -25.25 49.81 -1.52
N ALA A 918 -24.10 50.42 -1.80
CA ALA A 918 -23.77 51.76 -1.32
C ALA A 918 -23.57 52.70 -2.49
N GLY A 919 -23.89 53.98 -2.26
CA GLY A 919 -23.62 55.02 -3.22
C GLY A 919 -22.19 55.54 -3.09
N LYS A 920 -21.84 56.44 -4.01
CA LYS A 920 -20.53 57.07 -3.98
C LYS A 920 -20.48 58.13 -2.89
N PRO A 921 -19.56 58.04 -1.93
CA PRO A 921 -19.41 59.11 -0.96
C PRO A 921 -18.56 60.23 -1.52
N ALA A 922 -18.69 61.41 -0.91
CA ALA A 922 -17.81 62.51 -1.27
C ALA A 922 -16.44 62.34 -0.64
N ALA A 923 -16.40 61.82 0.58
CA ALA A 923 -15.15 61.54 1.27
C ALA A 923 -15.42 60.46 2.30
N VAL A 924 -14.35 59.77 2.71
CA VAL A 924 -14.41 58.73 3.72
C VAL A 924 -13.41 59.05 4.82
N VAL A 925 -13.87 58.99 6.06
CA VAL A 925 -13.11 59.46 7.21
C VAL A 925 -13.08 58.36 8.27
N LEU A 926 -11.90 58.07 8.79
CA LEU A 926 -11.73 57.06 9.83
C LEU A 926 -11.33 57.71 11.14
N GLN A 927 -12.00 57.32 12.22
CA GLN A 927 -11.65 57.74 13.57
C GLN A 927 -11.40 56.49 14.41
N THR A 928 -10.27 56.46 15.09
CA THR A 928 -9.96 55.39 16.02
C THR A 928 -9.39 56.02 17.28
N LYS A 929 -9.84 55.53 18.43
CA LYS A 929 -9.31 56.02 19.69
C LYS A 929 -7.81 55.85 19.72
N GLY A 930 -7.11 56.93 20.09
CA GLY A 930 -5.66 56.97 20.12
C GLY A 930 -4.99 57.53 18.88
N SER A 931 -5.75 57.89 17.84
CA SER A 931 -5.15 58.29 16.58
C SER A 931 -5.84 59.53 16.05
N PRO A 932 -5.13 60.35 15.26
CA PRO A 932 -5.79 61.47 14.58
C PRO A 932 -6.77 60.96 13.53
N GLU A 933 -7.75 61.81 13.24
CA GLU A 933 -8.68 61.49 12.18
C GLU A 933 -7.94 61.41 10.85
N SER A 934 -8.27 60.38 10.06
CA SER A 934 -7.58 60.11 8.81
C SER A 934 -8.57 60.04 7.66
N ARG A 935 -8.06 60.29 6.46
CA ARG A 935 -8.85 60.17 5.24
C ARG A 935 -8.48 58.88 4.52
N LEU A 936 -9.50 58.16 4.06
CA LEU A 936 -9.31 56.91 3.36
C LEU A 936 -9.62 57.11 1.88
N SER A 937 -8.77 56.56 1.03
CA SER A 937 -9.15 56.54 -0.37
C SER A 937 -10.11 55.38 -0.61
N PHE A 938 -10.80 55.43 -1.75
CA PHE A 938 -11.83 54.45 -2.00
C PHE A 938 -12.07 54.34 -3.49
N GLN A 939 -12.76 53.26 -3.87
CA GLN A 939 -13.13 52.95 -5.24
C GLN A 939 -14.60 52.58 -5.25
N HIS A 940 -15.31 53.04 -6.28
CA HIS A 940 -16.74 52.81 -6.39
C HIS A 940 -17.11 52.30 -7.76
N ASP A 941 -17.98 51.30 -7.80
CA ASP A 941 -18.50 50.81 -9.07
C ASP A 941 -19.96 51.25 -9.16
N PRO A 942 -20.30 52.14 -10.08
CA PRO A 942 -21.70 52.57 -10.19
C PRO A 942 -22.63 51.48 -10.67
N GLU A 943 -22.13 50.53 -11.46
CA GLU A 943 -22.97 49.45 -11.96
C GLU A 943 -23.46 48.56 -10.82
N THR A 944 -22.57 48.19 -9.91
CA THR A 944 -22.88 47.21 -8.88
C THR A 944 -23.18 47.83 -7.52
N SER A 945 -23.01 49.15 -7.37
CA SER A 945 -23.11 49.83 -6.08
C SER A 945 -22.21 49.16 -5.04
N VAL A 946 -20.96 48.94 -5.41
CA VAL A 946 -19.96 48.35 -4.53
C VAL A 946 -18.92 49.41 -4.20
N LEU A 947 -18.65 49.57 -2.90
CA LEU A 947 -17.72 50.56 -2.40
C LEU A 947 -16.59 49.84 -1.69
N ILE A 948 -15.35 50.10 -2.13
CA ILE A 948 -14.16 49.51 -1.52
C ILE A 948 -13.39 50.61 -0.80
N LEU A 949 -13.23 50.46 0.51
CA LEU A 949 -12.47 51.40 1.31
C LEU A 949 -11.05 50.86 1.47
N ARG A 950 -10.07 51.65 1.05
CA ARG A 950 -8.68 51.21 1.01
C ARG A 950 -8.04 51.33 2.39
N LYS A 951 -7.43 50.23 2.83
CA LYS A 951 -6.46 50.13 3.92
C LYS A 951 -6.83 50.99 5.13
N PRO A 952 -7.92 50.68 5.85
CA PRO A 952 -8.16 51.38 7.12
C PRO A 952 -6.98 51.31 8.07
N GLY A 953 -6.29 50.17 8.10
CA GLY A 953 -5.04 50.08 8.83
C GLY A 953 -5.18 50.09 10.34
N VAL A 954 -6.38 49.87 10.85
CA VAL A 954 -6.62 49.94 12.28
C VAL A 954 -6.50 48.53 12.88
N SER A 955 -5.98 48.45 14.10
CA SER A 955 -5.91 47.19 14.80
C SER A 955 -7.31 46.64 15.07
N VAL A 956 -7.47 45.33 14.91
CA VAL A 956 -8.77 44.70 15.13
C VAL A 956 -9.19 44.75 16.59
N ALA A 957 -8.24 44.97 17.52
CA ALA A 957 -8.58 45.10 18.94
C ALA A 957 -9.03 46.51 19.31
N SER A 958 -9.02 47.46 18.38
CA SER A 958 -9.33 48.85 18.64
C SER A 958 -10.77 49.19 18.30
N ASP A 959 -11.38 50.06 19.11
CA ASP A 959 -12.61 50.71 18.71
C ASP A 959 -12.32 51.69 17.58
N TRP A 960 -13.20 51.74 16.59
CA TRP A 960 -13.01 52.68 15.48
C TRP A 960 -14.34 52.89 14.78
N SER A 961 -14.37 53.91 13.93
CA SER A 961 -15.55 54.21 13.14
C SER A 961 -15.10 54.81 11.81
N ILE A 962 -15.82 54.45 10.76
CA ILE A 962 -15.60 54.99 9.43
C ILE A 962 -16.88 55.70 9.01
N HIS A 963 -16.75 56.93 8.53
CA HIS A 963 -17.91 57.72 8.13
C HIS A 963 -17.84 58.02 6.65
N LEU A 964 -18.94 57.77 5.95
CA LEU A 964 -19.09 58.09 4.54
C LEU A 964 -19.81 59.44 4.48
N ARG A 965 -19.13 60.46 3.96
CA ARG A 965 -19.71 61.79 3.96
C ARG A 965 -20.35 62.08 2.61
N LYS B 52 8.87 61.46 -7.52
CA LYS B 52 7.96 60.98 -8.55
C LYS B 52 7.09 59.84 -8.01
N PRO B 53 5.97 59.56 -8.68
CA PRO B 53 5.11 58.45 -8.26
C PRO B 53 5.45 57.16 -9.01
N PHE B 54 4.94 56.06 -8.48
CA PHE B 54 5.15 54.73 -9.05
C PHE B 54 3.96 54.37 -9.94
N THR B 55 4.26 53.69 -11.04
CA THR B 55 3.24 53.24 -11.97
C THR B 55 3.24 51.71 -12.03
N CYS B 56 2.07 51.11 -11.89
CA CYS B 56 1.97 49.67 -12.03
C CYS B 56 2.50 49.28 -13.40
N LEU B 57 3.21 48.15 -13.44
CA LEU B 57 3.82 47.70 -14.68
C LEU B 57 2.78 47.40 -15.75
N ASP B 58 1.54 47.11 -15.37
CA ASP B 58 0.45 46.91 -16.31
C ASP B 58 -0.31 48.19 -16.62
N GLY B 59 0.16 49.34 -16.12
CA GLY B 59 -0.45 50.61 -16.41
C GLY B 59 -1.80 50.86 -15.76
N THR B 60 -2.31 49.94 -14.93
CA THR B 60 -3.63 50.12 -14.34
C THR B 60 -3.73 51.39 -13.53
N ALA B 61 -2.66 51.79 -12.84
CA ALA B 61 -2.74 52.96 -11.99
C ALA B 61 -1.37 53.59 -11.82
N THR B 62 -1.39 54.77 -11.18
CA THR B 62 -0.22 55.45 -10.67
C THR B 62 -0.50 55.80 -9.21
N ILE B 63 0.44 55.49 -8.34
CA ILE B 63 0.23 55.67 -6.91
C ILE B 63 1.43 56.39 -6.33
N PRO B 64 1.27 57.09 -5.21
CA PRO B 64 2.43 57.66 -4.53
C PRO B 64 3.38 56.55 -4.13
N PHE B 65 4.67 56.87 -4.12
CA PHE B 65 5.65 55.83 -3.81
C PHE B 65 5.53 55.34 -2.38
N ASP B 66 4.83 56.06 -1.50
CA ASP B 66 4.67 55.53 -0.16
C ASP B 66 3.63 54.42 -0.10
N GLN B 67 3.03 54.05 -1.22
CA GLN B 67 2.17 52.88 -1.33
C GLN B 67 2.88 51.71 -2.01
N VAL B 68 4.20 51.78 -2.15
CA VAL B 68 4.99 50.63 -2.58
C VAL B 68 5.46 49.90 -1.33
N ASN B 69 5.19 48.60 -1.24
CA ASN B 69 5.48 47.81 -0.06
C ASN B 69 4.85 48.39 1.19
N ASP B 70 3.64 48.94 1.06
CA ASP B 70 2.91 49.41 2.24
C ASP B 70 1.92 48.38 2.75
N ASP B 71 2.06 47.12 2.30
CA ASP B 71 1.29 45.97 2.78
C ASP B 71 -0.18 46.08 2.40
N TYR B 72 -0.47 46.73 1.27
CA TYR B 72 -1.80 46.74 0.71
C TYR B 72 -1.65 46.68 -0.80
N CYS B 73 -2.45 45.82 -1.45
CA CYS B 73 -2.32 45.58 -2.88
C CYS B 73 -3.02 46.68 -3.66
N ASP B 74 -2.25 47.49 -4.39
CA ASP B 74 -2.79 48.58 -5.18
C ASP B 74 -2.71 48.34 -6.68
N CYS B 75 -1.91 47.38 -7.14
CA CYS B 75 -1.72 47.10 -8.56
C CYS B 75 -2.29 45.73 -8.91
N LYS B 76 -3.02 45.68 -10.02
CA LYS B 76 -3.65 44.44 -10.47
C LYS B 76 -2.61 43.34 -10.73
N ASP B 77 -1.41 43.71 -11.16
CA ASP B 77 -0.35 42.75 -11.39
C ASP B 77 0.50 42.48 -10.16
N GLY B 78 0.22 43.15 -9.05
CA GLY B 78 0.98 42.97 -7.83
C GLY B 78 2.33 43.66 -7.78
N SER B 79 2.64 44.51 -8.76
CA SER B 79 3.98 45.08 -8.85
C SER B 79 4.29 46.07 -7.72
N ASP B 80 3.29 46.60 -7.04
CA ASP B 80 3.56 47.56 -5.98
C ASP B 80 3.98 46.90 -4.67
N GLU B 81 3.90 45.57 -4.56
CA GLU B 81 4.24 44.88 -3.30
C GLU B 81 5.23 43.74 -3.50
N PRO B 82 6.39 44.00 -4.11
CA PRO B 82 7.36 42.91 -4.28
C PRO B 82 7.90 42.36 -2.98
N GLY B 83 7.87 43.12 -1.88
CA GLY B 83 8.44 42.68 -0.63
C GLY B 83 7.47 42.18 0.43
N THR B 84 6.18 42.10 0.13
CA THR B 84 5.18 41.75 1.13
C THR B 84 4.26 40.65 0.59
N ALA B 85 3.32 40.23 1.44
CA ALA B 85 2.33 39.22 1.10
C ALA B 85 0.98 39.83 0.71
N ALA B 86 0.97 41.12 0.37
CA ALA B 86 -0.30 41.82 0.19
C ALA B 86 -1.02 41.43 -1.09
N CYS B 87 -0.29 41.06 -2.15
CA CYS B 87 -0.97 40.87 -3.42
C CYS B 87 -1.14 39.39 -3.73
N PRO B 88 -2.29 38.98 -4.28
CA PRO B 88 -2.50 37.56 -4.57
C PRO B 88 -1.65 37.05 -5.72
N ASN B 89 -1.27 37.91 -6.67
CA ASN B 89 -0.54 37.49 -7.85
C ASN B 89 0.90 38.01 -7.87
N GLY B 90 1.42 38.38 -6.71
CA GLY B 90 2.75 38.92 -6.65
C GLY B 90 3.81 37.84 -6.51
N SER B 91 5.05 38.28 -6.64
CA SER B 91 6.21 37.41 -6.51
C SER B 91 7.23 38.08 -5.61
N PHE B 92 7.96 37.25 -4.86
CA PHE B 92 9.02 37.71 -3.96
C PHE B 92 10.32 37.10 -4.46
N HIS B 93 11.32 37.94 -4.66
CA HIS B 93 12.56 37.50 -5.26
C HIS B 93 13.56 37.13 -4.18
N CYS B 94 14.09 35.93 -4.27
CA CYS B 94 15.13 35.48 -3.38
C CYS B 94 16.46 35.46 -4.11
N THR B 95 17.38 36.32 -3.67
CA THR B 95 18.67 36.38 -4.33
C THR B 95 19.44 35.06 -4.16
N ASN B 96 19.37 34.47 -2.97
CA ASN B 96 19.91 33.14 -2.68
C ASN B 96 21.37 32.96 -3.13
N THR B 97 22.23 33.84 -2.65
CA THR B 97 23.65 33.77 -3.02
C THR B 97 24.24 32.44 -2.56
N GLY B 98 24.99 31.79 -3.44
CA GLY B 98 25.51 30.47 -3.18
C GLY B 98 24.64 29.35 -3.70
N TYR B 99 23.48 29.67 -4.27
CA TYR B 99 22.61 28.70 -4.92
C TYR B 99 21.90 29.45 -6.05
N LYS B 100 20.85 28.86 -6.57
CA LYS B 100 20.07 29.49 -7.64
C LYS B 100 19.10 30.51 -7.05
N PRO B 101 19.02 31.72 -7.60
CA PRO B 101 17.99 32.65 -7.15
C PRO B 101 16.61 32.13 -7.54
N LEU B 102 15.62 32.50 -6.73
CA LEU B 102 14.29 31.91 -6.83
C LEU B 102 13.21 32.98 -6.72
N TYR B 103 12.12 32.78 -7.45
CA TYR B 103 10.89 33.54 -7.27
C TYR B 103 9.87 32.67 -6.54
N ILE B 104 9.18 33.26 -5.56
CA ILE B 104 8.13 32.56 -4.83
C ILE B 104 6.85 33.39 -4.84
N LEU B 105 5.74 32.73 -4.51
CA LEU B 105 4.47 33.42 -4.38
C LEU B 105 4.54 34.46 -3.26
N SER B 106 3.94 35.62 -3.50
CA SER B 106 3.82 36.63 -2.44
C SER B 106 3.17 36.05 -1.20
N SER B 107 2.21 35.14 -1.37
CA SER B 107 1.53 34.53 -0.24
C SER B 107 2.46 33.70 0.64
N ARG B 108 3.72 33.47 0.24
CA ARG B 108 4.65 32.74 1.08
C ARG B 108 5.68 33.64 1.74
N VAL B 109 5.49 34.95 1.66
CA VAL B 109 6.31 35.91 2.41
C VAL B 109 5.76 35.99 3.83
N ASN B 110 6.61 35.72 4.82
CA ASN B 110 6.20 35.77 6.22
C ASN B 110 5.01 34.88 6.50
N ASP B 111 4.98 33.69 5.89
CA ASP B 111 3.98 32.71 6.26
C ASP B 111 4.48 31.78 7.35
N GLY B 112 5.67 32.06 7.89
CA GLY B 112 6.25 31.21 8.89
C GLY B 112 6.92 29.96 8.35
N VAL B 113 7.00 29.82 7.03
CA VAL B 113 7.65 28.68 6.39
C VAL B 113 8.85 29.20 5.61
N CYS B 114 9.98 28.51 5.74
CA CYS B 114 11.23 28.87 5.05
C CYS B 114 11.15 28.39 3.62
N ASP B 115 10.93 29.32 2.68
CA ASP B 115 10.86 28.97 1.27
C ASP B 115 12.18 29.20 0.55
N CYS B 116 12.92 30.24 0.91
CA CYS B 116 14.20 30.53 0.30
C CYS B 116 15.32 29.99 1.16
N CYS B 117 16.31 29.38 0.50
CA CYS B 117 17.48 28.89 1.22
C CYS B 117 18.18 30.01 1.99
N ASP B 118 18.14 31.26 1.50
CA ASP B 118 18.76 32.34 2.26
C ASP B 118 17.86 32.89 3.36
N GLY B 119 16.62 32.40 3.48
CA GLY B 119 15.74 32.73 4.58
C GLY B 119 15.12 34.11 4.54
N THR B 120 15.32 34.88 3.47
CA THR B 120 14.90 36.28 3.46
C THR B 120 13.40 36.45 3.33
N ASP B 121 12.65 35.41 2.95
CA ASP B 121 11.20 35.50 2.88
C ASP B 121 10.55 35.53 4.26
N GLU B 122 11.27 35.21 5.32
CA GLU B 122 10.75 35.26 6.69
C GLU B 122 11.53 36.33 7.44
N TYR B 123 11.03 37.56 7.40
CA TYR B 123 11.70 38.65 8.09
C TYR B 123 10.88 39.25 9.22
N ASN B 124 9.60 38.88 9.35
CA ASN B 124 8.74 39.44 10.39
C ASN B 124 7.64 38.46 10.75
N SER B 125 7.99 37.17 10.87
CA SER B 125 6.98 36.15 11.06
C SER B 125 7.14 35.34 12.34
N GLY B 126 8.22 35.54 13.08
CA GLY B 126 8.49 34.67 14.20
C GLY B 126 9.23 33.41 13.84
N THR B 127 9.39 33.11 12.55
CA THR B 127 10.23 32.00 12.13
C THR B 127 11.58 32.57 11.72
N VAL B 128 12.64 32.08 12.35
CA VAL B 128 14.01 32.43 11.97
C VAL B 128 14.52 31.31 11.08
N CYS B 129 14.84 31.64 9.84
CA CYS B 129 15.31 30.66 8.88
C CYS B 129 16.82 30.78 8.79
N GLU B 130 17.52 29.68 9.03
CA GLU B 130 18.96 29.67 8.82
C GLU B 130 19.23 29.61 7.32
N ASN B 131 20.39 30.13 6.93
CA ASN B 131 20.81 30.07 5.53
C ASN B 131 21.31 28.68 5.21
N THR B 132 20.73 28.07 4.17
CA THR B 132 21.08 26.73 3.74
C THR B 132 21.38 26.67 2.24
N CYS B 133 21.79 27.79 1.64
CA CYS B 133 21.98 27.84 0.21
C CYS B 133 23.15 26.98 -0.27
N ARG B 134 24.05 26.61 0.65
CA ARG B 134 25.16 25.71 0.34
C ARG B 134 24.70 24.47 -0.43
N VAL C 32 26.16 4.84 -4.13
CA VAL C 32 26.54 3.96 -3.02
C VAL C 32 27.43 4.68 -2.01
N ASP C 33 27.15 4.44 -0.72
CA ASP C 33 27.96 4.96 0.39
C ASP C 33 29.09 3.98 0.64
N ARG C 34 30.30 4.34 0.19
CA ARG C 34 31.39 3.38 0.21
C ARG C 34 32.09 3.30 1.55
N SER C 35 31.97 4.32 2.40
CA SER C 35 32.56 4.25 3.73
C SER C 35 31.89 3.20 4.60
N ASN C 36 30.69 2.75 4.22
CA ASN C 36 30.04 1.64 4.91
C ASN C 36 30.77 0.33 4.72
N PHE C 37 31.53 0.19 3.63
CA PHE C 37 32.07 -1.09 3.22
C PHE C 37 33.60 -1.02 3.20
N LYS C 38 34.24 -2.02 3.82
CA LYS C 38 35.69 -2.01 3.95
C LYS C 38 36.37 -2.16 2.60
N THR C 39 37.40 -1.33 2.38
CA THR C 39 38.44 -1.64 1.42
C THR C 39 39.34 -2.72 1.98
N CYS C 40 40.21 -3.27 1.12
CA CYS C 40 41.16 -4.29 1.57
C CYS C 40 42.00 -3.81 2.74
N ASP C 41 42.42 -2.55 2.70
CA ASP C 41 43.21 -1.99 3.79
C ASP C 41 42.44 -1.97 5.11
N GLU C 42 41.11 -1.79 5.05
CA GLU C 42 40.31 -1.72 6.27
C GLU C 42 39.93 -3.10 6.79
N SER C 43 40.23 -4.15 6.03
CA SER C 43 40.09 -5.52 6.50
C SER C 43 41.49 -5.97 6.90
N SER C 44 41.70 -6.21 8.20
CA SER C 44 43.05 -6.41 8.70
C SER C 44 43.68 -7.68 8.14
N PHE C 45 42.89 -8.74 7.93
CA PHE C 45 43.49 -9.94 7.33
C PHE C 45 43.83 -9.72 5.87
N CYS C 46 43.05 -8.93 5.13
CA CYS C 46 43.43 -8.61 3.76
C CYS C 46 44.70 -7.76 3.73
N LYS C 47 44.81 -6.80 4.66
CA LYS C 47 46.01 -5.96 4.71
C LYS C 47 47.24 -6.80 5.00
N ARG C 48 47.14 -7.70 5.98
CA ARG C 48 48.27 -8.56 6.31
C ARG C 48 48.69 -9.41 5.10
N GLN C 49 47.72 -10.08 4.48
CA GLN C 49 48.04 -10.93 3.34
C GLN C 49 48.64 -10.11 2.20
N ARG C 50 48.00 -8.99 1.86
CA ARG C 50 48.43 -8.22 0.71
C ARG C 50 49.79 -7.54 0.92
N SER C 51 50.23 -7.38 2.17
CA SER C 51 51.54 -6.80 2.45
C SER C 51 52.69 -7.75 2.10
N ILE C 52 52.43 -9.04 1.98
CA ILE C 52 53.45 -9.99 1.53
C ILE C 52 53.71 -9.80 0.05
N ARG C 53 54.97 -9.59 -0.31
CA ARG C 53 55.37 -9.26 -1.66
C ARG C 53 56.00 -10.46 -2.36
N PRO C 54 55.96 -10.52 -3.69
CA PRO C 54 56.50 -11.69 -4.40
C PRO C 54 57.97 -11.91 -4.10
N GLY C 55 58.30 -13.12 -3.68
CA GLY C 55 59.67 -13.45 -3.36
C GLY C 55 59.80 -14.92 -3.01
N LEU C 56 60.93 -15.26 -2.42
CA LEU C 56 61.18 -16.64 -2.04
C LEU C 56 60.30 -17.01 -0.85
N SER C 57 59.43 -17.98 -1.06
CA SER C 57 58.50 -18.36 0.00
C SER C 57 59.27 -18.98 1.16
N PRO C 58 58.87 -18.70 2.42
CA PRO C 58 59.49 -19.38 3.55
C PRO C 58 58.98 -20.77 3.79
N TYR C 59 57.96 -21.21 3.06
CA TYR C 59 57.44 -22.56 3.24
C TYR C 59 58.28 -23.56 2.47
N ARG C 60 58.49 -24.74 3.06
CA ARG C 60 59.30 -25.76 2.44
C ARG C 60 58.74 -27.13 2.83
N ALA C 61 58.74 -28.05 1.87
CA ALA C 61 58.21 -29.39 2.10
C ALA C 61 59.28 -30.31 2.68
N LEU C 62 58.91 -31.06 3.71
CA LEU C 62 59.80 -32.03 4.36
C LEU C 62 59.56 -33.39 3.71
N LEU C 63 60.34 -33.68 2.66
CA LEU C 63 60.10 -34.88 1.86
C LEU C 63 60.26 -36.17 2.65
N ASP C 64 60.94 -36.12 3.80
CA ASP C 64 61.05 -37.31 4.66
C ASP C 64 59.72 -37.72 5.25
N THR C 65 58.74 -36.82 5.30
CA THR C 65 57.43 -37.10 5.87
C THR C 65 56.44 -37.59 4.82
N LEU C 66 56.83 -37.63 3.56
CA LEU C 66 55.89 -37.99 2.49
C LEU C 66 55.37 -39.40 2.70
N GLN C 67 54.05 -39.54 2.58
CA GLN C 67 53.38 -40.83 2.59
C GLN C 67 52.45 -40.91 1.39
N LEU C 68 52.56 -41.98 0.62
CA LEU C 68 51.72 -42.19 -0.56
C LEU C 68 50.72 -43.30 -0.29
N GLY C 69 49.45 -42.99 -0.48
CA GLY C 69 48.40 -43.96 -0.31
C GLY C 69 47.69 -44.10 -1.64
N PRO C 70 46.69 -44.97 -1.70
CA PRO C 70 45.92 -45.07 -2.94
C PRO C 70 45.14 -43.80 -3.23
N ASP C 71 44.67 -43.10 -2.19
CA ASP C 71 43.77 -41.96 -2.38
C ASP C 71 44.44 -40.61 -2.23
N ALA C 72 45.63 -40.52 -1.64
CA ALA C 72 46.22 -39.20 -1.43
C ALA C 72 47.72 -39.33 -1.21
N LEU C 73 48.41 -38.21 -1.44
CA LEU C 73 49.77 -37.99 -0.99
C LEU C 73 49.74 -36.98 0.15
N THR C 74 50.40 -37.31 1.27
CA THR C 74 50.56 -36.40 2.38
C THR C 74 52.02 -36.00 2.53
N VAL C 75 52.27 -34.73 2.80
CA VAL C 75 53.62 -34.22 3.02
C VAL C 75 53.55 -33.04 3.97
N HIS C 76 54.49 -32.99 4.92
CA HIS C 76 54.54 -31.90 5.87
C HIS C 76 55.19 -30.66 5.28
N LEU C 77 54.65 -29.50 5.61
CA LEU C 77 55.26 -28.21 5.30
C LEU C 77 55.67 -27.52 6.60
N ILE C 78 56.74 -26.72 6.52
CA ILE C 78 57.22 -25.98 7.68
C ILE C 78 57.48 -24.54 7.27
N HIS C 79 57.14 -23.61 8.16
CA HIS C 79 57.50 -22.21 8.01
C HIS C 79 58.90 -22.04 8.59
N GLU C 80 59.83 -21.54 7.75
CA GLU C 80 61.23 -21.51 8.17
C GLU C 80 61.45 -20.59 9.36
N VAL C 81 60.72 -19.47 9.43
CA VAL C 81 60.91 -18.52 10.53
C VAL C 81 60.18 -19.00 11.78
N THR C 82 58.87 -19.23 11.67
CA THR C 82 58.05 -19.54 12.83
C THR C 82 58.07 -21.01 13.21
N LYS C 83 58.52 -21.88 12.30
CA LYS C 83 58.52 -23.34 12.48
C LYS C 83 57.11 -23.89 12.63
N VAL C 84 56.10 -23.18 12.12
CA VAL C 84 54.75 -23.75 12.09
C VAL C 84 54.70 -24.93 11.14
N LEU C 85 54.03 -25.99 11.58
CA LEU C 85 53.92 -27.24 10.84
C LEU C 85 52.53 -27.38 10.22
N LEU C 86 52.50 -27.61 8.91
CA LEU C 86 51.27 -27.84 8.16
C LEU C 86 51.32 -29.22 7.52
N VAL C 87 50.14 -29.76 7.19
CA VAL C 87 50.02 -31.01 6.47
C VAL C 87 49.32 -30.73 5.13
N LEU C 88 49.97 -31.14 4.04
CA LEU C 88 49.42 -31.01 2.70
C LEU C 88 48.84 -32.35 2.26
N GLU C 89 47.57 -32.33 1.85
CA GLU C 89 46.91 -33.51 1.29
C GLU C 89 46.70 -33.24 -0.19
N LEU C 90 47.37 -34.02 -1.03
CA LEU C 90 47.37 -33.83 -2.48
C LEU C 90 46.71 -35.03 -3.14
N GLN C 91 45.80 -34.77 -4.06
CA GLN C 91 44.98 -35.84 -4.65
C GLN C 91 44.81 -35.63 -6.14
N GLY C 92 45.00 -36.70 -6.90
CA GLY C 92 44.52 -36.75 -8.27
C GLY C 92 43.08 -37.25 -8.25
N LEU C 93 42.24 -36.66 -9.09
CA LEU C 93 40.84 -37.02 -9.13
C LEU C 93 40.44 -37.49 -10.52
N GLN C 94 39.36 -38.26 -10.58
CA GLN C 94 38.75 -38.68 -11.86
C GLN C 94 38.22 -37.42 -12.54
N LYS C 95 38.24 -37.42 -13.87
CA LYS C 95 37.83 -36.31 -14.76
C LYS C 95 38.92 -35.24 -14.76
N ASP C 96 40.18 -35.64 -14.72
CA ASP C 96 41.32 -34.70 -14.84
C ASP C 96 41.24 -33.55 -13.83
N MET C 97 41.13 -33.88 -12.55
CA MET C 97 41.11 -32.80 -11.56
C MET C 97 42.14 -33.10 -10.48
N THR C 98 42.66 -32.04 -9.88
CA THR C 98 43.61 -32.11 -8.77
C THR C 98 43.02 -31.34 -7.61
N ARG C 99 43.09 -31.93 -6.41
CA ARG C 99 42.64 -31.27 -5.19
C ARG C 99 43.81 -31.06 -4.23
N ILE C 100 43.95 -29.82 -3.75
CA ILE C 100 44.99 -29.45 -2.79
C ILE C 100 44.32 -29.00 -1.51
N ARG C 101 44.57 -29.72 -0.42
CA ARG C 101 44.11 -29.31 0.90
C ARG C 101 45.30 -29.13 1.83
N ILE C 102 45.28 -28.06 2.62
CA ILE C 102 46.36 -27.70 3.54
C ILE C 102 45.75 -27.29 4.87
N ASP C 103 46.17 -27.95 5.95
CA ASP C 103 45.69 -27.67 7.28
C ASP C 103 46.88 -27.70 8.24
N GLU C 104 46.64 -27.28 9.48
CA GLU C 104 47.68 -27.36 10.51
C GLU C 104 47.90 -28.82 10.90
N LEU C 105 49.16 -29.17 11.16
CA LEU C 105 49.46 -30.53 11.58
C LEU C 105 48.88 -30.81 12.97
N GLU C 106 49.11 -29.90 13.91
CA GLU C 106 48.62 -30.04 15.28
C GLU C 106 47.92 -28.73 15.64
N PRO C 107 46.67 -28.57 15.21
CA PRO C 107 45.93 -27.34 15.53
C PRO C 107 45.37 -27.38 16.94
N ARG C 108 45.34 -26.21 17.58
CA ARG C 108 44.65 -26.10 18.86
C ARG C 108 43.20 -26.54 18.73
N ARG C 109 42.54 -26.13 17.66
CA ARG C 109 41.15 -26.44 17.36
C ARG C 109 41.04 -26.80 15.89
N PRO C 110 40.07 -27.64 15.52
CA PRO C 110 39.83 -27.89 14.10
C PRO C 110 39.44 -26.61 13.39
N ARG C 111 39.93 -26.47 12.16
CA ARG C 111 39.55 -25.38 11.28
C ARG C 111 38.30 -25.76 10.49
N TYR C 112 37.57 -24.75 10.02
CA TYR C 112 36.33 -24.99 9.31
C TYR C 112 36.60 -25.58 7.93
N ARG C 113 35.84 -26.61 7.58
CA ARG C 113 35.83 -27.20 6.24
C ARG C 113 34.40 -27.13 5.71
N VAL C 114 34.24 -26.54 4.53
CA VAL C 114 32.92 -26.20 4.00
C VAL C 114 32.06 -27.43 3.78
N PRO C 115 30.97 -27.62 4.53
CA PRO C 115 30.09 -28.75 4.30
C PRO C 115 29.01 -28.40 3.27
N ASP C 116 28.31 -29.44 2.83
CA ASP C 116 27.06 -29.39 2.06
C ASP C 116 27.19 -28.78 0.66
N VAL C 117 28.37 -28.35 0.25
CA VAL C 117 28.52 -27.83 -1.11
C VAL C 117 28.86 -28.94 -2.10
N LEU C 118 29.79 -29.83 -1.73
CA LEU C 118 30.12 -30.96 -2.59
C LEU C 118 29.00 -31.98 -2.55
N VAL C 119 28.57 -32.44 -3.72
CA VAL C 119 27.47 -33.39 -3.79
C VAL C 119 27.93 -34.81 -3.49
N ALA C 120 29.25 -35.07 -3.55
CA ALA C 120 29.78 -36.40 -3.34
C ALA C 120 31.24 -36.31 -2.94
N ASP C 121 31.74 -37.39 -2.37
CA ASP C 121 33.19 -37.57 -2.25
C ASP C 121 33.76 -37.78 -3.64
N PRO C 122 34.60 -36.88 -4.13
CA PRO C 122 35.09 -36.99 -5.52
C PRO C 122 35.92 -38.25 -5.70
N PRO C 123 35.64 -39.05 -6.73
CA PRO C 123 36.44 -40.24 -6.98
C PRO C 123 37.89 -39.91 -7.27
N THR C 124 38.79 -40.67 -6.65
CA THR C 124 40.22 -40.38 -6.71
C THR C 124 40.90 -41.08 -7.87
N ALA C 125 42.08 -40.56 -8.22
CA ALA C 125 42.99 -41.19 -9.16
C ALA C 125 44.31 -41.46 -8.46
N ARG C 126 44.96 -42.58 -8.79
CA ARG C 126 46.19 -42.95 -8.11
C ARG C 126 47.34 -42.03 -8.50
N LEU C 127 48.13 -41.63 -7.51
CA LEU C 127 49.39 -40.95 -7.77
C LEU C 127 50.54 -41.95 -7.66
N SER C 128 51.52 -41.82 -8.55
CA SER C 128 52.69 -42.69 -8.58
C SER C 128 53.95 -41.82 -8.67
N VAL C 129 55.00 -42.23 -7.94
CA VAL C 129 56.28 -41.52 -8.00
C VAL C 129 57.00 -41.87 -9.30
N SER C 130 57.19 -40.86 -10.15
CA SER C 130 57.84 -41.00 -11.44
C SER C 130 59.14 -40.23 -11.56
N GLY C 131 59.59 -39.57 -10.49
CA GLY C 131 60.82 -38.80 -10.48
C GLY C 131 61.16 -38.38 -9.08
N ARG C 132 62.44 -38.34 -8.72
CA ARG C 132 62.78 -38.21 -7.31
C ARG C 132 64.23 -37.81 -7.07
N ASP C 133 64.50 -36.51 -7.03
CA ASP C 133 65.81 -36.04 -6.60
C ASP C 133 65.69 -35.46 -5.20
N ASP C 134 66.74 -34.76 -4.75
CA ASP C 134 66.77 -34.27 -3.37
C ASP C 134 65.71 -33.22 -3.11
N ASN C 135 65.42 -32.36 -4.09
CA ASN C 135 64.54 -31.20 -3.87
C ASN C 135 63.19 -31.34 -4.55
N SER C 136 62.84 -32.50 -5.07
CA SER C 136 61.61 -32.62 -5.84
C SER C 136 61.13 -34.05 -5.86
N VAL C 137 59.81 -34.20 -5.99
CA VAL C 137 59.18 -35.47 -6.31
C VAL C 137 58.25 -35.22 -7.48
N GLU C 138 58.39 -36.02 -8.53
CA GLU C 138 57.53 -35.90 -9.71
C GLU C 138 56.55 -37.06 -9.69
N LEU C 139 55.27 -36.75 -9.81
CA LEU C 139 54.22 -37.74 -9.70
C LEU C 139 53.43 -37.84 -11.00
N THR C 140 53.06 -39.06 -11.35
CA THR C 140 52.16 -39.32 -12.46
C THR C 140 50.82 -39.74 -11.87
N VAL C 141 49.75 -39.12 -12.33
CA VAL C 141 48.41 -39.48 -11.91
C VAL C 141 47.86 -40.52 -12.88
N ALA C 142 47.43 -41.66 -12.34
CA ALA C 142 47.00 -42.81 -13.12
C ALA C 142 48.05 -43.19 -14.16
N GLU C 143 47.68 -43.15 -15.44
CA GLU C 143 48.57 -43.55 -16.53
C GLU C 143 48.94 -42.38 -17.43
N GLY C 144 48.90 -41.16 -16.91
CA GLY C 144 49.20 -39.99 -17.71
C GLY C 144 47.95 -39.46 -18.40
N PRO C 145 48.07 -38.33 -19.10
CA PRO C 145 49.30 -37.57 -19.36
C PRO C 145 49.67 -36.53 -18.29
N TYR C 146 48.91 -36.47 -17.19
CA TYR C 146 49.07 -35.40 -16.22
C TYR C 146 50.12 -35.75 -15.18
N LYS C 147 50.97 -34.76 -14.87
CA LYS C 147 52.02 -34.91 -13.86
C LYS C 147 52.04 -33.71 -12.94
N ILE C 148 52.36 -33.96 -11.67
CA ILE C 148 52.48 -32.92 -10.64
C ILE C 148 53.89 -32.96 -10.08
N ILE C 149 54.59 -31.84 -10.14
CA ILE C 149 55.93 -31.71 -9.59
C ILE C 149 55.87 -30.96 -8.27
N LEU C 150 56.22 -31.64 -7.18
CA LEU C 150 56.34 -31.03 -5.86
C LEU C 150 57.79 -30.63 -5.62
N THR C 151 58.05 -29.33 -5.53
CA THR C 151 59.35 -28.80 -5.13
C THR C 151 59.39 -28.64 -3.62
N ALA C 152 60.47 -29.13 -3.01
CA ALA C 152 60.56 -29.11 -1.55
C ALA C 152 60.89 -27.72 -1.02
N GLN C 153 61.92 -27.08 -1.55
CA GLN C 153 62.32 -25.77 -1.08
C GLN C 153 62.73 -24.88 -2.26
N PRO C 154 62.07 -23.72 -2.45
CA PRO C 154 60.85 -23.35 -1.72
C PRO C 154 59.66 -24.20 -2.16
N PHE C 155 58.67 -24.36 -1.28
CA PHE C 155 57.48 -25.13 -1.61
C PHE C 155 56.85 -24.62 -2.90
N ARG C 156 56.49 -25.55 -3.77
CA ARG C 156 55.91 -25.22 -5.08
C ARG C 156 55.23 -26.47 -5.62
N LEU C 157 54.24 -26.25 -6.46
CA LEU C 157 53.59 -27.33 -7.21
C LEU C 157 53.43 -26.88 -8.66
N ASP C 158 53.74 -27.79 -9.58
CA ASP C 158 53.54 -27.54 -10.99
C ASP C 158 52.72 -28.68 -11.58
N LEU C 159 51.77 -28.34 -12.45
CA LEU C 159 50.92 -29.31 -13.10
C LEU C 159 51.18 -29.29 -14.60
N LEU C 160 51.44 -30.46 -15.17
CA LEU C 160 51.82 -30.58 -16.55
C LEU C 160 50.96 -31.64 -17.23
N GLU C 161 50.62 -31.41 -18.49
CA GLU C 161 50.21 -32.46 -19.40
C GLU C 161 51.41 -32.79 -20.29
N ASP C 162 51.94 -34.01 -20.15
CA ASP C 162 53.21 -34.41 -20.76
C ASP C 162 54.27 -33.42 -20.26
N ARG C 163 54.91 -32.65 -21.14
CA ARG C 163 55.94 -31.71 -20.72
C ARG C 163 55.49 -30.26 -20.82
N SER C 164 54.19 -30.03 -21.03
CA SER C 164 53.65 -28.67 -21.10
C SER C 164 53.13 -28.27 -19.73
N LEU C 165 53.67 -27.18 -19.18
CA LEU C 165 53.27 -26.70 -17.86
C LEU C 165 51.91 -26.01 -17.96
N LEU C 166 50.94 -26.50 -17.17
CA LEU C 166 49.60 -25.91 -17.20
C LEU C 166 49.46 -24.77 -16.19
N LEU C 167 49.96 -24.96 -14.97
CA LEU C 167 49.78 -23.98 -13.92
C LEU C 167 50.71 -24.31 -12.76
N SER C 168 51.11 -23.27 -12.03
CA SER C 168 51.98 -23.41 -10.87
C SER C 168 51.27 -22.88 -9.63
N VAL C 169 51.69 -23.42 -8.48
CA VAL C 169 51.13 -23.08 -7.18
C VAL C 169 52.27 -22.56 -6.32
N ASN C 170 52.11 -21.36 -5.77
CA ASN C 170 53.10 -20.71 -4.92
C ASN C 170 54.33 -20.28 -5.70
N ALA C 171 54.18 -20.10 -7.02
CA ALA C 171 55.31 -19.69 -7.85
C ALA C 171 55.80 -18.29 -7.52
N ARG C 172 54.91 -17.41 -7.09
CA ARG C 172 55.32 -16.09 -6.63
C ARG C 172 55.59 -16.09 -5.13
N GLY C 173 55.56 -17.25 -4.49
CA GLY C 173 55.89 -17.35 -3.08
C GLY C 173 54.93 -16.65 -2.14
N LEU C 174 53.68 -16.49 -2.52
CA LEU C 174 52.74 -15.68 -1.75
C LEU C 174 51.91 -16.47 -0.76
N MET C 175 52.19 -17.77 -0.60
CA MET C 175 51.44 -18.57 0.36
C MET C 175 51.61 -18.07 1.78
N ALA C 176 50.50 -17.95 2.50
CA ALA C 176 50.50 -17.52 3.90
C ALA C 176 49.40 -18.23 4.65
N PHE C 177 49.75 -18.88 5.75
CA PHE C 177 48.81 -19.67 6.55
C PHE C 177 48.97 -19.26 8.01
N GLU C 178 48.10 -18.36 8.48
CA GLU C 178 48.16 -17.90 9.86
C GLU C 178 47.59 -18.99 10.76
N HIS C 179 48.47 -19.63 11.53
CA HIS C 179 48.03 -20.70 12.41
C HIS C 179 47.33 -20.10 13.63
N GLN C 180 46.49 -20.92 14.28
CA GLN C 180 45.72 -20.47 15.43
C GLN C 180 46.64 -20.32 16.63
N ARG C 181 46.82 -19.08 17.09
CA ARG C 181 47.69 -18.78 18.21
C ARG C 181 46.96 -18.96 19.54
N ALA C 182 47.74 -18.86 20.63
CA ALA C 182 47.19 -18.89 21.97
C ALA C 182 46.27 -17.70 22.19
N PRO C 183 45.00 -17.92 22.53
CA PRO C 183 44.02 -16.82 22.54
C PRO C 183 44.30 -15.79 23.63
N ARG C 184 43.63 -14.65 23.47
CA ARG C 184 43.48 -13.64 24.52
C ARG C 184 42.03 -13.19 24.54
N GLU C 243 50.31 -6.09 13.37
CA GLU C 243 49.97 -5.99 14.80
C GLU C 243 48.56 -5.39 15.05
N PRO C 244 48.25 -4.21 14.47
CA PRO C 244 46.93 -3.62 14.76
C PRO C 244 45.79 -4.37 14.09
N GLY C 245 44.73 -4.60 14.85
CA GLY C 245 43.57 -5.27 14.32
C GLY C 245 43.74 -6.73 14.00
N ALA C 246 44.87 -7.32 14.37
CA ALA C 246 45.01 -8.76 14.22
C ALA C 246 44.12 -9.51 15.22
N TRP C 247 43.90 -8.92 16.38
CA TRP C 247 42.96 -9.42 17.38
C TRP C 247 41.75 -8.49 17.38
N GLU C 248 41.29 -7.96 18.52
CA GLU C 248 40.14 -7.06 18.54
C GLU C 248 40.30 -5.96 17.48
N GLU C 249 39.24 -5.74 16.72
CA GLU C 249 39.28 -4.89 15.53
C GLU C 249 37.98 -4.10 15.43
N THR C 250 38.08 -2.84 15.04
CA THR C 250 36.90 -2.00 14.85
C THR C 250 36.83 -1.43 13.45
N PHE C 251 35.61 -1.26 12.96
CA PHE C 251 35.33 -0.56 11.71
C PHE C 251 34.09 0.29 11.96
N LYS C 252 34.23 1.61 11.80
CA LYS C 252 33.18 2.58 12.17
CA LYS C 252 33.18 2.57 12.17
C LYS C 252 32.83 2.31 13.64
N THR C 253 31.56 2.15 13.98
CA THR C 253 31.09 1.95 15.34
C THR C 253 31.00 0.49 15.72
N HIS C 254 31.51 -0.41 14.89
CA HIS C 254 31.35 -1.85 15.10
C HIS C 254 32.67 -2.46 15.54
N SER C 255 32.58 -3.35 16.53
CA SER C 255 33.73 -4.00 17.14
C SER C 255 33.66 -5.51 16.93
N ASP C 256 34.75 -6.09 16.46
CA ASP C 256 34.89 -7.54 16.31
C ASP C 256 35.81 -8.02 17.42
N SER C 257 35.27 -8.78 18.39
CA SER C 257 36.09 -9.24 19.49
C SER C 257 37.12 -10.28 19.04
N LYS C 258 36.90 -10.94 17.91
CA LYS C 258 37.85 -11.82 17.23
C LYS C 258 38.61 -12.73 18.20
N PRO C 259 37.91 -13.61 18.92
CA PRO C 259 38.58 -14.40 19.97
C PRO C 259 39.66 -15.34 19.47
N TYR C 260 39.71 -15.65 18.17
CA TYR C 260 40.68 -16.59 17.64
C TYR C 260 41.88 -15.92 17.00
N GLY C 261 41.87 -14.59 16.88
CA GLY C 261 43.01 -13.88 16.35
C GLY C 261 43.16 -14.05 14.85
N PRO C 262 44.36 -13.73 14.34
CA PRO C 262 44.61 -13.90 12.90
C PRO C 262 44.63 -15.38 12.54
N THR C 263 43.82 -15.75 11.55
CA THR C 263 43.72 -17.13 11.10
C THR C 263 43.60 -17.24 9.59
N SER C 264 43.99 -16.21 8.86
CA SER C 264 43.73 -16.18 7.43
C SER C 264 44.67 -17.10 6.66
N VAL C 265 44.22 -17.51 5.47
CA VAL C 265 44.92 -18.45 4.60
C VAL C 265 44.92 -17.87 3.20
N GLY C 266 46.01 -18.14 2.47
CA GLY C 266 46.18 -17.62 1.13
C GLY C 266 47.17 -18.41 0.33
N LEU C 267 47.04 -18.30 -1.00
CA LEU C 267 47.84 -19.07 -1.94
C LEU C 267 47.69 -18.47 -3.32
N ASP C 268 48.79 -18.42 -4.08
CA ASP C 268 48.77 -17.87 -5.43
C ASP C 268 48.91 -18.98 -6.45
N PHE C 269 48.44 -18.69 -7.67
CA PHE C 269 48.42 -19.63 -8.78
C PHE C 269 48.86 -18.90 -10.03
N SER C 270 49.65 -19.59 -10.86
CA SER C 270 50.20 -19.00 -12.07
C SER C 270 49.69 -19.75 -13.27
N LEU C 271 49.20 -19.02 -14.28
CA LEU C 271 48.52 -19.60 -15.42
C LEU C 271 49.28 -19.22 -16.68
N PRO C 272 50.31 -19.98 -17.04
CA PRO C 272 51.07 -19.66 -18.25
C PRO C 272 50.19 -19.80 -19.48
N GLY C 273 50.23 -18.77 -20.33
CA GLY C 273 49.45 -18.75 -21.54
C GLY C 273 48.07 -18.15 -21.41
N MET C 274 47.62 -17.82 -20.21
CA MET C 274 46.27 -17.30 -19.98
C MET C 274 46.30 -15.78 -19.81
N GLU C 275 45.51 -15.09 -20.62
CA GLU C 275 45.35 -13.65 -20.52
C GLU C 275 43.92 -13.23 -20.19
N HIS C 276 42.99 -14.17 -20.08
CA HIS C 276 41.58 -13.85 -19.90
C HIS C 276 41.02 -14.75 -18.80
N VAL C 277 40.51 -14.15 -17.73
CA VAL C 277 39.89 -14.89 -16.64
C VAL C 277 38.49 -14.35 -16.37
N TYR C 278 37.65 -15.23 -15.83
CA TYR C 278 36.23 -14.92 -15.71
C TYR C 278 35.69 -15.56 -14.44
N GLY C 279 34.54 -15.07 -14.00
CA GLY C 279 33.85 -15.70 -12.88
C GLY C 279 33.84 -14.90 -11.59
N ILE C 280 34.09 -15.59 -10.48
CA ILE C 280 33.95 -15.10 -9.10
C ILE C 280 32.87 -14.04 -8.97
N PRO C 281 31.62 -14.35 -9.33
CA PRO C 281 30.53 -13.41 -9.03
C PRO C 281 30.31 -13.34 -7.51
N GLU C 282 29.68 -12.27 -7.06
CA GLU C 282 28.94 -11.33 -7.89
C GLU C 282 29.49 -9.92 -7.80
N HIS C 283 29.71 -9.32 -8.96
CA HIS C 283 30.21 -7.96 -9.03
C HIS C 283 29.52 -7.27 -10.19
N ALA C 284 29.22 -5.99 -10.02
CA ALA C 284 28.71 -5.17 -11.11
C ALA C 284 29.90 -4.70 -11.94
N ASP C 285 30.48 -5.64 -12.68
CA ASP C 285 31.71 -5.41 -13.42
C ASP C 285 31.67 -6.23 -14.70
N SER C 286 32.68 -6.02 -15.53
CA SER C 286 32.67 -6.61 -16.86
C SER C 286 32.90 -8.13 -16.81
N LEU C 287 32.53 -8.79 -17.91
CA LEU C 287 32.66 -10.23 -17.99
C LEU C 287 34.11 -10.66 -17.85
N ARG C 288 35.01 -10.08 -18.65
CA ARG C 288 36.43 -10.37 -18.49
C ARG C 288 36.94 -9.61 -17.28
N LEU C 289 37.44 -10.34 -16.29
CA LEU C 289 37.87 -9.73 -15.04
C LEU C 289 39.13 -8.89 -15.26
N LYS C 290 39.22 -7.80 -14.52
CA LYS C 290 40.34 -6.87 -14.63
C LYS C 290 41.46 -7.24 -13.66
N VAL C 291 42.68 -6.80 -13.98
CA VAL C 291 43.78 -6.89 -13.03
C VAL C 291 43.49 -5.98 -11.85
N THR C 292 43.93 -6.40 -10.67
CA THR C 292 43.71 -5.67 -9.43
C THR C 292 44.95 -4.93 -8.95
N GLU C 293 46.03 -4.92 -9.75
CA GLU C 293 47.35 -4.51 -9.25
C GLU C 293 47.33 -3.12 -8.64
N GLY C 294 46.77 -2.15 -9.35
CA GLY C 294 46.80 -0.78 -8.86
C GLY C 294 45.56 -0.36 -8.09
N GLY C 295 44.78 -1.32 -7.62
CA GLY C 295 43.49 -1.03 -7.00
C GLY C 295 43.11 -2.09 -6.00
N GLU C 296 41.81 -2.31 -5.86
CA GLU C 296 41.26 -3.28 -4.92
C GLU C 296 41.27 -4.69 -5.50
N PRO C 297 41.38 -5.71 -4.66
CA PRO C 297 41.07 -7.07 -5.12
C PRO C 297 39.57 -7.23 -5.27
N TYR C 298 39.18 -8.19 -6.11
CA TYR C 298 37.79 -8.59 -6.13
C TYR C 298 37.44 -9.24 -4.80
N ARG C 299 36.29 -8.87 -4.25
CA ARG C 299 35.88 -9.31 -2.93
C ARG C 299 34.67 -10.22 -3.04
N LEU C 300 34.68 -11.30 -2.26
CA LEU C 300 33.57 -12.24 -2.18
C LEU C 300 33.11 -12.25 -0.74
N TYR C 301 32.07 -11.46 -0.44
CA TYR C 301 31.49 -11.41 0.89
C TYR C 301 30.05 -10.99 0.68
N ASN C 302 29.11 -11.89 0.94
CA ASN C 302 27.72 -11.62 0.60
C ASN C 302 27.22 -10.41 1.36
N LEU C 303 26.95 -9.34 0.63
CA LEU C 303 26.63 -8.06 1.24
C LEU C 303 25.50 -7.39 0.51
N ASP C 304 24.69 -6.65 1.27
CA ASP C 304 23.56 -5.88 0.77
C ASP C 304 24.04 -4.44 0.57
N VAL C 305 24.29 -4.07 -0.67
CA VAL C 305 24.87 -2.78 -1.03
C VAL C 305 23.77 -1.90 -1.61
N PHE C 306 23.36 -0.88 -0.86
CA PHE C 306 22.27 0.00 -1.27
C PHE C 306 22.67 0.86 -2.46
N GLN C 307 21.84 0.83 -3.51
CA GLN C 307 22.08 1.60 -4.73
C GLN C 307 23.48 1.33 -5.25
N TYR C 308 23.81 0.05 -5.43
CA TYR C 308 25.15 -0.30 -5.86
C TYR C 308 25.44 0.32 -7.22
N GLU C 309 26.72 0.59 -7.47
CA GLU C 309 27.18 1.25 -8.68
C GLU C 309 27.90 0.26 -9.58
N LEU C 310 28.19 0.70 -10.79
CA LEU C 310 28.70 -0.16 -11.86
C LEU C 310 30.21 -0.07 -12.02
N ASN C 311 30.78 -1.17 -12.53
CA ASN C 311 32.19 -1.26 -12.92
C ASN C 311 33.14 -0.95 -11.76
N ASN C 312 32.97 -1.72 -10.68
CA ASN C 312 33.86 -1.66 -9.52
C ASN C 312 33.85 -3.03 -8.87
N PRO C 313 34.86 -3.34 -8.04
CA PRO C 313 34.97 -4.69 -7.49
C PRO C 313 34.30 -4.89 -6.14
N MET C 314 33.43 -3.98 -5.72
CA MET C 314 32.77 -4.17 -4.44
C MET C 314 31.97 -5.47 -4.45
N ALA C 315 31.98 -6.15 -3.30
CA ALA C 315 31.23 -7.39 -3.15
C ALA C 315 29.73 -7.10 -3.10
N LEU C 316 28.95 -7.89 -3.85
CA LEU C 316 27.51 -7.78 -3.83
C LEU C 316 26.92 -9.00 -3.10
N TYR C 317 25.70 -9.40 -3.48
CA TYR C 317 24.89 -10.26 -2.61
C TYR C 317 25.36 -11.70 -2.60
N GLY C 318 26.01 -12.16 -3.66
CA GLY C 318 26.40 -13.56 -3.74
C GLY C 318 27.90 -13.75 -3.95
N SER C 319 28.40 -14.96 -3.73
CA SER C 319 29.83 -15.26 -3.87
C SER C 319 30.00 -16.67 -4.39
N VAL C 320 30.58 -16.83 -5.59
CA VAL C 320 30.92 -18.14 -6.11
C VAL C 320 32.43 -18.17 -6.39
N PRO C 321 33.21 -18.82 -5.52
CA PRO C 321 34.68 -18.78 -5.59
C PRO C 321 35.23 -19.73 -6.64
N VAL C 322 34.90 -19.43 -7.90
CA VAL C 322 35.25 -20.26 -9.04
C VAL C 322 35.76 -19.31 -10.13
N LEU C 323 36.97 -19.56 -10.62
CA LEU C 323 37.57 -18.72 -11.64
C LEU C 323 37.87 -19.57 -12.86
N LEU C 324 37.47 -19.08 -14.02
CA LEU C 324 37.74 -19.76 -15.29
C LEU C 324 38.81 -19.00 -16.06
N ALA C 325 39.75 -19.74 -16.64
CA ALA C 325 40.82 -19.18 -17.47
C ALA C 325 40.69 -19.73 -18.87
N HIS C 326 40.70 -18.84 -19.87
CA HIS C 326 40.53 -19.23 -21.26
C HIS C 326 41.64 -18.66 -22.14
N SER C 327 42.19 -19.51 -23.01
CA SER C 327 43.05 -19.09 -24.10
C SER C 327 42.61 -19.78 -25.37
N PHE C 328 43.25 -19.41 -26.49
CA PHE C 328 43.03 -20.13 -27.75
C PHE C 328 43.27 -21.62 -27.60
N HIS C 329 44.17 -22.01 -26.69
CA HIS C 329 44.67 -23.37 -26.61
C HIS C 329 43.93 -24.25 -25.59
N ARG C 330 43.51 -23.68 -24.46
CA ARG C 330 43.01 -24.51 -23.38
C ARG C 330 42.09 -23.69 -22.47
N ASP C 331 41.37 -24.42 -21.61
CA ASP C 331 40.54 -23.81 -20.57
C ASP C 331 40.87 -24.47 -19.23
N LEU C 332 40.86 -23.66 -18.18
CA LEU C 332 41.13 -24.14 -16.84
C LEU C 332 40.18 -23.48 -15.87
N GLY C 333 39.91 -24.15 -14.76
CA GLY C 333 39.10 -23.56 -13.71
C GLY C 333 39.69 -23.86 -12.35
N ILE C 334 39.55 -22.87 -11.45
CA ILE C 334 40.01 -22.98 -10.08
C ILE C 334 38.82 -22.80 -9.15
N PHE C 335 38.60 -23.77 -8.28
CA PHE C 335 37.47 -23.77 -7.35
C PHE C 335 38.06 -23.71 -5.94
N TRP C 336 37.96 -22.55 -5.32
CA TRP C 336 38.50 -22.30 -3.98
C TRP C 336 37.38 -22.54 -2.99
N LEU C 337 37.34 -23.73 -2.41
CA LEU C 337 36.22 -24.11 -1.53
C LEU C 337 36.47 -23.53 -0.15
N ASN C 338 36.10 -22.25 0.01
CA ASN C 338 36.19 -21.58 1.29
C ASN C 338 34.95 -20.70 1.47
N ALA C 339 34.35 -20.74 2.66
CA ALA C 339 33.11 -20.03 2.93
C ALA C 339 33.29 -18.72 3.69
N ALA C 340 34.53 -18.38 4.06
CA ALA C 340 34.80 -17.13 4.76
C ALA C 340 35.04 -16.01 3.76
N GLU C 341 35.07 -14.78 4.28
CA GLU C 341 35.40 -13.61 3.48
C GLU C 341 36.68 -13.85 2.67
N THR C 342 36.61 -13.61 1.37
CA THR C 342 37.69 -13.94 0.47
C THR C 342 37.96 -12.77 -0.46
N TRP C 343 39.24 -12.44 -0.64
CA TRP C 343 39.67 -11.44 -1.61
C TRP C 343 40.48 -12.12 -2.71
N VAL C 344 40.35 -11.64 -3.93
CA VAL C 344 40.98 -12.28 -5.07
C VAL C 344 41.75 -11.22 -5.85
N ASP C 345 43.07 -11.38 -5.92
CA ASP C 345 43.93 -10.49 -6.69
C ASP C 345 44.28 -11.14 -8.03
N ILE C 346 44.34 -10.31 -9.07
CA ILE C 346 44.60 -10.77 -10.43
C ILE C 346 45.70 -9.91 -11.04
N SER C 347 46.76 -10.55 -11.55
CA SER C 347 47.91 -9.85 -12.10
C SER C 347 48.29 -10.44 -13.45
N SER C 348 48.75 -9.56 -14.34
CA SER C 348 49.12 -9.89 -15.71
C SER C 348 50.62 -9.79 -15.91
N ASN C 349 51.16 -10.74 -16.68
CA ASN C 349 52.59 -10.76 -17.02
C ASN C 349 52.79 -10.41 -18.49
N THR C 369 54.96 -16.22 -23.80
CA THR C 369 55.27 -15.58 -22.52
C THR C 369 54.06 -15.08 -21.68
N PRO C 370 52.97 -14.61 -22.29
CA PRO C 370 51.86 -14.06 -21.49
C PRO C 370 51.35 -15.03 -20.43
N GLN C 371 51.06 -14.47 -19.25
CA GLN C 371 50.69 -15.27 -18.09
C GLN C 371 49.83 -14.42 -17.16
N THR C 372 48.91 -15.08 -16.46
CA THR C 372 48.06 -14.44 -15.45
C THR C 372 48.27 -15.14 -14.12
N ASP C 373 48.44 -14.36 -13.05
CA ASP C 373 48.58 -14.91 -11.71
C ASP C 373 47.32 -14.60 -10.89
N ILE C 374 46.86 -15.57 -10.12
CA ILE C 374 45.65 -15.45 -9.30
C ILE C 374 46.02 -15.74 -7.85
N ARG C 375 45.52 -14.92 -6.93
CA ARG C 375 45.78 -15.09 -5.51
C ARG C 375 44.49 -15.01 -4.71
N TRP C 376 44.23 -16.05 -3.92
CA TRP C 376 43.06 -16.14 -3.05
C TRP C 376 43.48 -15.87 -1.61
N MET C 377 42.72 -15.03 -0.90
CA MET C 377 42.99 -14.70 0.48
C MET C 377 41.69 -14.78 1.28
N SER C 378 41.63 -15.71 2.24
CA SER C 378 40.42 -16.00 2.99
C SER C 378 40.68 -15.84 4.48
N GLU C 379 39.63 -15.43 5.21
CA GLU C 379 39.81 -15.06 6.61
C GLU C 379 40.06 -16.25 7.51
N SER C 380 39.46 -17.40 7.23
CA SER C 380 39.60 -18.57 8.10
C SER C 380 39.37 -19.84 7.27
N GLY C 381 39.14 -20.95 7.96
CA GLY C 381 39.02 -22.22 7.26
C GLY C 381 40.38 -22.76 6.83
N ILE C 382 40.36 -23.86 6.08
CA ILE C 382 41.56 -24.44 5.52
C ILE C 382 41.76 -23.94 4.10
N ILE C 383 42.89 -24.30 3.50
CA ILE C 383 43.06 -24.18 2.06
C ILE C 383 42.50 -25.45 1.42
N ASP C 384 41.56 -25.26 0.51
CA ASP C 384 40.91 -26.38 -0.17
C ASP C 384 40.57 -25.87 -1.55
N VAL C 385 41.31 -26.35 -2.55
CA VAL C 385 41.21 -25.81 -3.90
C VAL C 385 41.16 -26.95 -4.90
N PHE C 386 40.30 -26.81 -5.89
CA PHE C 386 40.18 -27.78 -6.96
C PHE C 386 40.74 -27.17 -8.23
N LEU C 387 41.64 -27.91 -8.88
CA LEU C 387 42.17 -27.54 -10.17
C LEU C 387 41.46 -28.36 -11.23
N MET C 388 40.80 -27.66 -12.16
CA MET C 388 39.95 -28.29 -13.17
C MET C 388 40.60 -28.04 -14.52
N LEU C 389 41.17 -29.08 -15.10
CA LEU C 389 42.18 -28.96 -16.13
C LEU C 389 41.64 -28.95 -17.55
N GLY C 390 40.32 -28.95 -17.73
CA GLY C 390 39.75 -28.94 -19.05
C GLY C 390 40.01 -30.24 -19.78
N PRO C 391 40.52 -30.16 -21.02
CA PRO C 391 41.04 -28.99 -21.73
C PRO C 391 40.02 -28.04 -22.33
N SER C 392 38.80 -28.50 -22.63
CA SER C 392 37.82 -27.57 -23.18
C SER C 392 36.99 -26.98 -22.05
N VAL C 393 36.33 -25.85 -22.34
CA VAL C 393 35.53 -25.21 -21.31
C VAL C 393 34.36 -26.10 -20.90
N PHE C 394 33.82 -26.89 -21.84
CA PHE C 394 32.78 -27.83 -21.48
C PHE C 394 33.30 -28.93 -20.57
N ASP C 395 34.58 -29.30 -20.70
CA ASP C 395 35.18 -30.19 -19.70
C ASP C 395 35.20 -29.53 -18.32
N VAL C 396 35.49 -28.23 -18.26
CA VAL C 396 35.52 -27.57 -16.97
C VAL C 396 34.11 -27.53 -16.38
N PHE C 397 33.09 -27.25 -17.21
CA PHE C 397 31.71 -27.33 -16.76
C PHE C 397 31.40 -28.69 -16.15
N ARG C 398 31.77 -29.77 -16.88
CA ARG C 398 31.50 -31.12 -16.39
C ARG C 398 32.28 -31.40 -15.11
N GLN C 399 33.53 -30.92 -15.05
CA GLN C 399 34.35 -31.13 -13.87
C GLN C 399 33.74 -30.45 -12.63
N TYR C 400 33.37 -29.18 -12.77
CA TYR C 400 32.75 -28.46 -11.65
C TYR C 400 31.41 -29.07 -11.26
N ALA C 401 30.60 -29.47 -12.24
CA ALA C 401 29.28 -30.04 -11.94
C ALA C 401 29.41 -31.36 -11.20
N SER C 402 30.43 -32.16 -11.50
CA SER C 402 30.61 -33.41 -10.75
C SER C 402 30.95 -33.13 -9.28
N LEU C 403 31.47 -31.95 -8.98
CA LEU C 403 31.78 -31.54 -7.61
C LEU C 403 30.57 -30.92 -6.90
N THR C 404 29.92 -29.92 -7.50
CA THR C 404 28.88 -29.15 -6.82
C THR C 404 27.47 -29.35 -7.40
N GLY C 405 27.30 -30.23 -8.39
CA GLY C 405 25.98 -30.50 -8.92
C GLY C 405 25.60 -29.58 -10.05
N THR C 406 24.34 -29.70 -10.48
CA THR C 406 23.83 -29.02 -11.67
C THR C 406 22.61 -28.18 -11.32
N GLN C 407 22.26 -27.30 -12.26
CA GLN C 407 21.04 -26.51 -12.17
C GLN C 407 19.82 -27.39 -11.95
N ALA C 408 19.08 -27.12 -10.88
CA ALA C 408 17.79 -27.76 -10.68
C ALA C 408 16.88 -27.49 -11.86
N LEU C 409 16.12 -28.50 -12.27
CA LEU C 409 15.21 -28.34 -13.40
C LEU C 409 14.05 -27.45 -13.00
N PRO C 410 13.92 -26.26 -13.56
CA PRO C 410 12.82 -25.38 -13.17
C PRO C 410 11.48 -25.95 -13.60
N PRO C 411 10.44 -25.83 -12.78
CA PRO C 411 9.09 -26.04 -13.29
C PRO C 411 8.83 -25.09 -14.45
N LEU C 412 8.11 -25.57 -15.47
CA LEU C 412 7.97 -24.81 -16.70
C LEU C 412 7.45 -23.38 -16.46
N PHE C 413 6.47 -23.23 -15.56
CA PHE C 413 5.85 -21.91 -15.36
C PHE C 413 6.89 -20.87 -14.98
N SER C 414 7.93 -21.28 -14.25
CA SER C 414 8.91 -20.32 -13.75
C SER C 414 9.84 -19.82 -14.84
N LEU C 415 9.80 -20.41 -16.03
CA LEU C 415 10.50 -19.88 -17.18
C LEU C 415 9.65 -18.89 -17.97
N GLY C 416 8.41 -18.65 -17.55
CA GLY C 416 7.59 -17.62 -18.14
C GLY C 416 7.90 -16.24 -17.56
N TYR C 417 6.96 -15.32 -17.73
CA TYR C 417 7.13 -13.94 -17.30
C TYR C 417 6.55 -13.76 -15.91
N HIS C 418 7.32 -13.11 -15.04
CA HIS C 418 6.89 -12.81 -13.67
C HIS C 418 6.60 -11.31 -13.55
N GLN C 419 5.46 -10.98 -12.96
CA GLN C 419 5.07 -9.58 -12.74
C GLN C 419 5.16 -9.28 -11.25
N SER C 420 5.98 -8.32 -10.89
CA SER C 420 6.24 -8.05 -9.50
C SER C 420 6.39 -6.55 -9.28
N ARG C 421 6.21 -6.15 -8.03
CA ARG C 421 6.66 -4.86 -7.53
C ARG C 421 6.54 -4.91 -6.02
N TRP C 422 7.20 -3.96 -5.39
CA TRP C 422 7.01 -3.63 -3.99
C TRP C 422 6.06 -2.43 -4.03
N ASN C 423 4.77 -2.63 -3.73
CA ASN C 423 4.08 -3.88 -3.43
C ASN C 423 2.74 -3.86 -4.16
N TYR C 424 2.14 -5.02 -4.42
CA TYR C 424 0.72 -5.02 -4.76
C TYR C 424 -0.10 -4.88 -3.48
N ARG C 425 -1.17 -4.11 -3.58
CA ARG C 425 -1.83 -3.51 -2.42
C ARG C 425 -2.62 -4.55 -1.62
N ASP C 426 -3.41 -5.37 -2.30
CA ASP C 426 -4.31 -6.31 -1.64
C ASP C 426 -4.72 -7.37 -2.65
N GLU C 427 -5.60 -8.28 -2.21
CA GLU C 427 -6.11 -9.31 -3.11
C GLU C 427 -6.77 -8.70 -4.35
N ALA C 428 -7.54 -7.62 -4.16
CA ALA C 428 -8.20 -6.98 -5.30
C ALA C 428 -7.19 -6.44 -6.30
N ASP C 429 -6.12 -5.81 -5.81
CA ASP C 429 -5.06 -5.36 -6.70
C ASP C 429 -4.45 -6.52 -7.49
N VAL C 430 -4.18 -7.64 -6.81
CA VAL C 430 -3.61 -8.82 -7.45
C VAL C 430 -4.53 -9.34 -8.54
N LEU C 431 -5.84 -9.46 -8.25
CA LEU C 431 -6.80 -9.92 -9.24
C LEU C 431 -6.97 -8.92 -10.37
N GLU C 432 -6.87 -7.61 -10.09
CA GLU C 432 -6.92 -6.61 -11.14
C GLU C 432 -5.72 -6.72 -12.07
N VAL C 433 -4.54 -6.95 -11.51
CA VAL C 433 -3.36 -7.13 -12.35
C VAL C 433 -3.53 -8.38 -13.20
N ASP C 434 -4.04 -9.46 -12.61
CA ASP C 434 -4.31 -10.67 -13.36
C ASP C 434 -5.23 -10.40 -14.53
N GLN C 435 -6.34 -9.67 -14.27
CA GLN C 435 -7.27 -9.36 -15.34
C GLN C 435 -6.64 -8.45 -16.37
N GLY C 436 -5.76 -7.54 -15.93
CA GLY C 436 -5.15 -6.62 -16.87
C GLY C 436 -4.33 -7.31 -17.95
N PHE C 437 -3.62 -8.38 -17.58
CA PHE C 437 -2.86 -9.14 -18.56
C PHE C 437 -3.79 -9.72 -19.62
N ASP C 438 -4.92 -10.30 -19.19
CA ASP C 438 -5.84 -10.87 -20.15
C ASP C 438 -6.57 -9.81 -20.96
N ASP C 439 -7.04 -8.74 -20.30
CA ASP C 439 -7.72 -7.67 -21.02
C ASP C 439 -6.82 -6.98 -22.03
N HIS C 440 -5.51 -7.03 -21.87
CA HIS C 440 -4.61 -6.40 -22.82
C HIS C 440 -3.79 -7.42 -23.61
N ASN C 441 -4.17 -8.70 -23.56
CA ASN C 441 -3.60 -9.74 -24.40
C ASN C 441 -2.09 -9.87 -24.21
N MET C 442 -1.67 -10.00 -22.96
CA MET C 442 -0.26 -10.18 -22.62
C MET C 442 -0.13 -11.42 -21.73
N PRO C 443 0.79 -12.33 -22.03
CA PRO C 443 0.93 -13.52 -21.19
C PRO C 443 1.71 -13.20 -19.93
N CYS C 444 1.39 -13.94 -18.87
CA CYS C 444 2.07 -13.81 -17.58
C CYS C 444 1.79 -15.08 -16.80
N ASP C 445 2.85 -15.64 -16.19
CA ASP C 445 2.65 -16.85 -15.41
C ASP C 445 2.53 -16.62 -13.92
N VAL C 446 3.19 -15.60 -13.36
CA VAL C 446 3.28 -15.44 -11.92
C VAL C 446 3.13 -13.97 -11.54
N ILE C 447 2.38 -13.73 -10.48
CA ILE C 447 2.28 -12.43 -9.82
C ILE C 447 2.90 -12.57 -8.44
N TRP C 448 3.70 -11.58 -8.05
CA TRP C 448 4.54 -11.68 -6.86
C TRP C 448 4.03 -10.78 -5.74
N LEU C 449 4.13 -11.27 -4.50
CA LEU C 449 3.75 -10.54 -3.29
C LEU C 449 4.99 -10.24 -2.46
N ASP C 450 5.37 -8.97 -2.40
CA ASP C 450 6.53 -8.53 -1.65
C ASP C 450 6.11 -8.34 -0.19
N ILE C 451 6.97 -7.73 0.63
CA ILE C 451 6.86 -7.85 2.08
C ILE C 451 5.59 -7.25 2.67
N GLU C 452 4.94 -6.32 1.95
CA GLU C 452 3.75 -5.69 2.53
C GLU C 452 2.54 -6.61 2.53
N HIS C 453 2.65 -7.82 1.97
CA HIS C 453 1.53 -8.74 2.00
C HIS C 453 1.37 -9.43 3.35
N ALA C 454 2.42 -9.46 4.15
CA ALA C 454 2.40 -10.13 5.44
C ALA C 454 1.91 -9.19 6.53
N ASP C 455 1.73 -9.73 7.74
CA ASP C 455 1.30 -8.93 8.89
C ASP C 455 2.52 -8.27 9.51
N GLY C 456 2.79 -7.03 9.09
CA GLY C 456 3.89 -6.25 9.61
C GLY C 456 5.24 -6.94 9.50
N LYS C 457 5.50 -7.56 8.35
CA LYS C 457 6.78 -8.23 8.06
C LYS C 457 7.05 -9.39 9.00
N ARG C 458 5.98 -10.02 9.48
CA ARG C 458 6.07 -11.33 10.13
C ARG C 458 5.85 -12.37 9.04
N TYR C 459 6.93 -12.98 8.56
CA TYR C 459 6.80 -13.88 7.42
C TYR C 459 6.02 -15.13 7.79
N PHE C 460 5.47 -15.78 6.77
CA PHE C 460 4.48 -16.86 6.86
C PHE C 460 3.11 -16.39 7.35
N THR C 461 2.87 -15.07 7.42
CA THR C 461 1.55 -14.56 7.78
C THR C 461 0.98 -13.73 6.63
N TRP C 462 -0.27 -13.30 6.81
CA TRP C 462 -1.00 -12.50 5.82
C TRP C 462 -1.60 -11.30 6.51
N ASP C 463 -1.53 -10.13 5.87
CA ASP C 463 -2.10 -8.96 6.50
C ASP C 463 -3.60 -9.18 6.66
N PRO C 464 -4.13 -9.03 7.87
CA PRO C 464 -5.51 -9.47 8.13
C PRO C 464 -6.56 -8.61 7.43
N THR C 465 -6.19 -7.42 6.97
CA THR C 465 -7.12 -6.55 6.25
C THR C 465 -6.95 -6.63 4.74
N ARG C 466 -5.72 -6.61 4.25
CA ARG C 466 -5.50 -6.56 2.81
C ARG C 466 -5.37 -7.93 2.15
N PHE C 467 -5.07 -8.97 2.93
CA PHE C 467 -5.05 -10.34 2.42
C PHE C 467 -5.79 -11.25 3.39
N PRO C 468 -7.09 -11.02 3.58
CA PRO C 468 -7.84 -11.83 4.56
C PRO C 468 -8.13 -13.24 4.07
N GLN C 469 -8.12 -13.49 2.77
CA GLN C 469 -8.52 -14.80 2.21
C GLN C 469 -7.50 -15.27 1.17
N PRO C 470 -6.28 -15.60 1.60
CA PRO C 470 -5.27 -15.99 0.61
C PRO C 470 -5.67 -17.22 -0.20
N LEU C 471 -6.32 -18.21 0.41
CA LEU C 471 -6.75 -19.38 -0.35
C LEU C 471 -7.69 -19.00 -1.48
N ASN C 472 -8.62 -18.08 -1.22
CA ASN C 472 -9.56 -17.65 -2.25
CA ASN C 472 -9.55 -17.69 -2.28
C ASN C 472 -8.83 -16.91 -3.37
N MET C 473 -7.86 -16.06 -3.02
CA MET C 473 -7.06 -15.39 -4.03
C MET C 473 -6.25 -16.39 -4.85
N LEU C 474 -5.65 -17.37 -4.19
CA LEU C 474 -4.87 -18.38 -4.91
C LEU C 474 -5.75 -19.23 -5.81
N GLU C 475 -6.97 -19.53 -5.37
CA GLU C 475 -7.86 -20.32 -6.20
C GLU C 475 -8.27 -19.54 -7.44
N HIS C 476 -8.46 -18.22 -7.34
CA HIS C 476 -8.76 -17.43 -8.53
CA HIS C 476 -8.75 -17.41 -8.52
C HIS C 476 -7.58 -17.44 -9.49
N LEU C 477 -6.36 -17.28 -8.99
CA LEU C 477 -5.19 -17.38 -9.85
C LEU C 477 -5.11 -18.76 -10.49
N ALA C 478 -5.41 -19.82 -9.73
CA ALA C 478 -5.40 -21.17 -10.29
C ALA C 478 -6.43 -21.32 -11.41
N SER C 479 -7.59 -20.69 -11.25
CA SER C 479 -8.63 -20.78 -12.29
C SER C 479 -8.20 -20.07 -13.56
N LYS C 480 -7.23 -19.16 -13.48
CA LYS C 480 -6.57 -18.58 -14.64
C LYS C 480 -5.29 -19.33 -15.00
N ARG C 481 -5.00 -20.44 -14.32
CA ARG C 481 -3.80 -21.25 -14.55
C ARG C 481 -2.53 -20.41 -14.37
N ARG C 482 -2.51 -19.63 -13.30
CA ARG C 482 -1.36 -18.82 -12.94
C ARG C 482 -0.95 -19.13 -11.52
N LYS C 483 0.28 -18.71 -11.17
CA LYS C 483 0.84 -18.96 -9.86
C LYS C 483 1.04 -17.63 -9.12
N LEU C 484 1.44 -17.75 -7.86
CA LEU C 484 1.82 -16.62 -7.05
C LEU C 484 3.13 -16.94 -6.34
N VAL C 485 3.96 -15.92 -6.15
CA VAL C 485 5.16 -16.03 -5.32
C VAL C 485 5.03 -15.08 -4.14
N ALA C 486 5.29 -15.58 -2.94
CA ALA C 486 5.27 -14.79 -1.72
C ALA C 486 6.68 -14.72 -1.14
N ILE C 487 7.07 -13.52 -0.68
CA ILE C 487 8.40 -13.35 -0.11
C ILE C 487 8.41 -13.91 1.32
N VAL C 488 9.49 -14.62 1.67
CA VAL C 488 9.74 -15.13 3.01
C VAL C 488 11.20 -14.88 3.29
N ASP C 489 11.49 -13.90 4.16
CA ASP C 489 12.87 -13.55 4.44
C ASP C 489 13.36 -14.28 5.69
N PRO C 490 14.68 -14.43 5.85
CA PRO C 490 15.16 -15.20 7.00
C PRO C 490 15.10 -14.45 8.33
N HIS C 491 14.90 -13.14 8.38
CA HIS C 491 14.84 -12.47 9.68
C HIS C 491 13.43 -12.56 10.28
N ILE C 492 13.37 -12.83 11.58
CA ILE C 492 12.12 -13.13 12.29
C ILE C 492 11.88 -12.05 13.34
N LYS C 493 10.76 -11.34 13.23
CA LYS C 493 10.45 -10.26 14.16
C LYS C 493 10.45 -10.74 15.61
N VAL C 494 11.17 -10.01 16.47
CA VAL C 494 11.16 -10.33 17.90
C VAL C 494 9.80 -9.91 18.45
N ASP C 495 8.94 -10.89 18.70
CA ASP C 495 7.55 -10.58 19.02
C ASP C 495 6.97 -11.82 19.69
N SER C 496 6.64 -11.71 20.98
CA SER C 496 6.15 -12.85 21.73
C SER C 496 4.76 -13.30 21.28
N GLY C 497 4.05 -12.49 20.50
CA GLY C 497 2.82 -12.97 19.92
C GLY C 497 2.99 -13.65 18.57
N TYR C 498 4.22 -13.66 18.03
CA TYR C 498 4.52 -14.22 16.73
C TYR C 498 5.01 -15.65 16.95
N ARG C 499 4.18 -16.63 16.55
CA ARG C 499 4.47 -18.01 16.92
C ARG C 499 5.78 -18.51 16.31
N VAL C 500 6.14 -18.05 15.10
CA VAL C 500 7.42 -18.45 14.52
C VAL C 500 8.57 -18.05 15.44
N HIS C 501 8.55 -16.80 15.94
CA HIS C 501 9.60 -16.35 16.84
C HIS C 501 9.61 -17.17 18.13
N GLU C 502 8.44 -17.46 18.69
CA GLU C 502 8.39 -18.18 19.95
C GLU C 502 8.97 -19.58 19.80
N GLU C 503 8.62 -20.26 18.71
CA GLU C 503 9.13 -21.60 18.45
C GLU C 503 10.66 -21.60 18.32
N LEU C 504 11.19 -20.68 17.52
CA LEU C 504 12.63 -20.65 17.29
C LEU C 504 13.39 -20.26 18.56
N ARG C 505 12.84 -19.31 19.31
CA ARG C 505 13.42 -18.93 20.60
C ARG C 505 13.43 -20.11 21.56
N ASN C 506 12.29 -20.79 21.67
CA ASN C 506 12.14 -21.87 22.64
C ASN C 506 12.97 -23.10 22.28
N HIS C 507 13.22 -23.34 21.00
CA HIS C 507 14.00 -24.49 20.55
C HIS C 507 15.45 -24.14 20.30
N GLY C 508 15.87 -22.92 20.64
CA GLY C 508 17.26 -22.52 20.49
C GLY C 508 17.79 -22.57 19.07
N LEU C 509 16.97 -22.21 18.09
CA LEU C 509 17.36 -22.32 16.69
C LEU C 509 17.84 -21.00 16.11
N TYR C 510 18.07 -19.99 16.95
CA TYR C 510 18.56 -18.71 16.49
C TYR C 510 20.09 -18.63 16.54
N VAL C 511 20.65 -17.82 15.63
CA VAL C 511 22.05 -17.43 15.73
C VAL C 511 22.31 -16.75 17.07
N LYS C 512 23.47 -17.04 17.66
CA LYS C 512 23.79 -16.66 19.03
C LYS C 512 24.88 -15.59 19.07
N THR C 513 24.90 -14.88 20.19
CA THR C 513 26.02 -14.01 20.56
C THR C 513 26.89 -14.70 21.60
N ARG C 514 28.04 -14.10 21.89
CA ARG C 514 28.99 -14.71 22.80
C ARG C 514 28.47 -14.83 24.23
N ASP C 515 27.48 -14.03 24.64
CA ASP C 515 26.92 -14.18 25.98
C ASP C 515 25.81 -15.21 26.06
N GLY C 516 25.51 -15.91 24.98
CA GLY C 516 24.52 -16.97 25.02
C GLY C 516 23.10 -16.54 24.74
N SER C 517 22.87 -15.27 24.43
CA SER C 517 21.53 -14.84 24.06
C SER C 517 21.38 -14.90 22.54
N ASP C 518 20.14 -14.80 22.08
CA ASP C 518 19.87 -14.80 20.66
C ASP C 518 20.28 -13.47 20.04
N TYR C 519 20.95 -13.54 18.90
CA TYR C 519 21.34 -12.32 18.20
C TYR C 519 20.10 -11.55 17.77
N GLU C 520 20.14 -10.23 17.95
CA GLU C 520 19.07 -9.36 17.52
C GLU C 520 19.68 -8.22 16.72
N GLY C 521 19.13 -7.99 15.53
CA GLY C 521 19.51 -6.85 14.73
C GLY C 521 18.26 -6.14 14.27
N TRP C 522 18.44 -5.16 13.38
CA TRP C 522 17.33 -4.38 12.83
C TRP C 522 17.14 -4.76 11.37
N CYS C 523 15.90 -5.02 10.98
CA CYS C 523 15.58 -5.23 9.58
C CYS C 523 14.14 -4.74 9.36
N TRP C 524 13.50 -5.23 8.30
CA TRP C 524 12.18 -4.73 7.92
C TRP C 524 11.16 -4.70 9.06
N PRO C 525 11.03 -5.69 9.94
CA PRO C 525 10.04 -5.59 11.01
C PRO C 525 10.52 -4.85 12.25
N GLY C 526 11.64 -4.15 12.18
CA GLY C 526 12.25 -3.59 13.38
C GLY C 526 13.25 -4.57 13.98
N SER C 527 13.15 -4.78 15.28
CA SER C 527 14.04 -5.72 15.95
CA SER C 527 14.04 -5.72 15.95
C SER C 527 13.73 -7.14 15.49
N ALA C 528 14.77 -7.86 15.08
CA ALA C 528 14.56 -9.19 14.52
C ALA C 528 15.74 -10.10 14.85
N SER C 529 15.45 -11.39 14.92
CA SER C 529 16.46 -12.40 15.15
C SER C 529 16.64 -13.23 13.89
N TYR C 530 17.74 -13.98 13.85
CA TYR C 530 18.17 -14.68 12.64
C TYR C 530 18.29 -16.17 12.89
N PRO C 531 17.45 -16.99 12.28
CA PRO C 531 17.54 -18.44 12.45
C PRO C 531 18.88 -18.93 11.95
N ASP C 532 19.42 -19.92 12.64
CA ASP C 532 20.74 -20.44 12.29
C ASP C 532 20.54 -21.49 11.23
N PHE C 533 20.50 -21.05 9.97
CA PHE C 533 20.30 -21.97 8.86
C PHE C 533 21.48 -22.93 8.66
N THR C 534 22.65 -22.69 9.27
CA THR C 534 23.71 -23.69 9.19
C THR C 534 23.43 -24.90 10.05
N ASN C 535 22.42 -24.83 10.92
CA ASN C 535 22.05 -25.92 11.82
C ASN C 535 21.04 -26.83 11.12
N PRO C 536 21.34 -28.12 10.93
CA PRO C 536 20.39 -28.98 10.21
C PRO C 536 19.04 -29.12 10.87
N ARG C 537 18.98 -28.99 12.21
CA ARG C 537 17.68 -29.01 12.86
C ARG C 537 16.87 -27.78 12.50
N MET C 538 17.54 -26.66 12.22
CA MET C 538 16.82 -25.45 11.84
CA MET C 538 16.84 -25.45 11.83
C MET C 538 16.32 -25.54 10.40
N ARG C 539 17.15 -26.05 9.47
CA ARG C 539 16.70 -26.24 8.11
C ARG C 539 15.52 -27.21 8.06
N ALA C 540 15.55 -28.27 8.87
CA ALA C 540 14.41 -29.18 8.92
C ALA C 540 13.17 -28.47 9.46
N TRP C 541 13.33 -27.62 10.47
CA TRP C 541 12.18 -26.85 10.98
C TRP C 541 11.60 -25.96 9.89
N TRP C 542 12.47 -25.24 9.19
CA TRP C 542 12.05 -24.33 8.12
C TRP C 542 11.29 -25.07 7.04
N SER C 543 11.86 -26.19 6.58
CA SER C 543 11.22 -26.98 5.53
CA SER C 543 11.22 -26.99 5.54
C SER C 543 9.82 -27.42 5.96
N ASN C 544 9.69 -27.96 7.17
CA ASN C 544 8.39 -28.38 7.67
C ASN C 544 7.42 -27.20 7.81
N MET C 545 7.95 -25.98 8.01
CA MET C 545 7.09 -24.81 8.13
C MET C 545 6.31 -24.53 6.85
N PHE C 546 6.77 -25.04 5.70
CA PHE C 546 6.08 -24.82 4.44
C PHE C 546 4.99 -25.84 4.16
N SER C 547 4.73 -26.75 5.09
CA SER C 547 3.59 -27.64 4.93
C SER C 547 2.30 -26.83 4.89
N PHE C 548 1.33 -27.33 4.14
CA PHE C 548 0.06 -26.63 4.00
C PHE C 548 -0.65 -26.45 5.35
N ASP C 549 -0.36 -27.32 6.32
CA ASP C 549 -0.90 -27.17 7.68
C ASP C 549 -0.20 -26.09 8.48
N ASN C 550 1.10 -25.87 8.25
CA ASN C 550 1.82 -24.88 9.03
C ASN C 550 1.77 -23.50 8.38
N TYR C 551 1.97 -23.42 7.07
CA TYR C 551 1.90 -22.15 6.35
C TYR C 551 0.46 -21.97 5.90
N GLU C 552 -0.37 -21.57 6.86
CA GLU C 552 -1.79 -21.40 6.60
C GLU C 552 -2.02 -20.34 5.53
N GLY C 553 -2.95 -20.62 4.64
CA GLY C 553 -3.22 -19.77 3.49
C GLY C 553 -2.40 -20.07 2.26
N SER C 554 -1.40 -20.94 2.35
CA SER C 554 -0.63 -21.36 1.18
C SER C 554 -1.31 -22.51 0.46
N ALA C 555 -0.97 -22.67 -0.81
CA ALA C 555 -1.57 -23.66 -1.68
C ALA C 555 -0.53 -24.10 -2.70
N PRO C 556 -0.80 -25.16 -3.47
CA PRO C 556 0.22 -25.67 -4.41
C PRO C 556 0.68 -24.68 -5.46
N ASN C 557 -0.11 -23.66 -5.82
CA ASN C 557 0.36 -22.66 -6.77
C ASN C 557 0.98 -21.43 -6.11
N LEU C 558 1.42 -21.55 -4.85
CA LEU C 558 2.17 -20.50 -4.16
CA LEU C 558 2.17 -20.51 -4.17
C LEU C 558 3.62 -20.93 -4.04
N TYR C 559 4.52 -20.14 -4.60
CA TYR C 559 5.96 -20.39 -4.56
C TYR C 559 6.63 -19.25 -3.80
N VAL C 560 7.95 -19.31 -3.64
CA VAL C 560 8.60 -18.55 -2.58
C VAL C 560 9.79 -17.75 -3.09
N TRP C 561 9.97 -16.57 -2.51
CA TRP C 561 11.12 -15.70 -2.77
C TRP C 561 11.86 -15.48 -1.45
N ASN C 562 13.15 -15.83 -1.44
CA ASN C 562 14.03 -15.57 -0.31
C ASN C 562 14.90 -14.36 -0.60
N ASP C 563 14.72 -13.31 0.18
CA ASP C 563 15.46 -12.08 0.02
C ASP C 563 16.26 -11.80 1.29
N MET C 564 17.18 -10.84 1.22
CA MET C 564 17.94 -10.37 2.37
C MET C 564 18.69 -11.48 3.06
N ASN C 565 19.02 -12.58 2.36
CA ASN C 565 19.58 -13.74 3.03
C ASN C 565 21.12 -13.75 3.03
N GLU C 566 21.75 -12.59 2.94
CA GLU C 566 23.21 -12.51 3.06
C GLU C 566 23.78 -12.96 4.41
N PRO C 567 23.16 -12.66 5.59
CA PRO C 567 21.92 -11.94 5.91
C PRO C 567 22.09 -10.43 5.96
N SER C 568 21.02 -9.72 5.62
CA SER C 568 21.03 -8.27 5.72
C SER C 568 20.66 -7.86 7.14
N VAL C 569 21.48 -6.99 7.75
CA VAL C 569 21.28 -6.50 9.11
C VAL C 569 21.51 -4.99 9.06
N PHE C 570 20.43 -4.21 9.23
CA PHE C 570 20.47 -2.78 8.93
C PHE C 570 21.45 -2.03 9.83
N ASN C 571 21.56 -2.43 11.10
CA ASN C 571 22.49 -1.77 12.02
C ASN C 571 23.75 -2.60 12.25
N GLY C 572 24.05 -3.55 11.37
CA GLY C 572 25.22 -4.39 11.52
C GLY C 572 26.39 -3.86 10.73
N PRO C 573 27.59 -4.35 11.03
CA PRO C 573 28.76 -3.90 10.27
C PRO C 573 28.61 -4.31 8.80
N GLU C 574 28.75 -3.33 7.92
CA GLU C 574 28.58 -3.52 6.48
C GLU C 574 27.18 -4.04 6.15
N VAL C 575 26.22 -3.72 7.04
CA VAL C 575 24.81 -4.07 6.87
C VAL C 575 24.63 -5.59 6.90
N THR C 576 25.51 -6.30 7.63
CA THR C 576 25.36 -7.74 7.80
C THR C 576 25.71 -8.12 9.24
N MET C 577 25.69 -9.41 9.50
CA MET C 577 25.84 -9.94 10.86
C MET C 577 27.27 -9.76 11.37
N LEU C 578 27.40 -9.61 12.69
CA LEU C 578 28.71 -9.50 13.33
C LEU C 578 29.54 -10.75 13.08
N LYS C 579 30.83 -10.54 12.81
CA LYS C 579 31.76 -11.65 12.59
C LYS C 579 31.81 -12.62 13.76
N ASP C 580 31.65 -12.12 14.99
CA ASP C 580 31.81 -12.96 16.18
C ASP C 580 30.49 -13.46 16.75
N ALA C 581 29.39 -13.36 16.00
CA ALA C 581 28.20 -14.15 16.31
C ALA C 581 28.54 -15.63 16.12
N VAL C 582 27.77 -16.49 16.79
CA VAL C 582 28.12 -17.90 16.93
C VAL C 582 26.99 -18.77 16.38
N HIS C 583 27.39 -19.82 15.66
CA HIS C 583 26.50 -20.72 14.95
C HIS C 583 26.64 -22.15 15.45
N TYR C 584 25.84 -23.03 14.85
CA TYR C 584 25.88 -24.46 15.10
C TYR C 584 27.32 -25.00 15.07
N GLY C 585 27.64 -25.87 16.02
CA GLY C 585 29.00 -26.37 16.13
C GLY C 585 29.99 -25.40 16.74
N GLY C 586 29.53 -24.25 17.21
CA GLY C 586 30.40 -23.26 17.80
C GLY C 586 31.15 -22.44 16.78
N TRP C 587 30.90 -22.64 15.50
CA TRP C 587 31.59 -21.88 14.49
C TRP C 587 31.17 -20.42 14.55
N GLU C 588 32.11 -19.54 14.25
CA GLU C 588 31.80 -18.13 14.19
C GLU C 588 31.16 -17.79 12.86
N HIS C 589 30.44 -16.67 12.85
CA HIS C 589 29.84 -16.21 11.61
C HIS C 589 30.88 -15.98 10.52
N ARG C 590 32.08 -15.52 10.91
CA ARG C 590 33.13 -15.28 9.92
C ARG C 590 33.53 -16.55 9.18
N ASP C 591 33.35 -17.73 9.80
CA ASP C 591 33.69 -18.99 9.16
C ASP C 591 32.67 -19.40 8.10
N ILE C 592 31.39 -19.05 8.29
CA ILE C 592 30.30 -19.65 7.52
C ILE C 592 29.59 -18.63 6.63
N HIS C 593 29.99 -17.36 6.67
CA HIS C 593 29.14 -16.29 6.17
C HIS C 593 28.59 -16.57 4.77
N ASN C 594 29.46 -16.96 3.84
CA ASN C 594 29.04 -16.99 2.44
C ASN C 594 28.14 -18.17 2.09
N ILE C 595 27.90 -19.11 3.00
CA ILE C 595 26.93 -20.17 2.74
C ILE C 595 25.64 -19.99 3.52
N TYR C 596 25.50 -18.92 4.29
CA TYR C 596 24.25 -18.68 5.02
C TYR C 596 23.08 -18.54 4.05
N GLY C 597 23.24 -17.72 3.01
CA GLY C 597 22.15 -17.56 2.05
C GLY C 597 21.79 -18.85 1.35
N LEU C 598 22.80 -19.63 0.97
CA LEU C 598 22.57 -20.91 0.33
C LEU C 598 21.74 -21.84 1.19
N TYR C 599 22.00 -21.87 2.50
CA TYR C 599 21.21 -22.70 3.39
C TYR C 599 19.74 -22.25 3.44
N VAL C 600 19.49 -20.94 3.34
CA VAL C 600 18.10 -20.47 3.29
C VAL C 600 17.42 -20.98 2.03
N HIS C 601 18.09 -20.79 0.89
CA HIS C 601 17.61 -21.24 -0.41
C HIS C 601 17.30 -22.74 -0.38
N MET C 602 18.23 -23.52 0.17
CA MET C 602 18.10 -24.98 0.22
C MET C 602 16.92 -25.39 1.10
N ALA C 603 16.82 -24.82 2.31
CA ALA C 603 15.76 -25.20 3.22
C ALA C 603 14.39 -24.84 2.65
N THR C 604 14.30 -23.71 1.93
CA THR C 604 13.03 -23.31 1.31
C THR C 604 12.61 -24.25 0.19
N ALA C 605 13.54 -24.57 -0.72
CA ALA C 605 13.21 -25.48 -1.81
C ALA C 605 12.81 -26.85 -1.27
N ASP C 606 13.54 -27.37 -0.27
CA ASP C 606 13.13 -28.63 0.35
C ASP C 606 11.72 -28.54 0.93
N GLY C 607 11.36 -27.38 1.50
CA GLY C 607 10.01 -27.24 2.03
C GLY C 607 8.95 -27.32 0.96
N LEU C 608 9.20 -26.69 -0.19
CA LEU C 608 8.25 -26.78 -1.29
C LEU C 608 8.16 -28.20 -1.84
N ILE C 609 9.23 -28.98 -1.74
CA ILE C 609 9.16 -30.37 -2.16
C ILE C 609 8.37 -31.20 -1.15
N GLN C 610 8.74 -31.09 0.13
CA GLN C 610 8.12 -31.91 1.17
C GLN C 610 6.63 -31.65 1.30
N ARG C 611 6.19 -30.39 1.19
CA ARG C 611 4.78 -30.10 1.38
C ARG C 611 3.89 -30.87 0.41
N SER C 612 4.44 -31.25 -0.75
CA SER C 612 3.74 -32.02 -1.76
C SER C 612 3.92 -33.51 -1.59
N GLY C 613 4.65 -33.95 -0.55
CA GLY C 613 4.99 -35.35 -0.45
C GLY C 613 6.12 -35.79 -1.34
N GLY C 614 7.00 -34.88 -1.76
CA GLY C 614 8.13 -35.24 -2.58
C GLY C 614 7.87 -35.27 -4.07
N ILE C 615 6.71 -34.79 -4.52
CA ILE C 615 6.30 -34.91 -5.92
C ILE C 615 6.59 -33.64 -6.73
N GLU C 616 6.30 -32.46 -6.17
CA GLU C 616 6.36 -31.23 -6.95
C GLU C 616 7.77 -30.65 -6.94
N ARG C 617 8.20 -30.16 -8.11
CA ARG C 617 9.47 -29.46 -8.17
C ARG C 617 9.32 -28.06 -7.56
N PRO C 618 10.36 -27.56 -6.92
CA PRO C 618 10.28 -26.24 -6.29
C PRO C 618 10.52 -25.11 -7.27
N PHE C 619 10.09 -23.91 -6.88
CA PHE C 619 10.65 -22.69 -7.42
C PHE C 619 10.93 -21.74 -6.28
N VAL C 620 12.21 -21.38 -6.11
CA VAL C 620 12.64 -20.43 -5.09
C VAL C 620 13.64 -19.48 -5.74
N LEU C 621 13.37 -18.19 -5.64
CA LEU C 621 14.35 -17.16 -6.00
C LEU C 621 15.13 -16.77 -4.75
N SER C 622 16.44 -16.61 -4.90
CA SER C 622 17.30 -16.24 -3.79
C SER C 622 18.19 -15.07 -4.19
N ARG C 623 18.49 -14.20 -3.22
CA ARG C 623 19.39 -13.07 -3.50
C ARG C 623 20.85 -13.43 -3.24
N ALA C 624 21.14 -13.97 -2.06
CA ALA C 624 22.48 -14.44 -1.74
C ALA C 624 22.65 -15.89 -2.21
N PHE C 625 23.90 -16.27 -2.48
CA PHE C 625 24.17 -17.61 -3.01
C PHE C 625 25.65 -17.94 -2.87
N PHE C 626 25.97 -19.20 -3.12
CA PHE C 626 27.33 -19.72 -3.05
C PHE C 626 27.45 -20.83 -4.08
N SER C 627 28.68 -21.34 -4.25
CA SER C 627 28.86 -22.58 -5.02
C SER C 627 27.85 -23.63 -4.56
N GLY C 628 27.14 -24.22 -5.52
CA GLY C 628 26.10 -25.19 -5.21
C GLY C 628 24.69 -24.63 -5.21
N SER C 629 24.53 -23.30 -5.20
CA SER C 629 23.19 -22.72 -5.17
C SER C 629 22.37 -23.06 -6.40
N GLN C 630 23.03 -23.41 -7.52
CA GLN C 630 22.32 -23.84 -8.72
C GLN C 630 21.38 -25.01 -8.45
N ARG C 631 21.64 -25.79 -7.39
CA ARG C 631 20.79 -26.94 -7.10
C ARG C 631 19.41 -26.55 -6.56
N PHE C 632 19.18 -25.29 -6.19
CA PHE C 632 18.00 -24.91 -5.43
C PHE C 632 17.08 -23.90 -6.11
N GLY C 633 17.44 -23.41 -7.30
CA GLY C 633 16.51 -22.54 -8.00
C GLY C 633 17.15 -21.37 -8.72
N ALA C 634 16.56 -20.19 -8.55
CA ALA C 634 16.97 -19.01 -9.30
C ALA C 634 17.63 -17.99 -8.40
N VAL C 635 18.37 -17.08 -9.03
CA VAL C 635 18.96 -15.92 -8.36
C VAL C 635 18.76 -14.74 -9.30
N TRP C 636 18.87 -13.53 -8.74
CA TRP C 636 18.85 -12.31 -9.53
C TRP C 636 19.87 -11.33 -8.99
N THR C 637 20.18 -10.31 -9.78
CA THR C 637 21.26 -9.37 -9.46
C THR C 637 20.83 -8.26 -8.49
N GLY C 638 19.77 -8.47 -7.72
CA GLY C 638 19.45 -7.56 -6.64
C GLY C 638 18.86 -6.23 -7.07
N ASP C 639 19.23 -5.17 -6.35
CA ASP C 639 18.57 -3.87 -6.51
C ASP C 639 19.34 -3.06 -7.53
N ASN C 640 19.02 -3.27 -8.80
CA ASN C 640 19.58 -2.46 -9.86
C ASN C 640 18.79 -1.17 -10.00
N THR C 641 19.15 -0.37 -11.00
CA THR C 641 18.59 0.97 -11.15
C THR C 641 18.04 1.15 -12.56
N ALA C 642 16.93 1.88 -12.68
CA ALA C 642 16.32 2.17 -13.97
C ALA C 642 17.20 3.07 -14.82
N GLU C 643 18.34 2.56 -15.27
CA GLU C 643 19.26 3.31 -16.12
C GLU C 643 19.80 2.41 -17.23
N TRP C 644 20.19 3.04 -18.34
CA TRP C 644 20.63 2.30 -19.51
C TRP C 644 21.85 1.44 -19.22
N ASP C 645 22.79 1.95 -18.42
CA ASP C 645 24.00 1.19 -18.13
C ASP C 645 23.70 0.00 -17.23
N HIS C 646 22.68 0.09 -16.39
CA HIS C 646 22.27 -1.08 -15.64
C HIS C 646 21.62 -2.11 -16.56
N LEU C 647 20.92 -1.65 -17.60
CA LEU C 647 20.40 -2.58 -18.59
C LEU C 647 21.55 -3.33 -19.27
N LYS C 648 22.59 -2.59 -19.66
CA LYS C 648 23.76 -3.20 -20.32
C LYS C 648 24.44 -4.22 -19.41
N ILE C 649 24.61 -3.89 -18.13
CA ILE C 649 25.39 -4.76 -17.26
C ILE C 649 24.68 -6.06 -16.91
N SER C 650 23.39 -6.18 -17.22
CA SER C 650 22.71 -7.44 -16.93
C SER C 650 23.33 -8.62 -17.67
N ILE C 651 23.85 -8.38 -18.88
CA ILE C 651 24.48 -9.46 -19.65
C ILE C 651 25.77 -9.96 -18.99
N PRO C 652 26.78 -9.11 -18.72
CA PRO C 652 28.00 -9.64 -18.10
C PRO C 652 27.77 -10.23 -16.72
N MET C 653 26.82 -9.70 -15.95
CA MET C 653 26.56 -10.24 -14.63
C MET C 653 25.96 -11.64 -14.72
N CYS C 654 24.93 -11.81 -15.55
CA CYS C 654 24.35 -13.14 -15.69
C CYS C 654 25.29 -14.09 -16.43
N LEU C 655 26.13 -13.58 -17.35
CA LEU C 655 27.10 -14.45 -17.99
C LEU C 655 28.15 -14.96 -17.01
N SER C 656 28.59 -14.09 -16.07
CA SER C 656 29.55 -14.54 -15.07
C SER C 656 28.95 -15.57 -14.13
N LEU C 657 27.64 -15.46 -13.85
CA LEU C 657 26.98 -16.48 -13.04
C LEU C 657 26.83 -17.78 -13.82
N ALA C 658 26.48 -17.68 -15.11
CA ALA C 658 26.35 -18.88 -15.94
C ALA C 658 27.64 -19.67 -15.98
N LEU C 659 28.78 -18.98 -16.10
CA LEU C 659 30.07 -19.67 -16.23
C LEU C 659 30.37 -20.53 -15.02
N VAL C 660 29.83 -20.17 -13.86
CA VAL C 660 30.11 -20.89 -12.62
C VAL C 660 28.91 -21.71 -12.15
N GLY C 661 28.01 -22.07 -13.09
CA GLY C 661 26.98 -23.06 -12.84
C GLY C 661 25.60 -22.52 -12.50
N LEU C 662 25.45 -21.22 -12.28
CA LEU C 662 24.16 -20.63 -11.93
C LEU C 662 23.49 -20.14 -13.21
N SER C 663 22.76 -21.04 -13.87
CA SER C 663 22.13 -20.79 -15.16
C SER C 663 20.81 -20.02 -15.05
N PHE C 664 20.22 -19.99 -13.86
CA PHE C 664 18.89 -19.42 -13.66
C PHE C 664 19.03 -18.02 -13.05
N CYS C 665 19.45 -17.08 -13.91
CA CYS C 665 19.85 -15.73 -13.50
C CYS C 665 19.05 -14.69 -14.27
N GLY C 666 18.88 -13.52 -13.64
CA GLY C 666 18.22 -12.40 -14.30
C GLY C 666 18.43 -11.11 -13.53
N ALA C 667 17.90 -10.02 -14.10
CA ALA C 667 17.88 -8.71 -13.46
C ALA C 667 16.48 -8.13 -13.53
N ASP C 668 16.16 -7.28 -12.55
CA ASP C 668 14.85 -6.64 -12.49
C ASP C 668 14.58 -5.89 -13.78
N VAL C 669 13.51 -6.26 -14.48
CA VAL C 669 13.15 -5.65 -15.76
C VAL C 669 12.55 -4.28 -15.51
N GLY C 670 13.18 -3.25 -16.08
CA GLY C 670 12.84 -1.88 -15.80
C GLY C 670 13.67 -1.23 -14.71
N GLY C 671 14.42 -2.02 -13.94
CA GLY C 671 15.22 -1.48 -12.85
C GLY C 671 14.43 -1.40 -11.57
N PHE C 672 15.08 -1.70 -10.45
CA PHE C 672 14.40 -1.64 -9.16
C PHE C 672 14.19 -0.21 -8.69
N PHE C 673 15.28 0.56 -8.59
CA PHE C 673 15.20 1.96 -8.18
C PHE C 673 14.79 2.86 -9.34
N LYS C 674 14.01 3.89 -9.03
CA LYS C 674 13.66 4.97 -9.97
C LYS C 674 12.68 4.54 -11.04
N ASN C 675 12.28 5.50 -11.88
CA ASN C 675 11.25 5.30 -12.89
C ASN C 675 11.90 5.33 -14.26
N PRO C 676 11.83 4.24 -15.03
CA PRO C 676 12.45 4.25 -16.37
C PRO C 676 11.58 4.99 -17.37
N GLU C 677 12.23 5.70 -18.30
CA GLU C 677 11.51 6.25 -19.45
C GLU C 677 10.88 5.11 -20.25
N PRO C 678 9.79 5.37 -20.96
CA PRO C 678 9.09 4.27 -21.65
C PRO C 678 9.98 3.50 -22.61
N GLU C 679 10.88 4.18 -23.31
CA GLU C 679 11.75 3.49 -24.27
C GLU C 679 12.71 2.54 -23.56
N LEU C 680 13.23 2.95 -22.39
CA LEU C 680 14.10 2.07 -21.62
C LEU C 680 13.36 0.83 -21.14
N LEU C 681 12.10 1.01 -20.73
CA LEU C 681 11.32 -0.14 -20.26
C LEU C 681 11.09 -1.14 -21.39
N VAL C 682 10.82 -0.65 -22.60
CA VAL C 682 10.67 -1.53 -23.76
C VAL C 682 11.96 -2.30 -24.00
N ARG C 683 13.09 -1.59 -24.06
CA ARG C 683 14.36 -2.27 -24.27
C ARG C 683 14.64 -3.27 -23.15
N TRP C 684 14.20 -2.99 -21.91
CA TRP C 684 14.47 -3.93 -20.83
C TRP C 684 13.60 -5.18 -20.95
N TYR C 685 12.34 -5.01 -21.38
CA TYR C 685 11.51 -6.19 -21.65
C TYR C 685 12.12 -7.06 -22.76
N GLN C 686 12.66 -6.42 -23.80
CA GLN C 686 13.29 -7.19 -24.86
C GLN C 686 14.53 -7.91 -24.37
N MET C 687 15.34 -7.23 -23.56
CA MET C 687 16.51 -7.87 -22.96
C MET C 687 16.10 -9.01 -22.04
N GLY C 688 15.18 -8.75 -21.12
CA GLY C 688 14.79 -9.76 -20.17
C GLY C 688 14.13 -10.97 -20.81
N ALA C 689 13.39 -10.73 -21.90
CA ALA C 689 12.72 -11.82 -22.59
C ALA C 689 13.68 -12.87 -23.09
N TYR C 690 14.95 -12.50 -23.30
CA TYR C 690 15.97 -13.45 -23.72
C TYR C 690 16.98 -13.75 -22.62
N GLN C 691 16.60 -13.51 -21.37
CA GLN C 691 17.44 -13.90 -20.25
C GLN C 691 16.71 -14.93 -19.39
N PRO C 692 17.45 -15.79 -18.67
CA PRO C 692 16.80 -16.97 -18.07
C PRO C 692 15.68 -16.65 -17.06
N PHE C 693 15.94 -15.82 -16.06
CA PHE C 693 14.90 -15.45 -15.10
C PHE C 693 14.34 -14.09 -15.50
N PHE C 694 13.04 -14.04 -15.80
CA PHE C 694 12.39 -12.93 -16.50
C PHE C 694 11.34 -12.31 -15.59
N ARG C 695 11.74 -11.33 -14.76
CA ARG C 695 10.84 -10.73 -13.79
C ARG C 695 10.92 -9.22 -13.83
N ALA C 696 9.77 -8.57 -13.92
CA ALA C 696 9.68 -7.11 -13.72
C ALA C 696 9.45 -6.84 -12.24
N HIS C 697 10.19 -5.88 -11.69
CA HIS C 697 10.10 -5.57 -10.27
C HIS C 697 10.46 -4.10 -10.09
N ALA C 698 10.10 -3.54 -8.93
CA ALA C 698 10.14 -2.10 -8.76
C ALA C 698 10.04 -1.71 -7.29
N HIS C 699 10.71 -0.61 -6.95
CA HIS C 699 10.77 -0.08 -5.60
C HIS C 699 9.41 0.47 -5.15
N LEU C 700 9.23 0.53 -3.82
CA LEU C 700 7.95 0.91 -3.22
C LEU C 700 7.45 2.26 -3.72
N ASP C 701 8.33 3.21 -4.01
CA ASP C 701 7.92 4.57 -4.33
C ASP C 701 7.96 4.87 -5.83
N THR C 702 8.19 3.86 -6.67
CA THR C 702 8.10 4.04 -8.11
C THR C 702 6.64 4.10 -8.55
N GLY C 703 6.40 4.80 -9.66
CA GLY C 703 5.08 4.71 -10.27
C GLY C 703 4.81 3.32 -10.80
N ARG C 704 3.53 2.95 -10.82
CA ARG C 704 3.14 1.66 -11.38
C ARG C 704 3.58 1.57 -12.82
N ARG C 705 4.08 0.40 -13.22
CA ARG C 705 4.53 0.22 -14.60
C ARG C 705 4.20 -1.18 -15.11
N GLU C 706 3.04 -1.71 -14.72
CA GLU C 706 2.50 -2.85 -15.44
C GLU C 706 2.47 -2.51 -16.93
N PRO C 707 2.79 -3.47 -17.82
CA PRO C 707 3.18 -3.10 -19.19
C PRO C 707 2.05 -2.51 -20.03
N TRP C 708 0.81 -2.72 -19.67
CA TRP C 708 -0.29 -2.11 -20.41
C TRP C 708 -0.56 -0.65 -20.03
N LEU C 709 0.18 -0.09 -19.05
CA LEU C 709 -0.01 1.30 -18.67
C LEU C 709 0.75 2.28 -19.55
N LEU C 710 1.51 1.80 -20.53
CA LEU C 710 2.23 2.66 -21.44
C LEU C 710 1.38 2.98 -22.67
N ALA C 711 1.81 3.99 -23.43
CA ALA C 711 1.20 4.28 -24.72
C ALA C 711 1.29 3.06 -25.62
N SER C 712 0.33 2.98 -26.56
CA SER C 712 0.11 1.74 -27.31
C SER C 712 1.37 1.29 -28.05
N GLN C 713 2.14 2.23 -28.61
CA GLN C 713 3.34 1.84 -29.33
C GLN C 713 4.32 1.13 -28.41
N TYR C 714 4.43 1.56 -27.16
CA TYR C 714 5.30 0.87 -26.21
C TYR C 714 4.67 -0.45 -25.79
N GLN C 715 3.35 -0.49 -25.57
CA GLN C 715 2.67 -1.74 -25.26
C GLN C 715 2.92 -2.80 -26.33
N ASP C 716 2.85 -2.41 -27.61
CA ASP C 716 2.97 -3.37 -28.70
C ASP C 716 4.36 -3.97 -28.76
N ALA C 717 5.39 -3.15 -28.61
CA ALA C 717 6.74 -3.69 -28.60
C ALA C 717 6.94 -4.64 -27.41
N ILE C 718 6.36 -4.31 -26.26
CA ILE C 718 6.49 -5.16 -25.07
C ILE C 718 5.72 -6.46 -25.25
N ARG C 719 4.47 -6.37 -25.75
CA ARG C 719 3.70 -7.57 -26.05
C ARG C 719 4.42 -8.48 -27.02
N ASP C 720 5.01 -7.90 -28.08
CA ASP C 720 5.77 -8.72 -29.02
C ASP C 720 6.91 -9.44 -28.31
N ALA C 721 7.60 -8.76 -27.38
CA ALA C 721 8.69 -9.41 -26.67
C ALA C 721 8.19 -10.56 -25.80
N LEU C 722 7.05 -10.37 -25.14
CA LEU C 722 6.48 -11.45 -24.32
C LEU C 722 6.07 -12.65 -25.19
N PHE C 723 5.49 -12.38 -26.37
CA PHE C 723 5.12 -13.46 -27.28
C PHE C 723 6.36 -14.25 -27.73
N GLN C 724 7.45 -13.55 -28.04
CA GLN C 724 8.68 -14.25 -28.41
C GLN C 724 9.14 -15.17 -27.30
N ARG C 725 9.12 -14.69 -26.06
CA ARG C 725 9.57 -15.52 -24.94
C ARG C 725 8.69 -16.76 -24.81
N TYR C 726 7.38 -16.57 -24.82
CA TYR C 726 6.47 -17.68 -24.63
C TYR C 726 6.55 -18.68 -25.77
N SER C 727 6.68 -18.19 -27.01
CA SER C 727 6.89 -19.07 -28.14
C SER C 727 8.12 -19.95 -27.97
N LEU C 728 9.14 -19.44 -27.28
CA LEU C 728 10.42 -20.12 -27.15
C LEU C 728 10.50 -21.02 -25.93
N LEU C 729 9.43 -21.12 -25.14
CA LEU C 729 9.44 -21.98 -23.96
C LEU C 729 9.94 -23.40 -24.20
N PRO C 730 9.56 -24.11 -25.29
CA PRO C 730 10.12 -25.45 -25.50
C PRO C 730 11.64 -25.43 -25.63
N PHE C 731 12.18 -24.38 -26.24
CA PHE C 731 13.63 -24.22 -26.37
C PHE C 731 14.27 -23.93 -25.02
N TRP C 732 13.72 -22.97 -24.26
CA TRP C 732 14.21 -22.72 -22.91
C TRP C 732 14.16 -23.97 -22.04
N TYR C 733 13.06 -24.70 -22.10
CA TYR C 733 12.88 -25.88 -21.25
C TYR C 733 13.91 -26.95 -21.59
N THR C 734 14.20 -27.14 -22.88
CA THR C 734 15.21 -28.10 -23.29
C THR C 734 16.62 -27.67 -22.85
N LEU C 735 16.95 -26.39 -23.00
CA LEU C 735 18.27 -25.92 -22.54
C LEU C 735 18.44 -26.14 -21.05
N PHE C 736 17.38 -25.94 -20.27
CA PHE C 736 17.49 -26.17 -18.84
C PHE C 736 17.57 -27.66 -18.54
N TYR C 737 16.91 -28.50 -19.32
CA TYR C 737 17.09 -29.94 -19.10
C TYR C 737 18.53 -30.35 -19.39
N GLN C 738 19.11 -29.81 -20.46
CA GLN C 738 20.51 -30.07 -20.77
C GLN C 738 21.44 -29.52 -19.68
N ALA C 739 21.10 -28.34 -19.13
CA ALA C 739 21.87 -27.84 -18.00
C ALA C 739 21.75 -28.77 -16.80
N HIS C 740 20.54 -29.29 -16.57
CA HIS C 740 20.28 -30.17 -15.44
C HIS C 740 21.03 -31.49 -15.54
N LYS C 741 21.15 -32.05 -16.73
CA LYS C 741 21.80 -33.36 -16.91
C LYS C 741 23.32 -33.25 -17.07
N GLU C 742 23.81 -32.22 -17.77
CA GLU C 742 25.22 -32.16 -18.14
C GLU C 742 26.00 -31.08 -17.41
N GLY C 743 25.34 -30.07 -16.84
CA GLY C 743 26.07 -28.96 -16.24
C GLY C 743 26.50 -27.87 -17.20
N PHE C 744 25.91 -27.84 -18.42
CA PHE C 744 26.23 -26.81 -19.42
C PHE C 744 25.38 -25.57 -19.20
N PRO C 745 25.96 -24.37 -19.23
CA PRO C 745 25.16 -23.15 -19.00
C PRO C 745 24.15 -22.92 -20.11
N VAL C 746 23.02 -22.31 -19.72
CA VAL C 746 21.98 -21.96 -20.69
C VAL C 746 22.39 -20.73 -21.49
N MET C 747 22.70 -19.64 -20.79
CA MET C 747 23.17 -18.40 -21.40
C MET C 747 24.69 -18.44 -21.44
N ARG C 748 25.28 -18.13 -22.59
CA ARG C 748 26.72 -18.38 -22.75
C ARG C 748 27.41 -17.20 -23.42
N PRO C 749 28.64 -16.88 -23.00
CA PRO C 749 29.46 -15.94 -23.76
C PRO C 749 29.77 -16.51 -25.13
N LEU C 750 30.03 -15.62 -26.08
CA LEU C 750 30.41 -16.08 -27.41
C LEU C 750 31.67 -16.95 -27.38
N TRP C 751 32.62 -16.65 -26.49
CA TRP C 751 33.87 -17.40 -26.50
C TRP C 751 33.69 -18.86 -26.08
N VAL C 752 32.64 -19.17 -25.34
CA VAL C 752 32.38 -20.57 -24.99
C VAL C 752 32.04 -21.36 -26.24
N GLN C 753 31.33 -20.74 -27.18
CA GLN C 753 30.99 -21.37 -28.45
C GLN C 753 32.07 -21.20 -29.51
N TYR C 754 32.96 -20.21 -29.35
CA TYR C 754 34.00 -19.93 -30.34
C TYR C 754 35.32 -19.75 -29.61
N PRO C 755 35.81 -20.82 -28.99
CA PRO C 755 36.97 -20.68 -28.09
C PRO C 755 38.24 -20.23 -28.78
N GLU C 756 38.34 -20.37 -30.10
CA GLU C 756 39.53 -19.97 -30.84
C GLU C 756 39.43 -18.59 -31.46
N ASP C 757 38.26 -17.94 -31.35
CA ASP C 757 38.08 -16.61 -31.93
C ASP C 757 38.39 -15.58 -30.84
N MET C 758 39.62 -15.06 -30.85
CA MET C 758 40.11 -14.15 -29.82
C MET C 758 39.29 -12.87 -29.75
N SER C 759 38.67 -12.49 -30.86
CA SER C 759 37.87 -11.27 -30.81
C SER C 759 36.55 -11.42 -30.05
N THR C 760 36.24 -12.62 -29.54
CA THR C 760 35.06 -12.85 -28.71
C THR C 760 35.35 -12.89 -27.23
N PHE C 761 36.63 -12.86 -26.83
CA PHE C 761 36.98 -13.18 -25.45
C PHE C 761 36.45 -12.17 -24.43
N SER C 762 36.15 -10.95 -24.85
CA SER C 762 35.64 -9.93 -23.94
C SER C 762 34.24 -9.45 -24.29
N ILE C 763 33.59 -10.01 -25.31
CA ILE C 763 32.29 -9.51 -25.72
C ILE C 763 31.28 -9.68 -24.60
N GLU C 764 30.53 -8.60 -24.31
CA GLU C 764 29.51 -8.67 -23.28
C GLU C 764 28.27 -7.85 -23.63
N ASP C 765 28.14 -7.36 -24.86
CA ASP C 765 26.89 -6.82 -25.35
C ASP C 765 26.16 -7.81 -26.25
N GLN C 766 26.54 -9.08 -26.18
CA GLN C 766 26.01 -10.15 -27.00
C GLN C 766 26.12 -11.42 -26.18
N PHE C 767 25.21 -12.36 -26.45
CA PHE C 767 25.32 -13.66 -25.80
C PHE C 767 24.59 -14.69 -26.63
N MET C 768 24.80 -15.94 -26.28
CA MET C 768 24.10 -17.03 -26.95
C MET C 768 23.23 -17.78 -25.96
N LEU C 769 22.19 -18.41 -26.48
CA LEU C 769 21.37 -19.35 -25.73
C LEU C 769 21.66 -20.73 -26.32
N GLY C 770 22.28 -21.60 -25.52
CA GLY C 770 22.80 -22.84 -26.07
C GLY C 770 23.78 -22.53 -27.18
N ASP C 771 23.70 -23.30 -28.27
CA ASP C 771 24.48 -23.06 -29.47
C ASP C 771 23.65 -22.51 -30.61
N ALA C 772 22.36 -22.23 -30.38
CA ALA C 772 21.43 -22.02 -31.48
C ALA C 772 21.08 -20.57 -31.73
N LEU C 773 20.99 -19.73 -30.70
CA LEU C 773 20.54 -18.35 -30.85
C LEU C 773 21.58 -17.36 -30.34
N LEU C 774 21.91 -16.38 -31.17
CA LEU C 774 22.78 -15.28 -30.80
C LEU C 774 21.93 -14.02 -30.66
N ILE C 775 22.04 -13.36 -29.51
CA ILE C 775 21.15 -12.26 -29.12
C ILE C 775 22.00 -11.00 -28.94
N HIS C 776 21.56 -9.90 -29.55
CA HIS C 776 22.17 -8.58 -29.35
C HIS C 776 21.06 -7.56 -29.11
N PRO C 777 20.55 -7.47 -27.88
CA PRO C 777 19.46 -6.54 -27.60
C PRO C 777 19.89 -5.10 -27.77
N VAL C 778 18.95 -4.26 -28.19
CA VAL C 778 19.25 -2.84 -28.26
C VAL C 778 19.36 -2.28 -26.85
N SER C 779 20.47 -1.61 -26.55
CA SER C 779 20.67 -1.09 -25.21
C SER C 779 21.14 0.37 -25.22
N ASP C 780 20.66 1.15 -26.18
CA ASP C 780 20.92 2.59 -26.22
C ASP C 780 19.68 3.34 -26.65
N ALA C 781 19.38 4.45 -25.96
CA ALA C 781 18.23 5.27 -26.30
C ALA C 781 18.35 5.86 -27.69
N GLY C 782 17.24 5.82 -28.44
CA GLY C 782 17.17 6.37 -29.78
C GLY C 782 18.10 5.73 -30.79
N ALA C 783 18.58 4.52 -30.52
CA ALA C 783 19.50 3.88 -31.45
C ALA C 783 18.83 3.64 -32.79
N HIS C 784 19.59 3.85 -33.87
CA HIS C 784 19.12 3.58 -35.22
C HIS C 784 19.64 2.26 -35.77
N GLY C 785 20.63 1.67 -35.12
CA GLY C 785 21.14 0.37 -35.52
C GLY C 785 22.04 -0.18 -34.45
N VAL C 786 22.44 -1.45 -34.64
CA VAL C 786 23.42 -2.09 -33.77
C VAL C 786 24.47 -2.78 -34.64
N GLN C 787 25.64 -2.99 -34.06
CA GLN C 787 26.72 -3.74 -34.69
C GLN C 787 26.74 -5.14 -34.10
N VAL C 788 26.43 -6.14 -34.92
CA VAL C 788 26.32 -7.52 -34.46
C VAL C 788 27.53 -8.28 -34.98
N TYR C 789 28.32 -8.85 -34.08
CA TYR C 789 29.41 -9.72 -34.49
C TYR C 789 28.87 -11.13 -34.64
N LEU C 790 28.88 -11.64 -35.87
CA LEU C 790 28.45 -12.98 -36.19
C LEU C 790 29.68 -13.83 -36.37
N PRO C 791 30.04 -14.66 -35.39
CA PRO C 791 31.32 -15.38 -35.46
C PRO C 791 31.25 -16.68 -36.25
N GLY C 792 32.40 -17.34 -36.39
CA GLY C 792 32.47 -18.66 -36.99
C GLY C 792 32.87 -18.67 -38.44
N GLN C 793 34.05 -19.21 -38.73
CA GLN C 793 34.42 -19.47 -40.12
C GLN C 793 33.59 -20.64 -40.64
N GLU C 794 33.09 -20.51 -41.86
CA GLU C 794 32.19 -21.51 -42.45
C GLU C 794 30.91 -21.67 -41.65
N GLU C 795 30.45 -20.59 -41.01
CA GLU C 795 29.21 -20.58 -40.25
C GLU C 795 28.20 -19.70 -40.97
N VAL C 796 26.91 -20.07 -40.90
CA VAL C 796 25.84 -19.22 -41.39
C VAL C 796 24.95 -18.84 -40.23
N TRP C 797 24.31 -17.69 -40.38
CA TRP C 797 23.41 -17.14 -39.38
C TRP C 797 22.18 -16.64 -40.11
N TYR C 798 21.02 -16.90 -39.54
CA TYR C 798 19.77 -16.44 -40.12
C TYR C 798 19.17 -15.40 -39.19
N ASP C 799 18.99 -14.19 -39.71
CA ASP C 799 18.19 -13.17 -39.06
C ASP C 799 16.77 -13.68 -38.93
N ILE C 800 16.30 -13.96 -37.72
CA ILE C 800 15.02 -14.66 -37.57
C ILE C 800 13.82 -13.80 -37.89
N GLN C 801 13.98 -12.48 -37.96
CA GLN C 801 12.85 -11.63 -38.36
C GLN C 801 12.69 -11.62 -39.88
N SER C 802 13.79 -11.41 -40.61
CA SER C 802 13.75 -11.28 -42.06
C SER C 802 14.10 -12.58 -42.80
N TYR C 803 14.70 -13.55 -42.10
CA TYR C 803 15.17 -14.82 -42.65
C TYR C 803 16.42 -14.64 -43.50
N GLN C 804 16.97 -13.44 -43.56
CA GLN C 804 18.19 -13.22 -44.32
C GLN C 804 19.37 -13.95 -43.70
N LYS C 805 20.15 -14.61 -44.56
CA LYS C 805 21.30 -15.38 -44.12
C LYS C 805 22.53 -14.50 -44.07
N HIS C 806 23.38 -14.76 -43.09
CA HIS C 806 24.60 -13.98 -42.96
C HIS C 806 25.80 -14.88 -42.75
N HIS C 807 26.85 -14.48 -43.45
CA HIS C 807 28.10 -15.19 -43.53
C HIS C 807 28.98 -14.81 -42.36
N GLY C 808 29.52 -15.81 -41.66
CA GLY C 808 30.50 -15.55 -40.62
C GLY C 808 31.91 -15.79 -41.11
N PRO C 809 32.91 -15.15 -40.48
CA PRO C 809 32.81 -14.15 -39.41
C PRO C 809 32.68 -12.75 -39.98
N GLN C 810 31.84 -11.92 -39.35
CA GLN C 810 31.70 -10.54 -39.81
C GLN C 810 31.07 -9.71 -38.70
N THR C 811 31.24 -8.40 -38.81
CA THR C 811 30.50 -7.45 -38.01
C THR C 811 29.44 -6.84 -38.89
N LEU C 812 28.19 -7.15 -38.60
CA LEU C 812 27.06 -6.74 -39.41
C LEU C 812 26.43 -5.52 -38.76
N TYR C 813 26.22 -4.46 -39.53
CA TYR C 813 25.49 -3.31 -39.05
C TYR C 813 24.02 -3.49 -39.39
N LEU C 814 23.19 -3.53 -38.35
CA LEU C 814 21.78 -3.89 -38.50
C LEU C 814 20.91 -2.73 -38.05
N PRO C 815 20.11 -2.14 -38.94
CA PRO C 815 19.16 -1.12 -38.49
C PRO C 815 18.09 -1.70 -37.60
N VAL C 816 17.64 -0.89 -36.64
CA VAL C 816 16.63 -1.30 -35.66
C VAL C 816 15.57 -0.21 -35.55
N THR C 817 14.38 -0.64 -35.12
CA THR C 817 13.32 0.24 -34.66
C THR C 817 13.01 -0.13 -33.21
N LEU C 818 11.95 0.47 -32.66
CA LEU C 818 11.59 0.20 -31.27
C LEU C 818 11.24 -1.27 -31.04
N SER C 819 10.70 -1.93 -32.06
CA SER C 819 10.27 -3.31 -31.95
C SER C 819 11.36 -4.32 -32.25
N SER C 820 12.55 -3.87 -32.62
CA SER C 820 13.61 -4.79 -33.02
C SER C 820 14.22 -5.49 -31.82
N ILE C 821 14.32 -6.81 -31.90
CA ILE C 821 15.19 -7.58 -31.02
C ILE C 821 16.14 -8.39 -31.89
N PRO C 822 17.37 -7.94 -32.10
CA PRO C 822 18.29 -8.66 -32.99
C PRO C 822 18.60 -10.07 -32.49
N VAL C 823 18.03 -11.06 -33.15
CA VAL C 823 18.20 -12.46 -32.80
C VAL C 823 18.56 -13.22 -34.06
N PHE C 824 19.59 -14.06 -33.98
CA PHE C 824 20.04 -14.86 -35.10
C PHE C 824 20.08 -16.33 -34.71
N GLN C 825 19.59 -17.19 -35.59
CA GLN C 825 19.68 -18.64 -35.37
C GLN C 825 20.86 -19.20 -36.15
N ARG C 826 21.67 -20.01 -35.48
CA ARG C 826 22.85 -20.59 -36.11
C ARG C 826 22.48 -21.71 -37.08
N GLY C 827 23.11 -21.70 -38.25
CA GLY C 827 22.94 -22.80 -39.19
C GLY C 827 23.44 -24.10 -38.57
N GLY C 828 22.71 -25.17 -38.86
CA GLY C 828 22.97 -26.44 -38.21
C GLY C 828 22.16 -26.71 -36.96
N THR C 829 21.16 -25.89 -36.65
CA THR C 829 20.38 -26.06 -35.42
C THR C 829 18.90 -26.15 -35.74
N ILE C 830 18.17 -26.74 -34.80
CA ILE C 830 16.72 -26.91 -34.90
C ILE C 830 16.12 -26.42 -33.58
N VAL C 831 15.28 -25.40 -33.66
CA VAL C 831 14.74 -24.70 -32.49
C VAL C 831 13.24 -24.96 -32.43
N PRO C 832 12.73 -25.56 -31.34
CA PRO C 832 11.28 -25.81 -31.24
C PRO C 832 10.49 -24.67 -30.58
N ARG C 833 9.33 -24.38 -31.15
CA ARG C 833 8.51 -23.28 -30.65
C ARG C 833 7.05 -23.68 -30.53
N TRP C 834 6.37 -23.04 -29.57
CA TRP C 834 4.92 -23.02 -29.48
C TRP C 834 4.47 -21.71 -30.12
N MET C 835 3.91 -21.78 -31.33
CA MET C 835 3.49 -20.55 -32.00
C MET C 835 2.11 -20.09 -31.56
N ARG C 836 1.40 -20.87 -30.76
CA ARG C 836 0.09 -20.48 -30.25
C ARG C 836 0.31 -19.88 -28.86
N VAL C 837 0.58 -18.59 -28.81
CA VAL C 837 0.81 -17.94 -27.52
C VAL C 837 -0.52 -17.78 -26.79
N ARG C 838 -0.57 -18.29 -25.57
CA ARG C 838 -1.74 -18.22 -24.70
C ARG C 838 -1.40 -17.38 -23.46
N ARG C 839 -2.32 -17.35 -22.50
CA ARG C 839 -2.18 -16.41 -21.39
C ARG C 839 -1.16 -16.85 -20.35
N SER C 840 -0.79 -18.13 -20.32
CA SER C 840 0.24 -18.63 -19.42
C SER C 840 0.76 -19.95 -19.97
N SER C 841 1.90 -20.40 -19.42
CA SER C 841 2.55 -21.60 -19.95
C SER C 841 1.71 -22.84 -19.67
N ASP C 842 1.03 -22.90 -18.52
CA ASP C 842 0.13 -24.02 -18.23
C ASP C 842 -0.89 -24.21 -19.35
N CYS C 843 -1.41 -23.10 -19.90
CA CYS C 843 -2.39 -23.20 -20.98
C CYS C 843 -1.79 -23.80 -22.25
N MET C 844 -0.47 -23.68 -22.42
CA MET C 844 0.17 -24.04 -23.66
C MET C 844 0.77 -25.45 -23.64
N LYS C 845 0.78 -26.12 -22.49
CA LYS C 845 1.73 -27.22 -22.37
C LYS C 845 1.32 -28.46 -23.14
N ASP C 846 0.11 -28.52 -23.70
CA ASP C 846 -0.30 -29.61 -24.56
C ASP C 846 -0.40 -29.20 -26.03
N ASP C 847 0.07 -28.01 -26.37
CA ASP C 847 -0.10 -27.46 -27.72
C ASP C 847 0.95 -27.98 -28.70
N PRO C 848 0.66 -27.92 -29.99
CA PRO C 848 1.60 -28.42 -31.01
C PRO C 848 2.85 -27.55 -31.18
N ILE C 849 3.90 -28.22 -31.69
CA ILE C 849 5.22 -27.65 -31.87
C ILE C 849 5.41 -27.25 -33.33
N THR C 850 6.05 -26.10 -33.55
CA THR C 850 6.60 -25.71 -34.84
C THR C 850 8.12 -25.82 -34.76
N LEU C 851 8.74 -26.49 -35.73
CA LEU C 851 10.18 -26.68 -35.75
C LEU C 851 10.82 -25.73 -36.74
N PHE C 852 11.83 -24.97 -36.28
CA PHE C 852 12.56 -24.01 -37.09
C PHE C 852 13.93 -24.61 -37.39
N VAL C 853 14.11 -25.07 -38.62
CA VAL C 853 15.32 -25.76 -39.08
C VAL C 853 16.18 -24.76 -39.84
N ALA C 854 17.38 -24.50 -39.33
CA ALA C 854 18.34 -23.59 -39.99
C ALA C 854 19.49 -24.41 -40.54
N LEU C 855 19.58 -24.50 -41.88
CA LEU C 855 20.52 -25.43 -42.49
C LEU C 855 21.95 -24.91 -42.43
N SER C 856 22.88 -25.81 -42.10
CA SER C 856 24.31 -25.53 -42.16
C SER C 856 24.74 -25.33 -43.61
N PRO C 857 25.99 -24.93 -43.85
CA PRO C 857 26.49 -24.92 -45.24
C PRO C 857 26.46 -26.29 -45.88
N GLN C 858 26.56 -27.34 -45.09
CA GLN C 858 26.44 -28.71 -45.59
C GLN C 858 24.99 -29.17 -45.73
N GLY C 859 24.00 -28.29 -45.57
CA GLY C 859 22.62 -28.73 -45.65
C GLY C 859 22.16 -29.62 -44.52
N THR C 860 22.72 -29.46 -43.33
CA THR C 860 22.40 -30.27 -42.16
C THR C 860 21.93 -29.39 -41.02
N ALA C 861 21.25 -30.03 -40.06
CA ALA C 861 20.81 -29.36 -38.83
C ALA C 861 20.44 -30.44 -37.83
N GLN C 862 20.44 -30.04 -36.57
CA GLN C 862 20.15 -31.00 -35.51
C GLN C 862 19.69 -30.22 -34.26
N GLY C 863 18.83 -30.86 -33.48
CA GLY C 863 18.29 -30.24 -32.27
C GLY C 863 17.65 -31.27 -31.37
N GLU C 864 17.30 -30.83 -30.16
CA GLU C 864 16.64 -31.68 -29.19
C GLU C 864 15.39 -31.02 -28.65
N LEU C 865 14.54 -31.81 -28.01
CA LEU C 865 13.35 -31.29 -27.34
C LEU C 865 13.03 -32.19 -26.15
N PHE C 866 12.93 -31.57 -24.98
CA PHE C 866 12.57 -32.27 -23.75
C PHE C 866 11.14 -31.89 -23.37
N LEU C 867 10.36 -32.90 -22.97
CA LEU C 867 8.97 -32.72 -22.58
C LEU C 867 8.70 -33.59 -21.36
N ASP C 868 7.86 -33.08 -20.45
CA ASP C 868 7.39 -33.85 -19.31
C ASP C 868 6.08 -33.22 -18.85
N ASP C 869 5.63 -33.54 -17.63
CA ASP C 869 4.37 -32.96 -17.17
C ASP C 869 4.49 -31.48 -16.81
N GLY C 870 5.71 -30.94 -16.76
CA GLY C 870 5.90 -29.53 -16.56
C GLY C 870 6.14 -29.08 -15.13
N HIS C 871 6.06 -29.99 -14.14
CA HIS C 871 6.17 -29.52 -12.75
C HIS C 871 6.55 -30.55 -11.69
N THR C 872 6.60 -31.86 -12.01
CA THR C 872 6.90 -32.87 -10.99
C THR C 872 8.28 -33.51 -11.24
N PHE C 873 8.68 -34.36 -10.31
CA PHE C 873 9.88 -35.17 -10.44
C PHE C 873 9.63 -36.50 -11.17
N ASN C 874 8.44 -36.67 -11.79
CA ASN C 874 8.14 -37.90 -12.49
C ASN C 874 9.14 -38.21 -13.61
N TYR C 875 9.72 -37.18 -14.24
CA TYR C 875 10.74 -37.44 -15.26
C TYR C 875 11.87 -38.29 -14.68
N GLN C 876 12.15 -38.13 -13.39
CA GLN C 876 13.26 -38.75 -12.69
C GLN C 876 12.84 -40.04 -12.00
N THR C 877 11.72 -40.01 -11.27
CA THR C 877 11.30 -41.16 -10.49
C THR C 877 10.57 -42.20 -11.33
N ARG C 878 9.99 -41.80 -12.45
CA ARG C 878 9.19 -42.68 -13.25
C ARG C 878 9.60 -42.67 -14.71
N HIS C 879 10.62 -41.89 -15.07
CA HIS C 879 11.07 -41.75 -16.46
C HIS C 879 9.91 -41.38 -17.37
N GLU C 880 9.03 -40.53 -16.85
CA GLU C 880 7.90 -40.02 -17.60
C GLU C 880 8.29 -38.70 -18.23
N PHE C 881 8.77 -38.77 -19.46
CA PHE C 881 9.30 -37.62 -20.18
C PHE C 881 9.60 -38.08 -21.60
N LEU C 882 9.84 -37.12 -22.48
CA LEU C 882 10.33 -37.39 -23.83
C LEU C 882 11.59 -36.56 -24.06
N LEU C 883 12.60 -37.18 -24.67
CA LEU C 883 13.74 -36.43 -25.19
C LEU C 883 13.89 -36.85 -26.65
N ARG C 884 13.56 -35.93 -27.54
CA ARG C 884 13.56 -36.19 -28.97
C ARG C 884 14.81 -35.57 -29.60
N ARG C 885 15.35 -36.27 -30.60
CA ARG C 885 16.35 -35.70 -31.48
C ARG C 885 15.72 -35.45 -32.84
N PHE C 886 15.89 -34.23 -33.33
CA PHE C 886 15.50 -33.85 -34.68
C PHE C 886 16.78 -33.66 -35.47
N SER C 887 16.85 -34.26 -36.65
CA SER C 887 18.05 -34.16 -37.47
C SER C 887 17.66 -34.04 -38.93
N PHE C 888 18.37 -33.17 -39.63
CA PHE C 888 18.14 -32.90 -41.04
C PHE C 888 19.45 -33.07 -41.77
N SER C 889 19.41 -33.78 -42.90
CA SER C 889 20.53 -33.84 -43.82
C SER C 889 20.03 -34.27 -45.17
N GLY C 890 20.72 -33.82 -46.21
CA GLY C 890 20.24 -34.07 -47.55
C GLY C 890 18.92 -33.37 -47.79
N SER C 891 17.86 -34.16 -47.83
CA SER C 891 16.53 -33.61 -47.96
C SER C 891 15.55 -34.29 -47.01
N THR C 892 16.03 -34.75 -45.85
CA THR C 892 15.21 -35.52 -44.93
C THR C 892 15.32 -34.96 -43.52
N LEU C 893 14.17 -34.70 -42.91
CA LEU C 893 14.07 -34.34 -41.50
C LEU C 893 13.59 -35.56 -40.73
N VAL C 894 14.33 -35.97 -39.71
CA VAL C 894 14.02 -37.18 -38.96
C VAL C 894 13.82 -36.81 -37.49
N SER C 895 12.80 -37.41 -36.88
CA SER C 895 12.62 -37.41 -35.44
C SER C 895 12.90 -38.80 -34.91
N SER C 896 13.81 -38.90 -33.94
CA SER C 896 14.11 -40.15 -33.27
C SER C 896 14.24 -39.88 -31.78
N SER C 897 14.33 -40.94 -31.00
CA SER C 897 14.47 -40.81 -29.56
C SER C 897 15.93 -40.53 -29.20
N ALA C 898 16.15 -39.49 -28.40
CA ALA C 898 17.48 -39.25 -27.83
C ALA C 898 17.66 -39.91 -26.46
N ASP C 899 16.61 -40.48 -25.91
CA ASP C 899 16.73 -41.24 -24.67
C ASP C 899 15.57 -42.23 -24.61
N PRO C 900 15.83 -43.51 -24.85
CA PRO C 900 14.71 -44.48 -24.94
C PRO C 900 14.03 -44.80 -23.60
N LYS C 901 14.66 -44.54 -22.45
CA LYS C 901 13.93 -44.81 -21.20
C LYS C 901 12.75 -43.88 -21.01
N GLY C 902 12.71 -42.73 -21.69
CA GLY C 902 11.65 -41.79 -21.46
C GLY C 902 10.42 -42.02 -22.31
N HIS C 903 9.28 -42.25 -21.65
CA HIS C 903 7.98 -42.31 -22.30
C HIS C 903 7.04 -41.34 -21.62
N LEU C 904 6.09 -40.82 -22.38
CA LEU C 904 5.19 -39.81 -21.86
C LEU C 904 3.91 -39.83 -22.69
N GLU C 905 2.76 -39.81 -22.04
CA GLU C 905 1.55 -39.60 -22.80
C GLU C 905 1.25 -38.11 -22.83
N THR C 906 1.14 -37.58 -24.04
CA THR C 906 1.01 -36.19 -24.34
C THR C 906 0.26 -36.06 -25.65
N PRO C 907 -0.62 -35.07 -25.79
CA PRO C 907 -1.22 -34.78 -27.09
C PRO C 907 -0.36 -33.89 -27.97
N ILE C 908 0.86 -33.53 -27.55
CA ILE C 908 1.67 -32.62 -28.32
C ILE C 908 2.01 -33.24 -29.67
N TRP C 909 1.86 -32.45 -30.73
CA TRP C 909 2.11 -32.92 -32.08
C TRP C 909 2.88 -31.86 -32.84
N ILE C 910 3.32 -32.21 -34.05
CA ILE C 910 4.10 -31.31 -34.88
C ILE C 910 3.15 -30.68 -35.89
N GLU C 911 2.87 -29.39 -35.71
CA GLU C 911 1.92 -28.71 -36.59
C GLU C 911 2.58 -27.99 -37.75
N ARG C 912 3.91 -27.84 -37.74
CA ARG C 912 4.52 -27.01 -38.76
C ARG C 912 6.02 -27.21 -38.73
N VAL C 913 6.64 -27.10 -39.90
CA VAL C 913 8.10 -27.09 -40.02
C VAL C 913 8.49 -25.89 -40.87
N VAL C 914 9.46 -25.11 -40.41
CA VAL C 914 10.00 -23.98 -41.15
C VAL C 914 11.49 -24.26 -41.36
N ILE C 915 11.92 -24.26 -42.63
CA ILE C 915 13.28 -24.61 -42.99
C ILE C 915 13.91 -23.41 -43.67
N MET C 916 14.98 -22.89 -43.09
CA MET C 916 15.70 -21.74 -43.62
C MET C 916 16.89 -22.22 -44.42
N GLY C 917 17.04 -21.68 -45.63
CA GLY C 917 18.13 -22.08 -46.49
C GLY C 917 17.87 -23.32 -47.31
N ALA C 918 16.62 -23.57 -47.67
CA ALA C 918 16.24 -24.77 -48.39
C ALA C 918 15.66 -24.40 -49.74
N GLY C 919 15.87 -25.28 -50.72
CA GLY C 919 15.26 -25.08 -52.03
C GLY C 919 13.83 -25.57 -52.08
N LYS C 920 13.16 -25.23 -53.18
CA LYS C 920 11.77 -25.63 -53.39
C LYS C 920 11.71 -27.08 -53.85
N PRO C 921 11.03 -27.96 -53.12
CA PRO C 921 10.88 -29.34 -53.57
C PRO C 921 9.75 -29.47 -54.58
N ALA C 922 9.76 -30.59 -55.29
CA ALA C 922 8.64 -30.93 -56.16
C ALA C 922 7.48 -31.48 -55.36
N ALA C 923 7.76 -32.21 -54.29
CA ALA C 923 6.73 -32.74 -53.40
C ALA C 923 7.37 -33.00 -52.04
N VAL C 924 6.52 -33.07 -51.02
CA VAL C 924 6.93 -33.33 -49.65
C VAL C 924 6.12 -34.50 -49.12
N VAL C 925 6.81 -35.45 -48.52
CA VAL C 925 6.25 -36.74 -48.13
C VAL C 925 6.59 -37.01 -46.67
N LEU C 926 5.61 -37.42 -45.88
CA LEU C 926 5.79 -37.72 -44.46
C LEU C 926 5.62 -39.20 -44.20
N GLN C 927 6.56 -39.78 -43.46
CA GLN C 927 6.49 -41.18 -43.03
C GLN C 927 6.54 -41.23 -41.52
N THR C 928 5.60 -41.97 -40.92
CA THR C 928 5.52 -42.15 -39.48
C THR C 928 5.33 -43.63 -39.20
N LYS C 929 6.09 -44.15 -38.23
CA LYS C 929 5.89 -45.53 -37.84
C LYS C 929 4.44 -45.70 -37.38
N GLY C 930 3.77 -46.70 -37.93
CA GLY C 930 2.37 -46.95 -37.63
C GLY C 930 1.37 -46.31 -38.57
N SER C 931 1.83 -45.52 -39.54
CA SER C 931 0.93 -44.78 -40.40
C SER C 931 1.33 -44.92 -41.86
N PRO C 932 0.38 -44.80 -42.78
CA PRO C 932 0.72 -44.76 -44.20
C PRO C 932 1.44 -43.47 -44.55
N GLU C 933 2.20 -43.53 -45.65
CA GLU C 933 2.84 -42.34 -46.19
C GLU C 933 1.81 -41.33 -46.67
N SER C 934 2.02 -40.07 -46.31
CA SER C 934 1.09 -39.00 -46.68
C SER C 934 1.86 -37.87 -47.37
N ARG C 935 1.11 -37.06 -48.10
CA ARG C 935 1.63 -35.90 -48.80
C ARG C 935 1.29 -34.63 -48.01
N LEU C 936 2.28 -33.75 -47.88
CA LEU C 936 2.13 -32.48 -47.17
C LEU C 936 2.16 -31.34 -48.17
N SER C 937 1.28 -30.35 -47.99
CA SER C 937 1.43 -29.16 -48.81
C SER C 937 2.50 -28.26 -48.19
N PHE C 938 2.97 -27.29 -48.96
CA PHE C 938 4.11 -26.50 -48.53
C PHE C 938 4.10 -25.18 -49.27
N GLN C 939 4.88 -24.24 -48.75
CA GLN C 939 5.05 -22.94 -49.37
C GLN C 939 6.53 -22.61 -49.38
N HIS C 940 7.00 -22.01 -50.46
CA HIS C 940 8.40 -21.68 -50.59
C HIS C 940 8.53 -20.22 -51.00
N ASP C 941 9.47 -19.54 -50.37
CA ASP C 941 9.78 -18.15 -50.68
C ASP C 941 11.10 -18.16 -51.44
N PRO C 942 11.11 -17.84 -52.73
CA PRO C 942 12.36 -17.90 -53.49
C PRO C 942 13.36 -16.85 -53.06
N GLU C 943 12.90 -15.70 -52.59
CA GLU C 943 13.81 -14.64 -52.16
C GLU C 943 14.63 -15.09 -50.95
N THR C 944 14.00 -15.71 -49.97
CA THR C 944 14.68 -16.02 -48.70
C THR C 944 15.12 -17.48 -48.58
N SER C 945 14.77 -18.34 -49.54
CA SER C 945 15.00 -19.77 -49.43
C SER C 945 14.42 -20.31 -48.13
N VAL C 946 13.15 -19.98 -47.88
CA VAL C 946 12.43 -20.46 -46.70
C VAL C 946 11.33 -21.38 -47.17
N LEU C 947 11.27 -22.57 -46.58
CA LEU C 947 10.30 -23.61 -46.89
C LEU C 947 9.46 -23.86 -45.65
N ILE C 948 8.14 -23.71 -45.78
CA ILE C 948 7.20 -23.97 -44.70
C ILE C 948 6.40 -25.21 -45.05
N LEU C 949 6.49 -26.24 -44.22
CA LEU C 949 5.74 -27.49 -44.39
C LEU C 949 4.46 -27.42 -43.55
N ARG C 950 3.33 -27.63 -44.21
CA ARG C 950 2.03 -27.50 -43.56
C ARG C 950 1.65 -28.75 -42.77
N LYS C 951 1.31 -28.56 -41.48
CA LYS C 951 0.61 -29.52 -40.64
C LYS C 951 1.06 -30.96 -40.82
N PRO C 952 2.29 -31.31 -40.44
CA PRO C 952 2.64 -32.74 -40.42
C PRO C 952 1.66 -33.58 -39.63
N GLY C 953 1.13 -33.07 -38.53
CA GLY C 953 0.08 -33.77 -37.81
C GLY C 953 0.52 -34.99 -37.04
N VAL C 954 1.80 -35.17 -36.83
CA VAL C 954 2.32 -36.36 -36.18
C VAL C 954 2.56 -36.09 -34.70
N SER C 955 2.30 -37.11 -33.88
CA SER C 955 2.58 -37.06 -32.46
C SER C 955 4.07 -36.87 -32.20
N VAL C 956 4.38 -36.02 -31.21
CA VAL C 956 5.77 -35.77 -30.85
C VAL C 956 6.42 -37.01 -30.25
N ALA C 957 5.63 -37.97 -29.79
CA ALA C 957 6.19 -39.20 -29.23
C ALA C 957 6.54 -40.24 -30.29
N SER C 958 6.20 -39.99 -31.57
CA SER C 958 6.42 -40.96 -32.63
C SER C 958 7.71 -40.70 -33.39
N ASP C 959 8.37 -41.78 -33.82
CA ASP C 959 9.41 -41.64 -34.84
C ASP C 959 8.76 -41.29 -36.17
N TRP C 960 9.41 -40.41 -36.91
CA TRP C 960 8.88 -40.01 -38.21
C TRP C 960 10.01 -39.41 -39.05
N SER C 961 9.73 -39.26 -40.33
CA SER C 961 10.66 -38.63 -41.25
C SER C 961 9.87 -37.87 -42.30
N ILE C 962 10.38 -36.72 -42.71
CA ILE C 962 9.80 -35.91 -43.77
C ILE C 962 10.83 -35.85 -44.89
N HIS C 963 10.42 -36.17 -46.11
CA HIS C 963 11.33 -36.20 -47.25
C HIS C 963 10.91 -35.17 -48.27
N LEU C 964 11.86 -34.35 -48.68
CA LEU C 964 11.65 -33.35 -49.74
C LEU C 964 12.10 -33.95 -51.07
N ARG C 965 11.16 -34.12 -51.99
CA ARG C 965 11.44 -34.74 -53.27
C ARG C 965 11.69 -33.71 -54.37
N GLU D 50 -21.73 -33.30 -55.74
CA GLU D 50 -20.48 -33.23 -54.98
C GLU D 50 -20.22 -31.81 -54.50
N SER D 51 -19.60 -31.70 -53.32
CA SER D 51 -19.54 -30.44 -52.57
C SER D 51 -18.39 -29.54 -53.05
N LYS D 52 -18.35 -28.31 -52.50
CA LYS D 52 -17.58 -27.15 -52.95
C LYS D 52 -16.51 -26.74 -51.93
N PRO D 53 -15.54 -25.91 -52.34
CA PRO D 53 -14.48 -25.49 -51.41
C PRO D 53 -14.77 -24.19 -50.69
N PHE D 54 -13.98 -23.95 -49.64
CA PHE D 54 -14.07 -22.77 -48.78
C PHE D 54 -13.06 -21.71 -49.19
N THR D 55 -13.47 -20.44 -49.11
CA THR D 55 -12.60 -19.30 -49.40
C THR D 55 -12.51 -18.39 -48.18
N CYS D 56 -11.29 -18.01 -47.81
CA CYS D 56 -11.08 -17.07 -46.71
C CYS D 56 -11.81 -15.76 -46.95
N LEU D 57 -12.33 -15.18 -45.88
CA LEU D 57 -13.08 -13.92 -46.00
C LEU D 57 -12.21 -12.78 -46.51
N ASP D 58 -10.90 -12.86 -46.31
CA ASP D 58 -9.98 -11.85 -46.83
C ASP D 58 -9.44 -12.20 -48.21
N GLY D 59 -9.93 -13.28 -48.83
CA GLY D 59 -9.45 -13.64 -50.14
C GLY D 59 -8.03 -14.17 -50.16
N THR D 60 -7.41 -14.36 -49.00
CA THR D 60 -6.01 -14.77 -48.95
C THR D 60 -5.80 -16.09 -49.70
N ALA D 61 -6.77 -16.99 -49.64
CA ALA D 61 -6.62 -18.30 -50.27
C ALA D 61 -8.00 -18.88 -50.52
N THR D 62 -8.02 -20.03 -51.19
CA THR D 62 -9.17 -20.90 -51.27
C THR D 62 -8.68 -22.29 -50.84
N ILE D 63 -9.43 -22.92 -49.94
CA ILE D 63 -8.96 -24.20 -49.39
C ILE D 63 -10.11 -25.20 -49.43
N PRO D 64 -9.78 -26.49 -49.45
CA PRO D 64 -10.83 -27.51 -49.32
C PRO D 64 -11.53 -27.39 -47.98
N PHE D 65 -12.81 -27.78 -47.96
CA PHE D 65 -13.56 -27.63 -46.72
C PHE D 65 -13.04 -28.54 -45.61
N ASP D 66 -12.23 -29.55 -45.90
CA ASP D 66 -11.71 -30.35 -44.80
C ASP D 66 -10.54 -29.67 -44.08
N GLN D 67 -10.14 -28.47 -44.52
CA GLN D 67 -9.20 -27.63 -43.81
C GLN D 67 -9.89 -26.49 -43.06
N VAL D 68 -11.22 -26.58 -42.88
CA VAL D 68 -11.96 -25.71 -41.98
C VAL D 68 -12.11 -26.43 -40.65
N ASN D 69 -11.70 -25.75 -39.56
CA ASN D 69 -11.67 -26.34 -38.21
C ASN D 69 -10.83 -27.61 -38.17
N ASP D 70 -9.74 -27.65 -38.93
CA ASP D 70 -8.83 -28.78 -38.87
C ASP D 70 -7.64 -28.53 -37.97
N ASP D 71 -7.69 -27.48 -37.13
CA ASP D 71 -6.67 -27.21 -36.11
C ASP D 71 -5.32 -26.84 -36.72
N TYR D 72 -5.34 -26.22 -37.90
CA TYR D 72 -4.16 -25.62 -38.50
C TYR D 72 -4.63 -24.36 -39.18
N CYS D 73 -3.89 -23.26 -38.99
CA CYS D 73 -4.32 -21.96 -39.50
C CYS D 73 -3.95 -21.82 -40.96
N ASP D 74 -4.95 -21.75 -41.84
CA ASP D 74 -4.71 -21.58 -43.27
C ASP D 74 -5.09 -20.21 -43.80
N CYS D 75 -5.85 -19.41 -43.06
CA CYS D 75 -6.31 -18.09 -43.54
C CYS D 75 -5.64 -16.98 -42.76
N LYS D 76 -5.20 -15.94 -43.48
CA LYS D 76 -4.53 -14.82 -42.84
C LYS D 76 -5.44 -14.12 -41.83
N ASP D 77 -6.74 -14.09 -42.08
CA ASP D 77 -7.69 -13.51 -41.15
C ASP D 77 -8.19 -14.52 -40.12
N GLY D 78 -7.72 -15.76 -40.19
CA GLY D 78 -8.15 -16.77 -39.23
C GLY D 78 -9.53 -17.33 -39.46
N SER D 79 -10.15 -17.00 -40.60
CA SER D 79 -11.55 -17.36 -40.82
C SER D 79 -11.77 -18.86 -41.00
N ASP D 80 -10.73 -19.63 -41.31
CA ASP D 80 -10.94 -21.07 -41.50
C ASP D 80 -11.01 -21.85 -40.19
N GLU D 81 -10.72 -21.23 -39.05
CA GLU D 81 -10.70 -21.93 -37.76
C GLU D 81 -11.56 -21.22 -36.71
N PRO D 82 -12.85 -21.01 -36.97
CA PRO D 82 -13.71 -20.38 -35.95
C PRO D 82 -13.89 -21.20 -34.69
N GLY D 83 -13.72 -22.52 -34.75
CA GLY D 83 -13.95 -23.39 -33.62
C GLY D 83 -12.74 -23.91 -32.88
N THR D 84 -11.54 -23.44 -33.22
CA THR D 84 -10.30 -23.99 -32.66
C THR D 84 -9.39 -22.85 -32.20
N ALA D 85 -8.25 -23.25 -31.64
CA ALA D 85 -7.20 -22.33 -31.21
C ALA D 85 -6.07 -22.18 -32.23
N ALA D 86 -6.30 -22.61 -33.48
CA ALA D 86 -5.20 -22.70 -34.43
C ALA D 86 -4.71 -21.35 -34.91
N CYS D 87 -5.58 -20.34 -34.98
CA CYS D 87 -5.16 -19.11 -35.63
C CYS D 87 -4.86 -18.01 -34.60
N PRO D 88 -3.79 -17.23 -34.80
CA PRO D 88 -3.44 -16.21 -33.80
C PRO D 88 -4.41 -15.04 -33.75
N ASN D 89 -5.10 -14.73 -34.84
CA ASN D 89 -6.00 -13.59 -34.91
C ASN D 89 -7.46 -14.02 -35.02
N GLY D 90 -7.77 -15.25 -34.61
CA GLY D 90 -9.12 -15.75 -34.75
C GLY D 90 -10.02 -15.36 -33.59
N SER D 91 -11.30 -15.65 -33.79
CA SER D 91 -12.33 -15.36 -32.81
C SER D 91 -13.18 -16.60 -32.61
N PHE D 92 -13.63 -16.81 -31.38
CA PHE D 92 -14.53 -17.91 -31.06
C PHE D 92 -15.81 -17.30 -30.52
N HIS D 93 -16.94 -17.67 -31.09
CA HIS D 93 -18.22 -17.07 -30.73
C HIS D 93 -18.90 -17.94 -29.69
N CYS D 94 -19.27 -17.35 -28.57
CA CYS D 94 -19.99 -18.07 -27.53
C CYS D 94 -21.45 -17.69 -27.63
N THR D 95 -22.28 -18.67 -27.97
CA THR D 95 -23.69 -18.39 -28.17
C THR D 95 -24.36 -17.87 -26.89
N ASN D 96 -23.98 -18.43 -25.73
CA ASN D 96 -24.49 -17.95 -24.44
C ASN D 96 -26.01 -17.89 -24.50
N THR D 97 -26.61 -19.05 -24.80
CA THR D 97 -28.02 -19.13 -25.16
C THR D 97 -28.89 -18.49 -24.09
N GLY D 98 -29.77 -17.59 -24.54
CA GLY D 98 -30.65 -16.86 -23.66
C GLY D 98 -30.09 -15.58 -23.09
N TYR D 99 -28.84 -15.24 -23.39
CA TYR D 99 -28.19 -14.08 -22.80
C TYR D 99 -27.30 -13.42 -23.85
N LYS D 100 -26.36 -12.62 -23.38
CA LYS D 100 -25.49 -11.88 -24.28
C LYS D 100 -24.42 -12.80 -24.85
N PRO D 101 -24.34 -12.94 -26.17
CA PRO D 101 -23.22 -13.67 -26.78
C PRO D 101 -21.95 -12.83 -26.78
N LEU D 102 -20.82 -13.53 -26.75
CA LEU D 102 -19.51 -12.91 -26.64
C LEU D 102 -18.55 -13.55 -27.63
N TYR D 103 -17.62 -12.72 -28.14
CA TYR D 103 -16.49 -13.21 -28.90
C TYR D 103 -15.25 -13.23 -28.01
N ILE D 104 -14.48 -14.31 -28.10
CA ILE D 104 -13.23 -14.42 -27.35
C ILE D 104 -12.11 -14.74 -28.33
N LEU D 105 -10.87 -14.51 -27.89
CA LEU D 105 -9.71 -14.85 -28.69
C LEU D 105 -9.63 -16.36 -28.94
N SER D 106 -9.25 -16.74 -30.16
CA SER D 106 -9.03 -18.15 -30.48
C SER D 106 -8.03 -18.80 -29.54
N SER D 107 -7.02 -18.04 -29.10
CA SER D 107 -6.02 -18.57 -28.18
C SER D 107 -6.63 -18.98 -26.83
N ARG D 108 -7.87 -18.61 -26.55
CA ARG D 108 -8.51 -19.01 -25.31
C ARG D 108 -9.50 -20.14 -25.50
N VAL D 109 -9.51 -20.74 -26.69
CA VAL D 109 -10.27 -21.96 -26.94
C VAL D 109 -9.46 -23.13 -26.43
N ASN D 110 -10.04 -23.90 -25.52
CA ASN D 110 -9.39 -25.06 -24.92
C ASN D 110 -8.05 -24.71 -24.28
N ASP D 111 -7.98 -23.57 -23.60
CA ASP D 111 -6.81 -23.23 -22.81
C ASP D 111 -6.92 -23.69 -21.36
N GLY D 112 -7.98 -24.44 -21.03
CA GLY D 112 -8.21 -24.86 -19.67
C GLY D 112 -8.82 -23.81 -18.77
N VAL D 113 -9.19 -22.65 -19.31
CA VAL D 113 -9.77 -21.55 -18.56
C VAL D 113 -11.18 -21.33 -19.08
N CYS D 114 -12.14 -21.18 -18.16
CA CYS D 114 -13.54 -20.93 -18.52
C CYS D 114 -13.70 -19.48 -18.90
N ASP D 115 -13.80 -19.20 -20.20
CA ASP D 115 -13.97 -17.84 -20.67
C ASP D 115 -15.42 -17.49 -20.96
N CYS D 116 -16.20 -18.42 -21.48
CA CYS D 116 -17.60 -18.19 -21.78
C CYS D 116 -18.49 -18.71 -20.67
N CYS D 117 -19.52 -17.92 -20.30
CA CYS D 117 -20.42 -18.37 -19.26
C CYS D 117 -21.08 -19.70 -19.62
N ASP D 118 -21.30 -19.97 -20.91
CA ASP D 118 -21.86 -21.27 -21.26
C ASP D 118 -20.81 -22.38 -21.34
N GLY D 119 -19.53 -22.06 -21.13
CA GLY D 119 -18.50 -23.07 -21.05
C GLY D 119 -18.11 -23.73 -22.35
N THR D 120 -18.66 -23.30 -23.49
CA THR D 120 -18.44 -24.00 -24.75
C THR D 120 -17.02 -23.80 -25.30
N ASP D 121 -16.28 -22.82 -24.81
CA ASP D 121 -14.90 -22.64 -25.24
C ASP D 121 -13.98 -23.72 -24.73
N GLU D 122 -14.44 -24.54 -23.79
CA GLU D 122 -13.68 -25.67 -23.24
C GLU D 122 -14.44 -26.95 -23.57
N TYR D 123 -14.08 -27.57 -24.70
CA TYR D 123 -14.70 -28.83 -25.10
C TYR D 123 -13.72 -29.99 -25.22
N ASN D 124 -12.41 -29.75 -25.16
CA ASN D 124 -11.43 -30.85 -25.25
C ASN D 124 -10.17 -30.49 -24.47
N SER D 125 -10.32 -29.95 -23.28
CA SER D 125 -9.18 -29.46 -22.52
C SER D 125 -8.98 -30.14 -21.18
N GLY D 126 -9.91 -31.00 -20.75
CA GLY D 126 -9.88 -31.56 -19.43
C GLY D 126 -10.49 -30.68 -18.36
N THR D 127 -10.78 -29.42 -18.68
CA THR D 127 -11.48 -28.52 -17.78
C THR D 127 -12.96 -28.54 -18.14
N VAL D 128 -13.80 -28.90 -17.20
CA VAL D 128 -15.25 -28.89 -17.39
C VAL D 128 -15.77 -27.58 -16.82
N CYS D 129 -16.35 -26.76 -17.67
CA CYS D 129 -16.90 -25.47 -17.28
C CYS D 129 -18.40 -25.62 -17.14
N GLU D 130 -18.92 -25.29 -15.96
CA GLU D 130 -20.36 -25.25 -15.76
C GLU D 130 -20.94 -23.98 -16.37
N ASN D 131 -22.21 -24.04 -16.74
CA ASN D 131 -22.88 -22.87 -17.27
C ASN D 131 -23.20 -21.91 -16.13
N THR D 132 -22.78 -20.65 -16.28
CA THR D 132 -22.98 -19.64 -15.27
C THR D 132 -23.60 -18.39 -15.87
N CYS D 133 -24.33 -18.55 -16.97
CA CYS D 133 -24.83 -17.37 -17.68
C CYS D 133 -25.90 -16.63 -16.88
N ARG D 134 -26.56 -17.31 -15.93
CA ARG D 134 -27.52 -16.66 -15.04
C ARG D 134 -26.94 -15.42 -14.36
N1 VND E . -14.75 1.74 6.38
C4 VND E . -13.40 4.27 6.45
C5 VND E . -11.94 3.87 6.62
C6 VND E . -11.80 2.35 6.71
C7 VND E . -10.35 2.01 7.06
C8 VND E . -15.42 0.47 6.55
C10 VND E . -14.38 -0.67 4.41
C1 VND E . -12.73 1.71 7.76
C11 VND E . -14.79 -1.58 3.24
C2 VND E . -14.17 2.21 7.66
C3 VND E . -14.19 3.75 7.65
C9 VND E . -15.61 -0.27 5.21
O1 VND E . -12.15 1.82 5.47
O2 VND E . -10.12 2.38 8.40
O3 VND E . -11.25 4.30 5.49
O4 VND E . -13.46 5.68 6.40
O5 VND E . -15.51 4.22 7.66
S SO4 F . 0.28 -0.48 0.82
O1 SO4 F . -0.63 0.67 0.94
O2 SO4 F . -0.47 -1.73 0.91
O3 SO4 F . 0.98 -0.42 -0.47
O4 SO4 F . 1.25 -0.49 1.92
S SO4 G . -7.55 39.54 29.22
O1 SO4 G . -7.79 40.22 30.51
O2 SO4 G . -8.72 39.73 28.37
O3 SO4 G . -6.33 40.03 28.56
O4 SO4 G . -7.34 38.13 29.47
C1 EDO H . -19.05 9.11 -11.06
O1 EDO H . -18.95 10.51 -11.30
C2 EDO H . -20.50 8.82 -10.72
O2 EDO H . -21.32 9.36 -11.76
C1 EDO I . -29.17 19.25 -16.05
O1 EDO I . -29.58 18.31 -15.04
C2 EDO I . -28.84 18.51 -17.34
O2 EDO I . -28.99 19.39 -18.45
C1 EDO J . -16.51 -2.53 7.63
O1 EDO J . -16.83 -1.29 8.28
C2 EDO J . -17.73 -3.43 7.52
O2 EDO J . -18.82 -2.74 6.89
C1 PEG K . 1.50 48.85 6.90
O1 PEG K . 2.08 50.02 6.39
C2 PEG K . 0.18 49.19 7.59
O2 PEG K . -0.22 48.15 8.46
C3 PEG K . -0.93 48.61 9.58
C4 PEG K . -0.60 47.74 10.80
O4 PEG K . -1.15 48.32 11.94
CA CA L . 0.60 49.07 -2.04
CA CA M . 7.83 31.66 3.65
C1 EDO N . 6.92 26.95 11.74
O1 EDO N . 6.40 27.05 13.07
C2 EDO N . 8.03 25.91 11.74
O2 EDO N . 9.06 26.34 10.84
N1 VND O . 15.46 -4.29 -1.34
C4 VND O . 13.90 -5.91 -3.21
C5 VND O . 12.61 -6.04 -2.40
C6 VND O . 12.73 -5.29 -1.06
C7 VND O . 11.46 -5.48 -0.23
C8 VND O . 16.28 -3.80 -0.26
C10 VND O . 16.15 -1.26 -0.90
C1 VND O . 13.95 -5.72 -0.25
C11 VND O . 15.53 0.04 -0.39
C2 VND O . 15.26 -5.70 -1.08
C3 VND O . 15.06 -6.51 -2.39
C9 VND O . 15.91 -2.36 0.12
O1 VND O . 12.84 -3.91 -1.33
O2 VND O . 11.38 -6.84 0.11
O3 VND O . 11.59 -5.42 -3.13
O4 VND O . 13.75 -6.64 -4.41
O5 VND O . 16.24 -6.58 -3.13
S SO4 P . 17.38 -12.64 25.92
O1 SO4 P . 16.18 -12.62 26.75
O2 SO4 P . 17.14 -13.45 24.72
O3 SO4 P . 17.75 -11.28 25.50
O4 SO4 P . 18.48 -13.21 26.70
S SO4 Q . 1.80 -9.88 -30.93
O1 SO4 Q . 0.75 -9.03 -31.52
O2 SO4 Q . 1.54 -10.07 -29.51
O3 SO4 Q . 3.12 -9.26 -31.10
O4 SO4 Q . 1.76 -11.18 -31.60
S SO4 R . 34.76 -5.27 12.05
O1 SO4 R . 33.55 -5.41 12.85
O2 SO4 R . 34.41 -4.44 10.90
O3 SO4 R . 35.84 -4.62 12.80
O4 SO4 R . 35.25 -6.59 11.60
C1 EDO S . 17.32 3.07 3.92
O1 EDO S . 18.42 3.93 3.61
C2 EDO S . 17.82 1.63 3.99
O2 EDO S . 16.71 0.76 4.24
C1 EDO T . -2.55 -13.30 -23.97
O1 EDO T . -3.84 -13.83 -23.66
C2 EDO T . -1.88 -14.17 -25.01
O2 EDO T . -2.85 -14.52 -26.00
C1 EDO U . -4.95 -15.91 7.46
O1 EDO U . -5.78 -15.26 6.48
C2 EDO U . -4.37 -17.19 6.84
O2 EDO U . -5.44 -18.10 6.55
C1 EDO V . 35.80 -14.99 -48.16
O1 EDO V . 35.58 -15.51 -46.85
C2 EDO V . 34.52 -15.09 -48.95
O2 EDO V . 34.66 -14.33 -50.17
C1 EDO W . 19.19 -1.72 2.43
O1 EDO W . 20.25 -1.92 1.48
C2 EDO W . 18.24 -2.91 2.42
O2 EDO W . 18.53 -3.77 1.30
C1 EDO X . 8.10 -26.99 12.23
O1 EDO X . 8.02 -25.77 11.49
C2 EDO X . 6.75 -27.18 12.90
O2 EDO X . 6.17 -25.88 13.06
C1 EDO Y . 6.64 3.73 -17.03
O1 EDO Y . 7.62 4.15 -17.99
C2 EDO Y . 5.40 4.59 -17.17
O2 EDO Y . 4.23 3.83 -16.82
CA CA Z . -7.38 -24.86 -41.33
CA CA AA . -11.02 -20.90 -22.45
#